data_4R7P
#
_entry.id   4R7P
#
_cell.length_a   138.970
_cell.length_b   138.970
_cell.length_c   311.620
_cell.angle_alpha   90.00
_cell.angle_beta   90.00
_cell.angle_gamma   120.00
#
_symmetry.space_group_name_H-M   'P 31 2 1'
#
loop_
_entity.id
_entity.type
_entity.pdbx_description
1 polymer 'UTP--glucose-1-phosphate uridylyltransferase'
2 non-polymer "URIDINE-5'-DIPHOSPHATE-GLUCOSE"
3 non-polymer 'SULFATE ION'
4 non-polymer 'ACETATE ION'
5 non-polymer 1,2-ETHANEDIOL
6 non-polymer 'ZINC ION'
7 water water
#
_entity_poly.entity_id   1
_entity_poly.type   'polypeptide(L)'
_entity_poly.pdbx_seq_one_letter_code
;MASWSHPQFEKGALVPRGSSRFVQDLSKAMSQDGASQFQEVIRQELELSVKKELEKILTTASSHEFEHTKKDLDGFRKLF
HRFLQEKGPSVDWGKIQRPPEDSIQPYEKIKARGLPDNISSVLNKLVVVKLNGGLGTSMGCKGPKSLIGVRNENTFLDLT
VQQIEHLNKTYNTDVPLVLMNSFNTDEDTKKILQKYNHCRVKIYTFNQSRYPRINKESLLPVAKDVSYSGENTEAWYPPG
HGDIYASFYNSGLLDTFIGEGKEYIFVSNIDNLGATVDLYILNHLMNPPNGKRCEFVMEVTNKTRADVKGGTLTQYEGKL
RLVEIAQVPKAHVDEFKSVSKFKIFNTNNLWISLAAVKRLQEQNAIDMEIIVNAKTLDGGLNVIQLETAVGAAIKSFENS
LGINVPRSRFLPVKTTSDLLLVMSNLYSLNAGSLTMSEKREFPTVPLVKLGSSFTKVQDYLRRFESIPDMLELDHLTVSG
DVTFGKNVSLKGTVIIIANHGDRIDIPPGAVLENKIVSGNLRILDH
;
_entity_poly.pdbx_strand_id   A,B,C,D
#
loop_
_chem_comp.id
_chem_comp.type
_chem_comp.name
_chem_comp.formula
ACT non-polymer 'ACETATE ION' 'C2 H3 O2 -1'
EDO non-polymer 1,2-ETHANEDIOL 'C2 H6 O2'
SO4 non-polymer 'SULFATE ION' 'O4 S -2'
UPG non-polymer URIDINE-5'-DIPHOSPHATE-GLUCOSE 'C15 H24 N2 O17 P2'
ZN non-polymer 'ZINC ION' 'Zn 2'
#
# COMPACT_ATOMS: atom_id res chain seq x y z
N ILE A 42 -31.91 -44.46 -0.79
CA ILE A 42 -31.15 -43.26 -1.14
C ILE A 42 -29.75 -43.30 -0.54
N ARG A 43 -29.67 -43.31 0.79
CA ARG A 43 -28.41 -43.24 1.53
C ARG A 43 -27.32 -44.17 0.97
N GLN A 44 -27.70 -45.42 0.68
CA GLN A 44 -26.77 -46.37 0.09
C GLN A 44 -26.24 -45.84 -1.24
N GLU A 45 -27.13 -45.35 -2.07
CA GLU A 45 -26.76 -44.79 -3.37
C GLU A 45 -25.77 -43.64 -3.18
N LEU A 46 -25.98 -42.84 -2.14
CA LEU A 46 -25.06 -41.76 -1.81
C LEU A 46 -23.68 -42.33 -1.51
N GLU A 47 -23.63 -43.24 -0.55
CA GLU A 47 -22.38 -43.89 -0.16
C GLU A 47 -21.64 -44.46 -1.38
N LEU A 48 -22.30 -45.37 -2.11
CA LEU A 48 -21.67 -46.02 -3.26
C LEU A 48 -21.31 -45.01 -4.35
N SER A 49 -22.10 -43.96 -4.50
CA SER A 49 -21.78 -42.91 -5.46
C SER A 49 -20.51 -42.17 -5.04
N VAL A 50 -20.37 -41.89 -3.74
CA VAL A 50 -19.17 -41.23 -3.26
C VAL A 50 -17.95 -42.12 -3.46
N LYS A 51 -18.09 -43.38 -3.03
CA LYS A 51 -16.94 -44.27 -2.98
C LYS A 51 -16.29 -44.59 -4.35
N LYS A 52 -17.08 -44.80 -5.38
CA LYS A 52 -16.48 -45.11 -6.69
C LYS A 52 -15.83 -43.86 -7.33
N GLU A 53 -16.38 -42.69 -6.99
CA GLU A 53 -15.71 -41.43 -7.30
C GLU A 53 -14.40 -41.42 -6.54
N LEU A 54 -14.45 -41.84 -5.27
CA LEU A 54 -13.25 -41.99 -4.48
C LEU A 54 -12.28 -42.95 -5.15
N GLU A 55 -12.82 -43.97 -5.78
CA GLU A 55 -11.97 -44.90 -6.51
C GLU A 55 -11.29 -44.29 -7.69
N LYS A 56 -12.02 -43.38 -8.31
CA LYS A 56 -11.45 -42.58 -9.36
C LYS A 56 -10.31 -41.73 -8.84
N ILE A 57 -10.53 -41.04 -7.73
CA ILE A 57 -9.44 -40.26 -7.12
C ILE A 57 -8.24 -41.13 -6.89
N LEU A 58 -8.49 -42.32 -6.32
CA LEU A 58 -7.42 -43.26 -6.00
C LEU A 58 -6.51 -43.53 -7.20
N THR A 59 -7.12 -43.59 -8.38
CA THR A 59 -6.41 -44.03 -9.58
C THR A 59 -5.19 -43.14 -9.80
N THR A 60 -5.35 -41.85 -9.50
CA THR A 60 -4.20 -40.98 -9.33
C THR A 60 -3.44 -41.35 -8.09
N ALA A 61 -2.24 -41.83 -8.29
CA ALA A 61 -1.31 -41.99 -7.21
C ALA A 61 0.01 -42.30 -7.82
N SER A 62 1.04 -41.67 -7.28
CA SER A 62 2.37 -42.18 -7.51
C SER A 62 2.31 -43.48 -6.75
N SER A 63 3.08 -44.48 -7.17
CA SER A 63 3.11 -45.74 -6.45
C SER A 63 3.81 -45.58 -5.10
N HIS A 64 4.55 -44.48 -4.96
CA HIS A 64 5.42 -44.24 -3.80
C HIS A 64 4.66 -44.44 -2.49
N GLU A 65 3.47 -43.86 -2.44
CA GLU A 65 2.60 -43.83 -1.27
C GLU A 65 1.19 -43.92 -1.86
N PHE A 66 0.90 -45.06 -2.49
CA PHE A 66 -0.41 -45.45 -2.99
C PHE A 66 -1.13 -46.29 -1.95
N GLU A 67 -0.48 -47.38 -1.55
CA GLU A 67 -1.14 -48.38 -0.73
C GLU A 67 -1.48 -47.76 0.61
N HIS A 68 -0.65 -46.81 1.03
CA HIS A 68 -0.89 -46.11 2.29
C HIS A 68 -2.02 -45.09 2.07
N THR A 69 -2.21 -44.61 0.83
CA THR A 69 -3.36 -43.75 0.48
C THR A 69 -4.68 -44.51 0.50
N LYS A 70 -4.63 -45.74 0.00
CA LYS A 70 -5.81 -46.57 -0.13
C LYS A 70 -6.46 -46.73 1.23
N LYS A 71 -5.65 -47.09 2.22
CA LYS A 71 -6.14 -47.31 3.58
C LYS A 71 -6.92 -46.11 4.07
N ASP A 72 -6.30 -44.94 3.90
CA ASP A 72 -6.89 -43.71 4.37
C ASP A 72 -8.24 -43.55 3.73
N LEU A 73 -8.31 -43.73 2.42
CA LEU A 73 -9.60 -43.72 1.78
C LEU A 73 -10.52 -44.73 2.47
N ASP A 74 -10.09 -45.99 2.64
CA ASP A 74 -10.87 -47.02 3.35
C ASP A 74 -11.38 -46.47 4.71
N GLY A 75 -10.50 -45.75 5.42
CA GLY A 75 -10.80 -45.27 6.76
C GLY A 75 -11.90 -44.25 6.70
N PHE A 76 -11.70 -43.31 5.79
CA PHE A 76 -12.65 -42.26 5.53
C PHE A 76 -13.98 -42.88 5.27
N ARG A 77 -14.00 -43.78 4.29
CA ARG A 77 -15.25 -44.36 3.82
C ARG A 77 -15.98 -44.95 4.99
N LYS A 78 -15.30 -45.73 5.81
CA LYS A 78 -15.96 -46.26 7.01
C LYS A 78 -16.54 -45.13 7.87
N LEU A 79 -15.74 -44.11 8.14
CA LEU A 79 -16.28 -42.94 8.83
C LEU A 79 -17.56 -42.43 8.17
N PHE A 80 -17.56 -42.36 6.84
CA PHE A 80 -18.70 -41.87 6.08
C PHE A 80 -19.89 -42.83 6.17
N HIS A 81 -19.61 -44.13 6.17
CA HIS A 81 -20.65 -45.15 6.32
C HIS A 81 -21.34 -44.96 7.65
N ARG A 82 -20.52 -44.69 8.67
CA ARG A 82 -21.04 -44.43 10.01
C ARG A 82 -21.75 -43.07 10.06
N PHE A 83 -21.19 -42.11 9.34
CA PHE A 83 -21.72 -40.75 9.32
C PHE A 83 -23.23 -40.74 9.05
N LEU A 84 -23.67 -41.52 8.07
CA LEU A 84 -25.08 -41.51 7.65
C LEU A 84 -25.87 -42.63 8.30
N GLN A 85 -25.17 -43.48 9.05
CA GLN A 85 -25.86 -44.49 9.83
C GLN A 85 -26.78 -43.78 10.81
N GLU A 86 -26.25 -42.77 11.49
CA GLU A 86 -27.07 -41.89 12.32
C GLU A 86 -26.72 -40.44 12.15
N LYS A 87 -27.79 -39.64 12.22
CA LYS A 87 -27.76 -38.22 11.96
C LYS A 87 -28.34 -37.46 13.13
N GLY A 88 -27.92 -36.21 13.26
CA GLY A 88 -28.25 -35.43 14.43
C GLY A 88 -27.73 -36.15 15.65
N PRO A 89 -26.40 -36.43 15.70
CA PRO A 89 -25.91 -37.28 16.79
C PRO A 89 -26.26 -36.68 18.15
N SER A 90 -26.87 -37.51 18.98
CA SER A 90 -27.47 -37.06 20.22
C SER A 90 -27.48 -38.20 21.22
N VAL A 91 -27.60 -37.86 22.49
CA VAL A 91 -27.62 -38.84 23.56
C VAL A 91 -28.89 -38.74 24.39
N ASP A 92 -29.41 -39.89 24.80
CA ASP A 92 -30.58 -39.93 25.68
C ASP A 92 -30.19 -39.46 27.08
N TRP A 93 -30.61 -38.24 27.41
CA TRP A 93 -30.24 -37.60 28.67
C TRP A 93 -30.76 -38.36 29.87
N GLY A 94 -31.80 -39.16 29.66
CA GLY A 94 -32.38 -39.95 30.73
C GLY A 94 -31.42 -41.02 31.20
N LYS A 95 -30.63 -41.56 30.28
CA LYS A 95 -29.78 -42.71 30.58
C LYS A 95 -28.42 -42.28 31.14
N ILE A 96 -28.21 -40.96 31.23
CA ILE A 96 -26.95 -40.42 31.74
C ILE A 96 -26.93 -40.40 33.28
N GLN A 97 -25.74 -40.56 33.84
CA GLN A 97 -25.53 -40.54 35.29
C GLN A 97 -24.17 -39.97 35.65
N ARG A 98 -24.05 -39.49 36.88
CA ARG A 98 -22.77 -39.02 37.38
C ARG A 98 -21.91 -40.25 37.64
N PRO A 99 -20.60 -40.15 37.36
CA PRO A 99 -19.75 -41.32 37.57
C PRO A 99 -19.69 -41.71 39.04
N PRO A 100 -19.61 -43.01 39.34
CA PRO A 100 -19.41 -43.47 40.72
C PRO A 100 -18.15 -42.85 41.32
N GLU A 101 -18.09 -42.78 42.65
CA GLU A 101 -16.98 -42.10 43.32
C GLU A 101 -15.68 -42.90 43.25
N ASP A 102 -15.79 -44.18 42.91
CA ASP A 102 -14.61 -45.03 42.75
C ASP A 102 -14.09 -45.02 41.32
N SER A 103 -14.88 -44.46 40.40
CA SER A 103 -14.52 -44.43 38.98
C SER A 103 -13.66 -43.22 38.61
N ILE A 104 -13.59 -42.23 39.48
CA ILE A 104 -12.68 -41.11 39.27
C ILE A 104 -11.94 -40.82 40.57
N GLN A 105 -10.76 -41.39 40.71
CA GLN A 105 -10.03 -41.32 41.96
C GLN A 105 -9.16 -40.07 42.04
N PRO A 106 -9.05 -39.45 43.22
CA PRO A 106 -8.18 -38.28 43.36
C PRO A 106 -6.70 -38.65 43.29
N TYR A 107 -5.92 -37.84 42.60
CA TYR A 107 -4.51 -38.14 42.34
C TYR A 107 -3.73 -38.27 43.66
N GLU A 108 -4.18 -37.62 44.71
CA GLU A 108 -3.44 -37.66 45.97
C GLU A 108 -3.53 -39.01 46.67
N LYS A 109 -4.61 -39.76 46.45
CA LYS A 109 -4.70 -41.13 46.91
C LYS A 109 -3.64 -41.97 46.19
N ILE A 110 -3.58 -41.78 44.87
CA ILE A 110 -2.66 -42.51 44.03
C ILE A 110 -1.25 -42.23 44.51
N LYS A 111 -0.96 -40.95 44.67
CA LYS A 111 0.34 -40.56 45.19
C LYS A 111 0.53 -41.05 46.63
N ALA A 112 -0.58 -41.14 47.37
CA ALA A 112 -0.55 -41.67 48.73
C ALA A 112 0.05 -43.05 48.71
N ARG A 113 -0.47 -43.89 47.82
CA ARG A 113 0.05 -45.25 47.69
C ARG A 113 1.57 -45.32 47.58
N GLY A 114 2.17 -44.31 46.95
CA GLY A 114 3.61 -44.22 46.86
C GLY A 114 4.12 -44.68 45.51
N LEU A 115 5.34 -44.31 45.17
CA LEU A 115 5.89 -44.65 43.87
C LEU A 115 6.33 -46.12 43.86
N PRO A 116 6.57 -46.69 42.67
CA PRO A 116 6.78 -48.14 42.58
C PRO A 116 8.14 -48.60 43.12
N ASP A 117 8.21 -49.87 43.50
CA ASP A 117 9.38 -50.39 44.19
C ASP A 117 10.62 -50.41 43.33
N ASN A 118 10.42 -50.57 42.03
CA ASN A 118 11.49 -50.48 41.05
C ASN A 118 11.04 -49.65 39.86
N ILE A 119 11.54 -48.41 39.77
CA ILE A 119 11.08 -47.48 38.74
C ILE A 119 11.44 -48.02 37.36
N SER A 120 12.58 -48.69 37.30
CA SER A 120 13.11 -49.16 36.03
C SER A 120 12.11 -50.07 35.33
N SER A 121 11.66 -51.07 36.07
CA SER A 121 10.83 -52.12 35.49
C SER A 121 9.47 -51.61 35.02
N VAL A 122 9.02 -50.49 35.56
CA VAL A 122 7.77 -49.90 35.08
C VAL A 122 8.05 -48.93 33.93
N LEU A 123 9.12 -48.16 34.01
CA LEU A 123 9.44 -47.24 32.93
C LEU A 123 9.73 -48.03 31.64
N ASN A 124 10.32 -49.21 31.77
CA ASN A 124 10.61 -50.04 30.61
C ASN A 124 9.36 -50.69 30.00
N LYS A 125 8.22 -50.59 30.69
CA LYS A 125 6.97 -51.12 30.17
C LYS A 125 6.11 -50.02 29.51
N LEU A 126 6.60 -48.78 29.54
CA LEU A 126 5.87 -47.61 29.06
C LEU A 126 6.44 -47.04 27.76
N VAL A 127 5.56 -46.45 26.94
CA VAL A 127 6.00 -45.67 25.78
C VAL A 127 5.26 -44.32 25.69
N VAL A 128 6.04 -43.25 25.53
CA VAL A 128 5.51 -41.90 25.43
C VAL A 128 5.06 -41.58 24.02
N VAL A 129 3.82 -41.14 23.86
CA VAL A 129 3.32 -40.68 22.56
C VAL A 129 2.91 -39.21 22.66
N LYS A 130 3.33 -38.41 21.68
CA LYS A 130 3.00 -37.00 21.67
C LYS A 130 2.30 -36.69 20.38
N LEU A 131 1.22 -35.92 20.49
CA LEU A 131 0.49 -35.49 19.32
C LEU A 131 1.20 -34.31 18.71
N ASN A 132 1.48 -34.42 17.40
CA ASN A 132 2.19 -33.41 16.65
C ASN A 132 1.47 -33.02 15.35
N GLY A 133 0.15 -33.19 15.33
CA GLY A 133 -0.64 -32.93 14.14
C GLY A 133 -0.74 -31.48 13.68
N GLY A 134 -0.33 -30.55 14.52
CA GLY A 134 -0.65 -29.14 14.30
C GLY A 134 0.51 -28.19 14.24
N LEU A 135 0.20 -26.99 13.77
CA LEU A 135 1.20 -25.98 13.44
C LEU A 135 0.85 -24.65 14.08
N GLY A 136 1.81 -23.74 14.11
CA GLY A 136 1.65 -22.52 14.87
C GLY A 136 0.94 -21.37 14.17
N THR A 137 -0.13 -21.66 13.45
CA THR A 137 -0.87 -20.60 12.76
C THR A 137 -1.65 -19.74 13.76
N SER A 138 -2.04 -20.34 14.87
CA SER A 138 -2.71 -19.58 15.91
C SER A 138 -1.69 -18.62 16.53
N MET A 139 -0.43 -19.00 16.48
CA MET A 139 0.62 -18.18 17.08
C MET A 139 1.34 -17.41 16.01
N GLY A 140 0.76 -17.44 14.81
CA GLY A 140 1.31 -16.74 13.67
C GLY A 140 2.68 -17.25 13.26
N CYS A 141 2.92 -18.56 13.40
CA CYS A 141 4.11 -19.19 12.84
C CYS A 141 3.74 -20.28 11.83
N LYS A 142 4.47 -20.25 10.73
CA LYS A 142 4.25 -21.11 9.58
C LYS A 142 4.45 -22.59 9.88
N GLY A 143 5.50 -22.91 10.63
CA GLY A 143 5.93 -24.30 10.77
C GLY A 143 5.12 -25.10 11.77
N PRO A 144 5.53 -26.36 12.01
CA PRO A 144 4.90 -27.14 13.07
C PRO A 144 5.07 -26.45 14.41
N LYS A 145 4.06 -26.56 15.27
CA LYS A 145 4.09 -25.89 16.56
C LYS A 145 5.28 -26.36 17.36
N SER A 146 5.46 -27.68 17.36
CA SER A 146 6.46 -28.35 18.19
C SER A 146 7.79 -27.60 18.21
N LEU A 147 8.06 -26.89 17.13
CA LEU A 147 9.32 -26.18 16.93
C LEU A 147 9.41 -24.76 17.47
N ILE A 148 8.27 -24.14 17.73
CA ILE A 148 8.28 -22.80 18.32
C ILE A 148 9.02 -22.81 19.65
N GLY A 149 9.88 -21.82 19.84
CA GLY A 149 10.66 -21.73 21.05
C GLY A 149 9.83 -21.30 22.26
N VAL A 150 9.98 -22.06 23.34
CA VAL A 150 9.19 -21.88 24.54
C VAL A 150 9.95 -21.15 25.63
N ARG A 151 11.18 -21.59 25.91
CA ARG A 151 12.00 -20.98 26.95
C ARG A 151 13.49 -21.23 26.77
N ASN A 152 14.28 -20.15 26.73
CA ASN A 152 15.73 -20.23 26.55
C ASN A 152 16.11 -21.11 25.35
N GLU A 153 15.54 -20.78 24.20
CA GLU A 153 15.89 -21.42 22.95
C GLU A 153 15.48 -22.90 22.92
N ASN A 154 14.78 -23.35 23.96
CA ASN A 154 14.22 -24.70 23.94
C ASN A 154 12.83 -24.71 23.35
N THR A 155 12.64 -25.47 22.29
CA THR A 155 11.31 -25.64 21.75
C THR A 155 10.55 -26.73 22.50
N PHE A 156 9.24 -26.82 22.27
CA PHE A 156 8.41 -27.84 22.88
C PHE A 156 9.04 -29.22 22.79
N LEU A 157 9.47 -29.56 21.58
CA LEU A 157 10.09 -30.85 21.31
C LEU A 157 11.36 -31.00 22.14
N ASP A 158 12.19 -29.96 22.18
CA ASP A 158 13.41 -29.99 22.98
C ASP A 158 13.05 -30.35 24.42
N LEU A 159 11.95 -29.79 24.88
CA LEU A 159 11.55 -30.00 26.26
C LEU A 159 11.15 -31.47 26.47
N THR A 160 10.29 -32.00 25.60
CA THR A 160 9.92 -33.41 25.73
C THR A 160 11.15 -34.34 25.68
N VAL A 161 12.01 -34.08 24.70
CA VAL A 161 13.22 -34.88 24.54
C VAL A 161 14.08 -34.78 25.80
N GLN A 162 14.28 -33.55 26.28
CA GLN A 162 15.05 -33.33 27.49
C GLN A 162 14.50 -34.15 28.63
N GLN A 163 13.18 -34.08 28.83
CA GLN A 163 12.49 -34.85 29.86
C GLN A 163 12.86 -36.32 29.76
N ILE A 164 12.43 -36.95 28.68
CA ILE A 164 12.57 -38.40 28.57
C ILE A 164 14.03 -38.82 28.64
N GLU A 165 14.89 -38.05 28.00
CA GLU A 165 16.32 -38.30 28.06
C GLU A 165 16.81 -38.32 29.48
N HIS A 166 16.48 -37.26 30.23
CA HIS A 166 16.95 -37.14 31.60
C HIS A 166 16.40 -38.29 32.43
N LEU A 167 15.16 -38.65 32.13
CA LEU A 167 14.46 -39.76 32.77
C LEU A 167 15.29 -41.02 32.61
N ASN A 168 15.60 -41.34 31.37
CA ASN A 168 16.46 -42.48 31.04
C ASN A 168 17.79 -42.40 31.76
N LYS A 169 18.50 -41.29 31.59
CA LYS A 169 19.81 -41.11 32.19
C LYS A 169 19.81 -41.34 33.70
N THR A 170 18.81 -40.87 34.42
CA THR A 170 18.79 -41.11 35.86
C THR A 170 18.35 -42.52 36.21
N TYR A 171 17.30 -43.02 35.57
CA TYR A 171 16.80 -44.35 35.91
C TYR A 171 17.41 -45.47 35.06
N ASN A 172 18.44 -45.13 34.29
CA ASN A 172 19.17 -46.11 33.48
C ASN A 172 18.24 -47.01 32.68
N THR A 173 17.16 -46.41 32.19
CA THR A 173 16.18 -47.12 31.37
C THR A 173 16.19 -46.57 29.95
N ASP A 174 15.32 -47.12 29.10
CA ASP A 174 15.27 -46.73 27.71
C ASP A 174 13.82 -46.58 27.26
N VAL A 175 13.28 -45.39 27.46
CA VAL A 175 11.92 -45.08 27.08
C VAL A 175 11.95 -44.56 25.64
N PRO A 176 10.95 -44.94 24.83
CA PRO A 176 10.82 -44.38 23.48
C PRO A 176 9.96 -43.11 23.45
N LEU A 177 10.11 -42.32 22.40
CA LEU A 177 9.24 -41.20 22.15
C LEU A 177 8.63 -41.40 20.77
N VAL A 178 7.31 -41.44 20.69
CA VAL A 178 6.62 -41.54 19.40
C VAL A 178 5.88 -40.22 19.11
N LEU A 179 6.15 -39.65 17.94
CA LEU A 179 5.53 -38.39 17.52
C LEU A 179 4.49 -38.68 16.46
N MET A 180 3.23 -38.43 16.77
CA MET A 180 2.17 -38.60 15.78
C MET A 180 2.08 -37.35 14.95
N ASN A 181 2.70 -37.38 13.78
CA ASN A 181 2.74 -36.22 12.90
C ASN A 181 1.53 -36.17 11.97
N SER A 182 1.47 -35.10 11.20
CA SER A 182 0.43 -34.88 10.21
C SER A 182 1.09 -34.60 8.87
N PHE A 183 0.34 -34.63 7.77
CA PHE A 183 0.93 -34.36 6.47
C PHE A 183 1.53 -32.93 6.41
N ASN A 184 0.93 -32.02 7.17
CA ASN A 184 1.44 -30.63 7.30
C ASN A 184 2.73 -30.56 8.10
N THR A 185 2.95 -31.54 8.97
CA THR A 185 4.13 -31.50 9.83
C THR A 185 5.10 -32.64 9.67
N ASP A 186 4.72 -33.69 8.94
CA ASP A 186 5.55 -34.88 8.90
C ASP A 186 6.96 -34.51 8.46
N GLU A 187 7.03 -33.96 7.25
CA GLU A 187 8.30 -33.64 6.62
C GLU A 187 8.99 -32.51 7.38
N ASP A 188 8.25 -31.42 7.63
CA ASP A 188 8.86 -30.25 8.27
C ASP A 188 9.52 -30.67 9.58
N THR A 189 8.88 -31.65 10.22
CA THR A 189 9.36 -32.20 11.48
C THR A 189 10.53 -33.18 11.38
N LYS A 190 10.48 -34.13 10.45
CA LYS A 190 11.61 -35.06 10.35
C LYS A 190 12.97 -34.41 10.13
N LYS A 191 12.99 -33.30 9.41
CA LYS A 191 14.22 -32.57 9.11
C LYS A 191 15.06 -32.25 10.35
N ILE A 192 14.40 -31.89 11.44
CA ILE A 192 15.09 -31.42 12.64
C ILE A 192 15.37 -32.52 13.67
N LEU A 193 14.95 -33.76 13.39
CA LEU A 193 15.12 -34.84 14.37
C LEU A 193 16.59 -35.19 14.55
N GLN A 194 17.44 -34.65 13.69
CA GLN A 194 18.87 -34.94 13.70
C GLN A 194 19.55 -34.41 14.95
N LYS A 195 18.99 -33.35 15.52
CA LYS A 195 19.57 -32.68 16.68
C LYS A 195 19.66 -33.62 17.88
N TYR A 196 18.84 -34.67 17.86
CA TYR A 196 18.68 -35.56 19.00
C TYR A 196 19.42 -36.86 18.80
N ASN A 197 20.45 -36.85 17.97
CA ASN A 197 21.24 -38.05 17.74
C ASN A 197 22.08 -38.40 18.97
N HIS A 198 22.66 -37.40 19.61
CA HIS A 198 23.50 -37.60 20.80
C HIS A 198 22.68 -37.62 22.10
N CYS A 199 21.48 -37.05 22.03
CA CYS A 199 20.59 -37.04 23.19
C CYS A 199 19.99 -38.47 23.31
N ARG A 200 19.84 -38.92 24.55
CA ARG A 200 19.70 -40.35 24.90
C ARG A 200 18.28 -40.91 24.82
N VAL A 201 17.65 -40.80 23.65
CA VAL A 201 16.27 -41.24 23.47
C VAL A 201 15.96 -41.71 22.06
N LYS A 202 15.06 -42.69 21.97
CA LYS A 202 14.70 -43.32 20.70
C LYS A 202 13.43 -42.69 20.13
N ILE A 203 13.59 -41.73 19.23
CA ILE A 203 12.46 -41.01 18.67
C ILE A 203 11.92 -41.72 17.45
N TYR A 204 10.64 -42.05 17.49
CA TYR A 204 9.92 -42.63 16.36
C TYR A 204 8.97 -41.57 15.77
N THR A 205 8.16 -42.01 14.81
CA THR A 205 7.28 -41.13 14.04
C THR A 205 6.27 -41.98 13.29
N PHE A 206 5.04 -41.49 13.19
CA PHE A 206 4.05 -42.13 12.33
C PHE A 206 2.99 -41.12 11.93
N ASN A 207 2.73 -41.04 10.62
CA ASN A 207 1.82 -40.05 10.08
C ASN A 207 0.35 -40.38 10.31
N GLN A 208 -0.38 -39.36 10.72
CA GLN A 208 -1.81 -39.47 10.88
C GLN A 208 -2.43 -39.62 9.52
N SER A 209 -3.68 -40.07 9.47
CA SER A 209 -4.37 -40.23 8.19
C SER A 209 -4.56 -38.89 7.45
N ARG A 210 -5.16 -38.97 6.26
CA ARG A 210 -5.45 -37.79 5.48
C ARG A 210 -6.72 -37.98 4.70
N TYR A 211 -7.79 -37.29 5.12
CA TYR A 211 -9.11 -37.49 4.55
C TYR A 211 -9.56 -36.34 3.61
N PRO A 212 -10.30 -36.68 2.55
CA PRO A 212 -10.83 -35.61 1.68
C PRO A 212 -11.88 -34.73 2.36
N ARG A 213 -11.75 -33.40 2.29
CA ARG A 213 -12.84 -32.54 2.73
C ARG A 213 -14.00 -32.78 1.78
N ILE A 214 -15.20 -32.73 2.33
CA ILE A 214 -16.41 -33.03 1.59
C ILE A 214 -17.31 -31.79 1.62
N ASN A 215 -17.83 -31.41 0.45
CA ASN A 215 -18.66 -30.22 0.33
C ASN A 215 -19.89 -30.34 1.22
N LYS A 216 -20.37 -29.21 1.74
CA LYS A 216 -21.47 -29.20 2.71
C LYS A 216 -22.81 -29.56 2.07
N GLU A 217 -23.20 -28.83 1.03
CA GLU A 217 -24.53 -29.01 0.44
C GLU A 217 -24.60 -30.36 -0.24
N SER A 218 -23.58 -30.63 -1.03
CA SER A 218 -23.42 -31.90 -1.74
C SER A 218 -22.44 -32.76 -0.98
N LEU A 219 -22.89 -33.90 -0.46
CA LEU A 219 -22.01 -34.73 0.35
C LEU A 219 -21.02 -35.49 -0.53
N LEU A 220 -20.23 -34.73 -1.28
CA LEU A 220 -19.20 -35.29 -2.16
C LEU A 220 -17.84 -34.70 -1.82
N PRO A 221 -16.76 -35.44 -2.13
CA PRO A 221 -15.40 -34.94 -1.87
C PRO A 221 -15.00 -33.86 -2.87
N VAL A 222 -14.20 -32.90 -2.43
CA VAL A 222 -13.84 -31.76 -3.29
C VAL A 222 -12.52 -31.96 -4.02
N ALA A 223 -11.81 -33.04 -3.69
CA ALA A 223 -10.49 -33.31 -4.25
C ALA A 223 -10.52 -33.50 -5.77
N LYS A 224 -9.57 -32.89 -6.45
CA LYS A 224 -9.45 -32.94 -7.91
C LYS A 224 -8.52 -34.08 -8.33
N ASP A 225 -8.47 -35.13 -7.52
CA ASP A 225 -7.61 -36.27 -7.77
C ASP A 225 -6.14 -35.91 -7.81
N VAL A 226 -5.78 -34.83 -7.14
CA VAL A 226 -4.41 -34.36 -7.14
C VAL A 226 -3.67 -34.79 -5.86
N SER A 227 -2.35 -34.86 -5.96
CA SER A 227 -1.49 -35.23 -4.83
C SER A 227 -1.38 -34.06 -3.86
N TYR A 228 -0.40 -34.15 -2.95
CA TYR A 228 -0.16 -33.07 -1.99
C TYR A 228 0.47 -31.85 -2.67
N SER A 229 1.25 -32.11 -3.72
CA SER A 229 2.02 -31.06 -4.38
C SER A 229 1.18 -30.13 -5.24
N GLY A 230 -0.12 -30.38 -5.31
CA GLY A 230 -0.99 -29.65 -6.22
C GLY A 230 -1.50 -28.31 -5.73
N GLU A 231 -1.10 -27.92 -4.51
CA GLU A 231 -1.65 -26.75 -3.84
C GLU A 231 -3.16 -26.94 -3.60
N ASN A 232 -3.60 -28.19 -3.70
CA ASN A 232 -4.96 -28.56 -3.33
C ASN A 232 -4.97 -29.11 -1.92
N THR A 233 -3.97 -28.72 -1.14
CA THR A 233 -3.87 -29.12 0.26
C THR A 233 -5.12 -28.65 1.01
N GLU A 234 -5.77 -27.62 0.50
CA GLU A 234 -7.02 -27.12 1.07
C GLU A 234 -8.15 -28.13 0.94
N ALA A 235 -7.97 -29.16 0.10
CA ALA A 235 -9.00 -30.18 -0.10
C ALA A 235 -8.82 -31.41 0.78
N TRP A 236 -7.84 -31.38 1.69
CA TRP A 236 -7.54 -32.50 2.59
C TRP A 236 -7.45 -32.06 4.03
N TYR A 237 -7.54 -33.00 4.97
CA TYR A 237 -7.45 -32.66 6.38
C TYR A 237 -7.02 -33.83 7.26
N PRO A 238 -6.35 -33.54 8.38
CA PRO A 238 -6.15 -34.55 9.44
C PRO A 238 -7.46 -34.85 10.11
N PRO A 239 -7.93 -36.11 10.04
CA PRO A 239 -9.26 -36.35 10.60
C PRO A 239 -9.24 -35.92 12.06
N GLY A 240 -8.59 -36.71 12.90
CA GLY A 240 -8.78 -36.52 14.31
C GLY A 240 -7.54 -36.85 15.08
N HIS A 241 -7.48 -36.34 16.29
CA HIS A 241 -6.46 -36.79 17.22
C HIS A 241 -6.83 -38.25 17.44
N GLY A 242 -8.12 -38.54 17.25
CA GLY A 242 -8.70 -39.84 17.48
C GLY A 242 -8.33 -41.02 16.60
N ASP A 243 -8.00 -40.81 15.33
CA ASP A 243 -7.77 -41.98 14.46
C ASP A 243 -6.45 -42.68 14.83
N ILE A 244 -5.72 -42.08 15.78
CA ILE A 244 -4.47 -42.62 16.29
C ILE A 244 -4.51 -44.14 16.46
N TYR A 245 -5.67 -44.67 16.82
CA TYR A 245 -5.83 -46.10 16.94
C TYR A 245 -5.54 -46.76 15.60
N ALA A 246 -6.23 -46.29 14.57
CA ALA A 246 -6.08 -46.84 13.22
C ALA A 246 -4.69 -46.52 12.69
N SER A 247 -4.23 -45.29 12.92
CA SER A 247 -2.92 -44.85 12.45
C SER A 247 -1.78 -45.57 13.16
N PHE A 248 -1.95 -45.84 14.45
CA PHE A 248 -0.90 -46.48 15.24
C PHE A 248 -0.89 -47.97 14.94
N TYR A 249 -2.06 -48.52 14.62
CA TYR A 249 -2.14 -49.93 14.26
C TYR A 249 -1.43 -50.18 12.94
N ASN A 250 -1.79 -49.37 11.94
CA ASN A 250 -1.28 -49.54 10.58
C ASN A 250 0.20 -49.26 10.47
N SER A 251 0.71 -48.43 11.37
CA SER A 251 2.14 -48.12 11.40
C SER A 251 2.96 -49.32 11.81
N GLY A 252 2.31 -50.25 12.52
CA GLY A 252 2.94 -51.47 12.98
C GLY A 252 3.86 -51.25 14.17
N LEU A 253 3.79 -50.08 14.78
CA LEU A 253 4.63 -49.77 15.92
C LEU A 253 4.06 -50.37 17.20
N LEU A 254 2.75 -50.56 17.25
CA LEU A 254 2.14 -51.08 18.47
C LEU A 254 2.44 -52.57 18.57
N ASP A 255 2.69 -53.20 17.42
CA ASP A 255 3.03 -54.62 17.40
C ASP A 255 4.51 -54.78 17.73
N THR A 256 5.31 -53.87 17.22
CA THR A 256 6.71 -53.79 17.58
C THR A 256 6.82 -53.60 19.08
N PHE A 257 6.07 -52.62 19.58
CA PHE A 257 6.17 -52.23 20.97
C PHE A 257 5.54 -53.27 21.89
N ILE A 258 4.38 -53.80 21.51
CA ILE A 258 3.76 -54.85 22.31
C ILE A 258 4.68 -56.06 22.31
N GLY A 259 5.33 -56.32 21.18
CA GLY A 259 6.32 -57.38 21.10
C GLY A 259 7.60 -57.06 21.85
N GLU A 260 7.92 -55.76 21.93
CA GLU A 260 9.13 -55.30 22.59
C GLU A 260 8.98 -55.34 24.11
N GLY A 261 7.81 -55.75 24.57
CA GLY A 261 7.56 -55.92 25.99
C GLY A 261 6.96 -54.70 26.64
N LYS A 262 6.23 -53.92 25.84
CA LYS A 262 5.63 -52.69 26.31
C LYS A 262 4.16 -52.95 26.62
N GLU A 263 3.66 -52.32 27.68
CA GLU A 263 2.31 -52.56 28.14
C GLU A 263 1.40 -51.35 27.87
N TYR A 264 1.95 -50.15 28.01
CA TYR A 264 1.16 -48.92 27.95
C TYR A 264 1.78 -47.80 27.13
N ILE A 265 0.91 -47.04 26.46
CA ILE A 265 1.29 -45.76 25.87
C ILE A 265 0.67 -44.60 26.64
N PHE A 266 1.44 -43.53 26.79
CA PHE A 266 0.98 -42.30 27.42
C PHE A 266 0.85 -41.20 26.37
N VAL A 267 -0.38 -40.88 25.98
CA VAL A 267 -0.60 -39.87 24.94
C VAL A 267 -0.90 -38.52 25.58
N SER A 268 -0.33 -37.49 24.98
CA SER A 268 -0.55 -36.12 25.40
C SER A 268 -0.25 -35.20 24.21
N ASN A 269 -0.31 -33.89 24.46
CA ASN A 269 0.10 -32.92 23.45
C ASN A 269 1.47 -32.34 23.69
N ILE A 270 2.03 -31.85 22.61
CA ILE A 270 3.40 -31.40 22.64
C ILE A 270 3.39 -30.02 23.27
N ASP A 271 2.26 -29.33 23.17
CA ASP A 271 2.13 -27.96 23.68
C ASP A 271 1.72 -27.96 25.16
N ASN A 272 1.05 -29.03 25.59
CA ASN A 272 0.74 -29.20 27.01
C ASN A 272 2.02 -29.47 27.80
N LEU A 273 2.54 -28.43 28.43
CA LEU A 273 3.82 -28.55 29.15
C LEU A 273 3.67 -29.31 30.47
N GLY A 274 2.44 -29.57 30.87
CA GLY A 274 2.19 -30.25 32.13
C GLY A 274 2.20 -31.76 32.03
N ALA A 275 2.05 -32.27 30.81
CA ALA A 275 1.89 -33.69 30.57
C ALA A 275 3.19 -34.45 30.76
N THR A 276 3.75 -34.41 31.97
CA THR A 276 4.93 -35.21 32.27
C THR A 276 4.49 -36.63 32.56
N VAL A 277 5.44 -37.56 32.49
CA VAL A 277 5.15 -38.95 32.80
C VAL A 277 5.21 -39.07 34.32
N ASP A 278 4.07 -39.43 34.92
CA ASP A 278 3.94 -39.53 36.39
C ASP A 278 4.16 -40.93 36.94
N LEU A 279 5.10 -41.08 37.85
CA LEU A 279 5.46 -42.41 38.32
C LEU A 279 4.39 -43.02 39.24
N TYR A 280 3.57 -42.18 39.85
CA TYR A 280 2.48 -42.65 40.69
C TYR A 280 1.35 -43.23 39.84
N ILE A 281 0.90 -42.45 38.86
CA ILE A 281 -0.08 -42.94 37.91
C ILE A 281 0.40 -44.21 37.22
N LEU A 282 1.68 -44.23 36.85
CA LEU A 282 2.30 -45.40 36.25
C LEU A 282 2.28 -46.60 37.22
N ASN A 283 2.63 -46.31 38.47
CA ASN A 283 2.58 -47.33 39.49
C ASN A 283 1.17 -47.91 39.62
N HIS A 284 0.17 -47.04 39.58
CA HIS A 284 -1.21 -47.51 39.69
C HIS A 284 -1.65 -48.27 38.44
N LEU A 285 -0.84 -48.17 37.38
CA LEU A 285 -1.14 -48.84 36.12
C LEU A 285 -0.53 -50.21 36.00
N MET A 286 0.78 -50.31 36.27
CA MET A 286 1.49 -51.57 36.06
C MET A 286 1.63 -52.43 37.32
N ASN A 287 1.30 -51.84 38.47
CA ASN A 287 1.18 -52.59 39.71
C ASN A 287 -0.20 -52.32 40.31
N PRO A 288 -1.26 -52.78 39.61
CA PRO A 288 -2.63 -52.45 40.00
C PRO A 288 -3.12 -53.18 41.23
N PRO A 289 -3.83 -52.47 42.12
CA PRO A 289 -4.29 -53.10 43.37
C PRO A 289 -5.38 -54.12 43.09
N ASN A 290 -5.35 -55.25 43.80
CA ASN A 290 -6.33 -56.30 43.61
C ASN A 290 -6.35 -56.90 42.19
N GLY A 291 -5.38 -56.54 41.35
CA GLY A 291 -5.26 -57.15 40.04
C GLY A 291 -6.18 -56.57 38.99
N LYS A 292 -6.82 -55.45 39.31
CA LYS A 292 -7.62 -54.73 38.32
C LYS A 292 -6.71 -54.12 37.27
N ARG A 293 -6.61 -54.75 36.10
CA ARG A 293 -5.97 -54.09 34.96
C ARG A 293 -6.90 -53.05 34.31
N CYS A 294 -6.48 -51.79 34.29
CA CYS A 294 -7.24 -50.75 33.61
C CYS A 294 -6.69 -50.58 32.23
N GLU A 295 -7.55 -50.77 31.23
CA GLU A 295 -7.16 -50.69 29.85
C GLU A 295 -6.96 -49.27 29.37
N PHE A 296 -7.73 -48.36 29.97
CA PHE A 296 -7.81 -46.98 29.52
C PHE A 296 -8.06 -46.06 30.71
N VAL A 297 -7.07 -45.24 31.05
CA VAL A 297 -7.25 -44.29 32.15
C VAL A 297 -6.94 -42.86 31.70
N MET A 298 -7.90 -41.95 31.95
CA MET A 298 -7.72 -40.57 31.54
C MET A 298 -7.60 -39.63 32.73
N GLU A 299 -6.75 -38.64 32.55
CA GLU A 299 -6.52 -37.63 33.57
C GLU A 299 -7.59 -36.60 33.36
N VAL A 300 -8.32 -36.30 34.41
CA VAL A 300 -9.29 -35.22 34.36
C VAL A 300 -8.81 -34.20 35.35
N THR A 301 -9.39 -33.00 35.31
CA THR A 301 -9.12 -32.00 36.35
C THR A 301 -10.38 -31.19 36.63
N ASN A 302 -10.42 -30.54 37.78
CA ASN A 302 -11.57 -29.72 38.16
C ASN A 302 -11.74 -28.54 37.20
N LYS A 303 -13.00 -28.14 37.02
CA LYS A 303 -13.33 -27.06 36.13
C LYS A 303 -13.18 -25.72 36.83
N THR A 304 -12.64 -24.75 36.11
CA THR A 304 -12.76 -23.33 36.44
C THR A 304 -13.92 -22.79 35.63
N ARG A 305 -14.40 -21.58 35.96
CA ARG A 305 -15.49 -21.00 35.19
C ARG A 305 -15.00 -20.78 33.78
N ALA A 306 -13.68 -20.69 33.63
CA ALA A 306 -13.07 -20.55 32.32
C ALA A 306 -13.31 -21.80 31.50
N ASP A 307 -12.64 -22.87 31.92
CA ASP A 307 -12.63 -24.12 31.18
C ASP A 307 -13.88 -24.96 31.43
N VAL A 308 -15.01 -24.47 30.97
CA VAL A 308 -16.27 -25.20 31.08
C VAL A 308 -16.42 -26.05 29.83
N LYS A 309 -15.40 -26.05 29.00
CA LYS A 309 -15.59 -26.29 27.59
C LYS A 309 -16.24 -27.62 27.33
N GLY A 310 -15.84 -28.67 28.04
CA GLY A 310 -16.39 -29.97 27.75
C GLY A 310 -15.58 -31.06 28.40
N GLY A 311 -15.61 -32.23 27.78
CA GLY A 311 -14.73 -33.26 28.23
C GLY A 311 -14.93 -33.59 29.67
N THR A 312 -16.16 -33.98 29.97
CA THR A 312 -16.48 -34.53 31.27
C THR A 312 -17.06 -35.94 31.22
N LEU A 313 -16.60 -36.75 32.16
CA LEU A 313 -16.86 -38.16 32.26
C LEU A 313 -18.24 -38.36 32.88
N THR A 314 -19.01 -39.28 32.27
CA THR A 314 -20.31 -39.66 32.81
C THR A 314 -20.41 -41.18 32.86
N GLN A 315 -21.40 -41.70 33.59
CA GLN A 315 -21.64 -43.13 33.62
C GLN A 315 -22.84 -43.39 32.73
N TYR A 316 -22.58 -43.99 31.57
CA TYR A 316 -23.63 -44.21 30.59
C TYR A 316 -23.70 -45.68 30.20
N GLU A 317 -24.82 -46.33 30.56
CA GLU A 317 -25.09 -47.69 30.15
C GLU A 317 -24.04 -48.66 30.73
N GLY A 318 -23.62 -48.39 31.96
CA GLY A 318 -22.74 -49.27 32.69
C GLY A 318 -21.28 -48.83 32.70
N LYS A 319 -20.86 -48.18 31.62
CA LYS A 319 -19.46 -47.79 31.46
C LYS A 319 -19.29 -46.27 31.49
N LEU A 320 -18.04 -45.84 31.67
CA LEU A 320 -17.72 -44.42 31.59
C LEU A 320 -17.83 -43.96 30.15
N ARG A 321 -18.32 -42.74 29.95
CA ARG A 321 -18.37 -42.14 28.64
C ARG A 321 -17.91 -40.68 28.72
N LEU A 322 -17.12 -40.27 27.74
CA LEU A 322 -16.75 -38.86 27.60
C LEU A 322 -17.86 -38.16 26.86
N VAL A 323 -18.47 -37.17 27.51
CA VAL A 323 -19.55 -36.42 26.90
C VAL A 323 -19.11 -34.98 26.66
N GLU A 324 -19.38 -34.56 25.41
CA GLU A 324 -19.06 -33.24 24.87
C GLU A 324 -20.36 -32.46 24.67
N ILE A 325 -20.27 -31.12 24.66
CA ILE A 325 -21.46 -30.28 24.60
C ILE A 325 -22.31 -30.54 23.35
N ALA A 326 -21.65 -30.79 22.23
CA ALA A 326 -22.33 -31.06 20.97
C ALA A 326 -23.25 -32.27 21.07
N GLN A 327 -22.92 -33.18 21.98
CA GLN A 327 -23.69 -34.40 22.16
C GLN A 327 -24.95 -34.14 22.97
N VAL A 328 -24.95 -33.07 23.75
CA VAL A 328 -26.06 -32.77 24.65
C VAL A 328 -27.16 -31.99 23.94
N PRO A 329 -28.44 -32.38 24.15
CA PRO A 329 -29.54 -31.58 23.60
C PRO A 329 -29.48 -30.14 24.11
N LYS A 330 -30.03 -29.19 23.36
CA LYS A 330 -29.94 -27.79 23.75
C LYS A 330 -30.89 -27.47 24.90
N ALA A 331 -31.61 -28.48 25.38
CA ALA A 331 -32.51 -28.34 26.51
C ALA A 331 -31.76 -28.50 27.83
N HIS A 332 -30.78 -29.39 27.85
CA HIS A 332 -30.03 -29.68 29.06
C HIS A 332 -28.57 -29.21 28.95
N VAL A 333 -28.31 -28.30 28.02
CA VAL A 333 -26.95 -27.81 27.77
C VAL A 333 -26.43 -26.95 28.92
N ASP A 334 -27.32 -26.22 29.57
CA ASP A 334 -26.92 -25.40 30.71
C ASP A 334 -26.63 -26.29 31.92
N GLU A 335 -27.48 -27.29 32.14
CA GLU A 335 -27.30 -28.24 33.25
C GLU A 335 -25.99 -29.01 33.10
N PHE A 336 -25.56 -29.19 31.86
CA PHE A 336 -24.34 -29.92 31.56
C PHE A 336 -23.12 -29.10 31.96
N LYS A 337 -23.20 -27.79 31.78
CA LYS A 337 -22.11 -26.89 32.14
C LYS A 337 -22.00 -26.72 33.65
N SER A 338 -23.10 -26.94 34.35
CA SER A 338 -23.17 -26.73 35.80
C SER A 338 -22.12 -27.49 36.60
N VAL A 339 -21.40 -26.76 37.44
CA VAL A 339 -20.23 -27.29 38.13
C VAL A 339 -20.62 -28.16 39.34
N SER A 340 -21.89 -28.15 39.72
CA SER A 340 -22.32 -29.03 40.81
C SER A 340 -22.45 -30.45 40.27
N LYS A 341 -23.10 -30.58 39.12
CA LYS A 341 -23.40 -31.90 38.56
C LYS A 341 -22.17 -32.55 37.94
N PHE A 342 -21.37 -31.76 37.22
CA PHE A 342 -20.14 -32.26 36.61
C PHE A 342 -18.96 -31.38 36.93
N LYS A 343 -18.12 -31.85 37.86
CA LYS A 343 -17.11 -31.01 38.47
C LYS A 343 -15.78 -31.00 37.71
N ILE A 344 -15.61 -31.96 36.81
CA ILE A 344 -14.31 -32.17 36.16
C ILE A 344 -14.43 -32.16 34.64
N PHE A 345 -13.28 -32.03 33.99
CA PHE A 345 -13.21 -32.21 32.55
C PHE A 345 -11.92 -32.84 32.10
N ASN A 346 -11.90 -33.18 30.83
CA ASN A 346 -10.82 -33.94 30.25
C ASN A 346 -9.59 -33.10 29.94
N THR A 347 -8.47 -33.49 30.54
CA THR A 347 -7.14 -33.12 30.03
C THR A 347 -6.74 -34.20 29.08
N ASN A 348 -6.40 -33.92 27.83
CA ASN A 348 -6.10 -35.05 26.96
C ASN A 348 -4.72 -35.60 27.27
N ASN A 349 -4.57 -36.00 28.53
CA ASN A 349 -3.49 -36.81 29.02
C ASN A 349 -4.08 -38.16 29.27
N LEU A 350 -3.70 -39.13 28.46
CA LEU A 350 -4.33 -40.42 28.53
C LEU A 350 -3.27 -41.50 28.61
N TRP A 351 -3.56 -42.53 29.42
CA TRP A 351 -2.74 -43.73 29.48
C TRP A 351 -3.57 -44.91 28.99
N ILE A 352 -3.10 -45.53 27.91
CA ILE A 352 -3.83 -46.63 27.30
C ILE A 352 -2.96 -47.89 27.16
N SER A 353 -3.59 -49.06 27.24
CA SER A 353 -2.90 -50.33 27.07
C SER A 353 -2.85 -50.77 25.61
N LEU A 354 -1.63 -50.98 25.10
CA LEU A 354 -1.40 -51.41 23.72
C LEU A 354 -2.23 -52.64 23.38
N ALA A 355 -2.24 -53.60 24.31
CA ALA A 355 -2.97 -54.84 24.14
C ALA A 355 -4.40 -54.58 23.74
N ALA A 356 -5.08 -53.74 24.53
CA ALA A 356 -6.48 -53.45 24.29
C ALA A 356 -6.67 -52.72 22.96
N VAL A 357 -5.72 -51.86 22.63
CA VAL A 357 -5.79 -51.15 21.36
C VAL A 357 -5.79 -52.18 20.24
N LYS A 358 -4.84 -53.11 20.28
CA LYS A 358 -4.77 -54.14 19.25
C LYS A 358 -6.04 -54.98 19.23
N ARG A 359 -6.45 -55.46 20.40
CA ARG A 359 -7.62 -56.31 20.50
C ARG A 359 -8.84 -55.65 19.89
N LEU A 360 -9.08 -54.39 20.28
CA LEU A 360 -10.28 -53.68 19.87
C LEU A 360 -10.21 -53.23 18.41
N GLN A 361 -9.05 -52.77 17.97
CA GLN A 361 -8.88 -52.34 16.59
C GLN A 361 -8.98 -53.51 15.62
N GLU A 362 -8.48 -54.67 16.05
CA GLU A 362 -8.61 -55.91 15.26
C GLU A 362 -10.08 -56.22 14.95
N GLN A 363 -10.96 -55.83 15.87
CA GLN A 363 -12.38 -56.17 15.79
C GLN A 363 -13.25 -54.99 15.35
N ASN A 364 -12.62 -53.85 15.11
CA ASN A 364 -13.33 -52.62 14.79
C ASN A 364 -14.39 -52.33 15.85
N ALA A 365 -14.13 -52.77 17.07
CA ALA A 365 -15.05 -52.55 18.18
C ALA A 365 -14.79 -51.22 18.86
N ILE A 366 -13.67 -50.60 18.50
CA ILE A 366 -13.30 -49.31 19.05
C ILE A 366 -14.25 -48.21 18.54
N ASP A 367 -14.83 -47.46 19.47
CA ASP A 367 -16.01 -46.65 19.17
C ASP A 367 -15.87 -45.22 19.64
N MET A 368 -16.07 -44.29 18.72
CA MET A 368 -15.94 -42.87 19.02
C MET A 368 -17.01 -42.12 18.23
N GLU A 369 -17.55 -41.08 18.84
CA GLU A 369 -18.59 -40.28 18.19
C GLU A 369 -18.00 -39.56 17.00
N ILE A 370 -18.85 -39.29 16.01
CA ILE A 370 -18.47 -38.59 14.79
C ILE A 370 -18.58 -37.07 14.94
N ILE A 371 -17.43 -36.42 14.97
CA ILE A 371 -17.31 -34.98 14.92
C ILE A 371 -17.45 -34.49 13.49
N VAL A 372 -18.57 -33.85 13.17
CA VAL A 372 -18.74 -33.28 11.84
C VAL A 372 -18.39 -31.80 11.89
N ASN A 373 -17.17 -31.46 11.47
CA ASN A 373 -16.67 -30.11 11.65
C ASN A 373 -16.79 -29.31 10.35
N ALA A 374 -17.48 -28.18 10.40
CA ALA A 374 -17.67 -27.35 9.22
C ALA A 374 -16.63 -26.23 9.18
N LYS A 375 -16.20 -25.86 7.97
CA LYS A 375 -15.23 -24.79 7.79
C LYS A 375 -15.43 -24.10 6.44
N THR A 376 -15.07 -22.81 6.41
CA THR A 376 -15.08 -22.01 5.20
C THR A 376 -13.72 -21.32 5.06
N LEU A 377 -12.94 -21.76 4.08
CA LEU A 377 -11.56 -21.29 3.92
C LEU A 377 -11.46 -20.13 2.93
N ASP A 378 -10.25 -19.62 2.77
CA ASP A 378 -9.99 -18.43 1.97
C ASP A 378 -10.53 -18.53 0.54
N GLY A 379 -10.53 -19.74 0.00
CA GLY A 379 -11.00 -19.97 -1.36
C GLY A 379 -12.47 -19.65 -1.55
N GLY A 380 -13.19 -19.52 -0.44
CA GLY A 380 -14.62 -19.24 -0.50
C GLY A 380 -15.41 -20.49 -0.80
N LEU A 381 -15.24 -21.51 0.06
CA LEU A 381 -15.92 -22.79 -0.11
C LEU A 381 -16.34 -23.35 1.24
N ASN A 382 -17.65 -23.56 1.40
CA ASN A 382 -18.21 -24.14 2.62
C ASN A 382 -18.11 -25.66 2.58
N VAL A 383 -17.31 -26.23 3.48
CA VAL A 383 -17.14 -27.68 3.52
C VAL A 383 -17.31 -28.21 4.94
N ILE A 384 -17.58 -29.51 5.03
CA ILE A 384 -17.56 -30.23 6.30
C ILE A 384 -16.45 -31.28 6.26
N GLN A 385 -15.96 -31.66 7.44
CA GLN A 385 -14.93 -32.67 7.53
C GLN A 385 -15.15 -33.54 8.77
N LEU A 386 -15.27 -34.84 8.53
CA LEU A 386 -15.64 -35.77 9.58
C LEU A 386 -14.42 -36.17 10.40
N GLU A 387 -14.59 -36.26 11.72
CA GLU A 387 -13.46 -36.62 12.58
C GLU A 387 -13.86 -37.23 13.91
N THR A 388 -12.85 -37.64 14.69
CA THR A 388 -13.05 -38.30 15.99
C THR A 388 -11.98 -37.96 17.03
N ALA A 389 -12.37 -38.02 18.31
CA ALA A 389 -11.52 -37.61 19.43
C ALA A 389 -11.08 -38.81 20.25
N VAL A 390 -9.77 -38.95 20.44
CA VAL A 390 -9.20 -40.13 21.09
C VAL A 390 -9.85 -40.44 22.43
N GLY A 391 -10.25 -39.41 23.17
CA GLY A 391 -10.87 -39.60 24.47
C GLY A 391 -12.20 -40.35 24.39
N ALA A 392 -12.96 -40.05 23.36
CA ALA A 392 -14.31 -40.59 23.23
C ALA A 392 -14.36 -42.10 23.22
N ALA A 393 -13.21 -42.72 22.93
CA ALA A 393 -13.12 -44.17 22.85
C ALA A 393 -13.13 -44.84 24.21
N ILE A 394 -12.98 -44.04 25.27
CA ILE A 394 -12.91 -44.58 26.63
C ILE A 394 -14.08 -45.51 26.95
N LYS A 395 -15.15 -45.43 26.19
CA LYS A 395 -16.33 -46.25 26.44
C LYS A 395 -16.25 -47.67 25.89
N SER A 396 -15.21 -47.95 25.10
CA SER A 396 -15.04 -49.28 24.49
C SER A 396 -14.03 -50.16 25.21
N PHE A 397 -13.34 -49.60 26.20
CA PHE A 397 -12.33 -50.33 26.95
C PHE A 397 -12.90 -50.88 28.26
N GLU A 398 -12.33 -51.99 28.72
CA GLU A 398 -12.73 -52.61 29.99
C GLU A 398 -12.05 -51.90 31.15
N ASN A 399 -12.78 -51.72 32.25
CA ASN A 399 -12.24 -51.10 33.45
C ASN A 399 -11.60 -49.75 33.14
N SER A 400 -12.30 -48.95 32.33
CA SER A 400 -11.85 -47.59 32.04
C SER A 400 -11.91 -46.76 33.32
N LEU A 401 -10.94 -45.88 33.51
CA LEU A 401 -10.80 -45.11 34.75
C LEU A 401 -10.47 -43.64 34.53
N GLY A 402 -10.94 -42.79 35.42
CA GLY A 402 -10.56 -41.40 35.40
C GLY A 402 -9.75 -41.09 36.64
N ILE A 403 -8.78 -40.19 36.55
CA ILE A 403 -8.16 -39.70 37.78
C ILE A 403 -7.97 -38.18 37.75
N ASN A 404 -8.40 -37.55 38.83
CA ASN A 404 -8.49 -36.11 38.95
C ASN A 404 -7.14 -35.55 39.37
N VAL A 405 -6.33 -35.19 38.37
CA VAL A 405 -4.99 -34.68 38.61
C VAL A 405 -4.98 -33.17 38.80
N PRO A 406 -3.97 -32.66 39.50
CA PRO A 406 -3.84 -31.20 39.66
C PRO A 406 -3.77 -30.49 38.33
N ARG A 407 -4.03 -29.18 38.31
CA ARG A 407 -3.95 -28.42 37.06
C ARG A 407 -2.51 -28.36 36.61
N SER A 408 -1.59 -28.54 37.56
CA SER A 408 -0.17 -28.57 37.25
C SER A 408 0.12 -29.45 36.05
N ARG A 409 -0.66 -30.52 35.91
CA ARG A 409 -0.48 -31.46 34.81
C ARG A 409 -1.23 -31.03 33.54
N PHE A 410 -1.80 -29.84 33.55
CA PHE A 410 -2.55 -29.33 32.42
C PHE A 410 -2.26 -27.86 32.15
N LEU A 411 -1.18 -27.62 31.43
CA LEU A 411 -0.72 -26.28 31.11
C LEU A 411 -0.57 -26.12 29.62
N PRO A 412 -1.69 -26.20 28.89
CA PRO A 412 -1.60 -26.03 27.43
C PRO A 412 -1.09 -24.65 27.07
N VAL A 413 -0.13 -24.56 26.15
CA VAL A 413 0.31 -23.27 25.62
C VAL A 413 -0.37 -23.02 24.27
N LYS A 414 -1.64 -22.65 24.33
CA LYS A 414 -2.45 -22.34 23.18
C LYS A 414 -1.88 -21.13 22.42
N THR A 415 -1.46 -20.09 23.16
CA THR A 415 -1.07 -18.82 22.54
C THR A 415 0.03 -18.04 23.29
N THR A 416 0.39 -16.89 22.74
CA THR A 416 1.56 -16.12 23.18
C THR A 416 1.46 -15.59 24.62
N SER A 417 0.23 -15.39 25.08
CA SER A 417 0.01 -14.98 26.47
C SER A 417 0.51 -16.05 27.45
N ASP A 418 0.32 -17.32 27.08
CA ASP A 418 0.83 -18.47 27.84
C ASP A 418 2.32 -18.49 27.85
N LEU A 419 2.86 -18.30 26.66
CA LEU A 419 4.28 -18.11 26.48
C LEU A 419 4.80 -17.08 27.49
N LEU A 420 4.18 -15.90 27.58
CA LEU A 420 4.58 -14.91 28.58
C LEU A 420 4.66 -15.47 30.01
N LEU A 421 3.68 -16.27 30.43
CA LEU A 421 3.73 -16.92 31.74
C LEU A 421 4.95 -17.80 31.83
N VAL A 422 5.04 -18.74 30.89
CA VAL A 422 6.07 -19.76 30.88
C VAL A 422 7.50 -19.19 30.80
N MET A 423 7.67 -18.04 30.17
CA MET A 423 9.01 -17.45 30.06
C MET A 423 9.44 -16.65 31.28
N SER A 424 8.48 -16.21 32.07
CA SER A 424 8.73 -15.35 33.22
C SER A 424 9.30 -16.14 34.39
N ASN A 425 9.78 -15.42 35.40
CA ASN A 425 10.33 -16.05 36.61
C ASN A 425 9.24 -16.66 37.45
N LEU A 426 8.01 -16.52 36.99
CA LEU A 426 6.88 -17.18 37.58
C LEU A 426 7.10 -18.69 37.58
N TYR A 427 7.88 -19.16 36.61
CA TYR A 427 8.15 -20.59 36.43
C TYR A 427 9.64 -20.89 36.44
N SER A 428 9.97 -22.16 36.71
CA SER A 428 11.35 -22.61 36.73
C SER A 428 11.50 -23.89 35.90
N LEU A 429 12.53 -23.92 35.06
CA LEU A 429 12.76 -25.00 34.11
C LEU A 429 13.97 -25.84 34.47
N ASN A 430 13.77 -27.16 34.49
CA ASN A 430 14.87 -28.12 34.69
C ASN A 430 14.60 -29.44 33.99
N ALA A 431 15.59 -29.91 33.24
CA ALA A 431 15.47 -31.19 32.54
C ALA A 431 14.26 -31.18 31.63
N GLY A 432 13.97 -30.00 31.08
CA GLY A 432 12.85 -29.84 30.16
C GLY A 432 11.50 -29.87 30.85
N SER A 433 11.52 -29.82 32.18
CA SER A 433 10.29 -29.79 32.97
C SER A 433 10.12 -28.44 33.68
N LEU A 434 8.95 -27.83 33.47
CA LEU A 434 8.63 -26.56 34.12
C LEU A 434 7.81 -26.80 35.37
N THR A 435 8.18 -26.11 36.44
CA THR A 435 7.37 -26.10 37.65
C THR A 435 7.26 -24.69 38.17
N MET A 436 6.17 -24.41 38.90
CA MET A 436 5.95 -23.07 39.42
C MET A 436 7.02 -22.74 40.45
N SER A 437 7.34 -21.46 40.54
CA SER A 437 8.44 -21.00 41.38
C SER A 437 8.14 -21.19 42.86
N GLU A 438 9.11 -21.72 43.58
CA GLU A 438 8.98 -21.87 45.02
C GLU A 438 8.72 -20.51 45.65
N LYS A 439 9.11 -19.44 44.94
CA LYS A 439 9.00 -18.08 45.44
C LYS A 439 7.63 -17.46 45.12
N ARG A 440 6.78 -18.19 44.41
CA ARG A 440 5.41 -17.75 44.23
C ARG A 440 4.65 -17.81 45.56
N GLU A 441 4.31 -16.65 46.11
CA GLU A 441 3.69 -16.59 47.43
C GLU A 441 2.31 -17.26 47.44
N PHE A 442 1.54 -17.10 46.37
CA PHE A 442 0.23 -17.74 46.27
C PHE A 442 0.19 -18.76 45.12
N PRO A 443 -0.37 -19.94 45.40
CA PRO A 443 -0.22 -21.14 44.57
C PRO A 443 -0.85 -21.04 43.19
N THR A 444 -1.69 -20.01 42.98
CA THR A 444 -2.48 -19.89 41.77
C THR A 444 -1.67 -19.42 40.58
N VAL A 445 -2.17 -19.70 39.38
CA VAL A 445 -1.55 -19.16 38.17
C VAL A 445 -2.26 -17.88 37.76
N PRO A 446 -1.48 -16.82 37.49
CA PRO A 446 -2.12 -15.55 37.15
C PRO A 446 -2.82 -15.60 35.80
N LEU A 447 -3.53 -14.53 35.50
CA LEU A 447 -4.32 -14.43 34.30
C LEU A 447 -3.73 -13.38 33.39
N VAL A 448 -3.49 -13.73 32.14
CA VAL A 448 -2.83 -12.80 31.23
C VAL A 448 -3.43 -12.87 29.82
N LYS A 449 -3.88 -11.72 29.35
CA LYS A 449 -4.47 -11.61 28.03
C LYS A 449 -3.84 -10.46 27.27
N LEU A 450 -2.96 -10.81 26.34
CA LEU A 450 -2.31 -9.87 25.46
C LEU A 450 -3.13 -9.74 24.20
N GLY A 451 -3.17 -8.54 23.64
CA GLY A 451 -4.05 -8.24 22.53
C GLY A 451 -3.63 -8.82 21.20
N SER A 452 -4.13 -8.22 20.12
CA SER A 452 -3.88 -8.69 18.77
C SER A 452 -2.51 -8.27 18.31
N SER A 453 -2.00 -7.20 18.92
CA SER A 453 -0.67 -6.71 18.58
C SER A 453 0.40 -7.68 19.02
N PHE A 454 0.03 -8.61 19.91
CA PHE A 454 0.99 -9.54 20.49
C PHE A 454 0.82 -10.95 19.94
N THR A 455 -0.22 -11.16 19.14
CA THR A 455 -0.62 -12.51 18.74
C THR A 455 0.50 -13.31 18.10
N LYS A 456 1.25 -12.68 17.20
CA LYS A 456 2.35 -13.34 16.47
C LYS A 456 3.64 -13.33 17.30
N VAL A 457 4.32 -14.47 17.35
CA VAL A 457 5.47 -14.59 18.26
C VAL A 457 6.53 -13.52 18.02
N GLN A 458 6.72 -13.17 16.76
CA GLN A 458 7.72 -12.18 16.40
C GLN A 458 7.36 -10.89 17.11
N ASP A 459 6.09 -10.48 17.00
CA ASP A 459 5.58 -9.26 17.61
C ASP A 459 5.69 -9.27 19.13
N TYR A 460 5.26 -10.39 19.71
CA TYR A 460 5.35 -10.63 21.14
C TYR A 460 6.78 -10.40 21.62
N LEU A 461 7.72 -11.12 21.03
CA LEU A 461 9.13 -10.97 21.39
C LEU A 461 9.63 -9.55 21.18
N ARG A 462 9.22 -8.95 20.07
CA ARG A 462 9.60 -7.59 19.72
C ARG A 462 9.20 -6.61 20.82
N ARG A 463 7.95 -6.73 21.25
CA ARG A 463 7.33 -5.77 22.15
C ARG A 463 7.74 -5.90 23.62
N PHE A 464 8.37 -7.01 24.00
CA PHE A 464 8.92 -7.15 25.34
C PHE A 464 10.44 -7.08 25.31
N GLU A 465 11.00 -5.93 25.66
CA GLU A 465 12.46 -5.75 25.69
C GLU A 465 13.10 -6.87 26.50
N SER A 466 12.45 -7.21 27.60
CA SER A 466 12.77 -8.37 28.41
C SER A 466 11.46 -8.90 28.96
N ILE A 467 11.45 -10.13 29.45
CA ILE A 467 10.24 -10.65 30.08
C ILE A 467 10.10 -10.05 31.47
N PRO A 468 8.99 -9.35 31.74
CA PRO A 468 8.95 -8.61 33.00
C PRO A 468 8.79 -9.50 34.23
N ASP A 469 8.97 -8.94 35.41
CA ASP A 469 8.77 -9.70 36.64
C ASP A 469 7.29 -9.90 36.83
N MET A 470 6.86 -11.15 36.81
CA MET A 470 5.46 -11.50 36.99
C MET A 470 5.26 -12.41 38.18
N LEU A 471 6.19 -12.37 39.12
CA LEU A 471 6.16 -13.29 40.24
C LEU A 471 5.01 -12.96 41.18
N GLU A 472 4.68 -11.67 41.28
CA GLU A 472 3.60 -11.19 42.15
C GLU A 472 2.33 -10.85 41.37
N LEU A 473 2.26 -11.27 40.11
CA LEU A 473 1.16 -10.90 39.24
C LEU A 473 -0.09 -11.76 39.45
N ASP A 474 -1.26 -11.18 39.18
CA ASP A 474 -2.54 -11.87 39.36
C ASP A 474 -3.44 -11.74 38.12
N HIS A 475 -3.67 -10.49 37.66
CA HIS A 475 -4.42 -10.21 36.43
C HIS A 475 -3.54 -9.38 35.55
N LEU A 476 -3.52 -9.66 34.25
CA LEU A 476 -2.85 -8.79 33.29
C LEU A 476 -3.62 -8.73 31.99
N THR A 477 -4.01 -7.52 31.61
CA THR A 477 -4.73 -7.30 30.38
C THR A 477 -3.93 -6.26 29.59
N VAL A 478 -3.45 -6.64 28.41
CA VAL A 478 -2.81 -5.68 27.49
C VAL A 478 -3.57 -5.69 26.16
N SER A 479 -4.02 -4.53 25.70
CA SER A 479 -4.94 -4.49 24.56
C SER A 479 -4.34 -3.91 23.27
N GLY A 480 -4.03 -2.62 23.27
CA GLY A 480 -3.60 -2.00 22.04
C GLY A 480 -2.16 -2.25 21.60
N ASP A 481 -1.62 -1.21 20.98
CA ASP A 481 -0.21 -1.11 20.67
C ASP A 481 0.60 -0.78 21.91
N VAL A 482 1.26 -1.76 22.50
CA VAL A 482 2.06 -1.53 23.70
C VAL A 482 3.43 -2.13 23.60
N THR A 483 4.38 -1.48 24.27
CA THR A 483 5.74 -1.97 24.35
C THR A 483 6.20 -1.94 25.80
N PHE A 484 7.13 -2.82 26.13
CA PHE A 484 7.67 -2.90 27.47
C PHE A 484 9.18 -2.83 27.46
N GLY A 485 9.74 -1.81 28.11
CA GLY A 485 11.18 -1.72 28.31
C GLY A 485 11.70 -2.83 29.20
N LYS A 486 12.97 -2.73 29.57
CA LYS A 486 13.59 -3.78 30.38
C LYS A 486 13.30 -3.58 31.85
N ASN A 487 13.13 -4.70 32.54
CA ASN A 487 12.99 -4.72 33.99
C ASN A 487 11.70 -4.06 34.43
N VAL A 488 10.66 -4.20 33.64
CA VAL A 488 9.33 -3.85 34.12
C VAL A 488 8.91 -4.87 35.18
N SER A 489 8.10 -4.43 36.14
CA SER A 489 7.61 -5.32 37.17
C SER A 489 6.08 -5.22 37.27
N LEU A 490 5.40 -6.34 37.08
CA LEU A 490 3.94 -6.38 37.07
C LEU A 490 3.39 -7.12 38.29
N LYS A 491 2.67 -6.40 39.16
CA LYS A 491 2.17 -6.95 40.40
C LYS A 491 0.64 -6.80 40.53
N GLY A 492 0.00 -7.89 40.90
CA GLY A 492 -1.43 -7.88 41.15
C GLY A 492 -2.25 -7.74 39.89
N THR A 493 -3.07 -6.70 39.86
CA THR A 493 -3.91 -6.43 38.71
C THR A 493 -3.43 -5.26 37.89
N VAL A 494 -2.88 -5.54 36.71
CA VAL A 494 -2.40 -4.49 35.83
C VAL A 494 -3.20 -4.50 34.54
N ILE A 495 -3.91 -3.42 34.27
CA ILE A 495 -4.65 -3.30 33.02
C ILE A 495 -4.07 -2.14 32.21
N ILE A 496 -3.21 -2.48 31.27
CA ILE A 496 -2.68 -1.52 30.33
C ILE A 496 -3.53 -1.55 29.08
N ILE A 497 -4.02 -0.38 28.70
CA ILE A 497 -4.91 -0.27 27.55
C ILE A 497 -4.53 0.92 26.68
N ALA A 498 -4.31 0.68 25.40
CA ALA A 498 -3.96 1.76 24.47
C ALA A 498 -5.01 1.80 23.40
N ASN A 499 -5.51 2.98 23.09
CA ASN A 499 -6.66 3.02 22.22
C ASN A 499 -6.24 2.87 20.78
N HIS A 500 -7.23 2.72 19.91
CA HIS A 500 -6.97 2.52 18.51
C HIS A 500 -6.23 3.71 17.94
N GLY A 501 -5.11 3.44 17.28
CA GLY A 501 -4.26 4.48 16.75
C GLY A 501 -3.16 4.81 17.73
N ASP A 502 -3.56 5.05 18.97
CA ASP A 502 -2.62 5.41 20.01
C ASP A 502 -1.60 4.30 20.25
N ARG A 503 -0.56 4.62 21.02
CA ARG A 503 0.43 3.64 21.44
C ARG A 503 0.93 3.95 22.84
N ILE A 504 1.30 2.92 23.59
CA ILE A 504 1.85 3.10 24.93
C ILE A 504 3.23 2.45 25.02
N ASP A 505 4.19 3.27 25.44
CA ASP A 505 5.54 2.80 25.70
C ASP A 505 5.80 2.82 27.19
N ILE A 506 5.58 1.67 27.82
CA ILE A 506 5.86 1.52 29.24
C ILE A 506 7.36 1.62 29.48
N PRO A 507 7.81 2.67 30.17
CA PRO A 507 9.25 2.87 30.30
C PRO A 507 9.91 1.73 31.06
N PRO A 508 11.22 1.48 30.81
CA PRO A 508 11.93 0.43 31.54
C PRO A 508 11.92 0.64 33.06
N GLY A 509 12.12 -0.42 33.83
CA GLY A 509 12.15 -0.31 35.27
C GLY A 509 10.80 0.03 35.86
N ALA A 510 9.78 0.13 35.01
CA ALA A 510 8.46 0.51 35.48
C ALA A 510 7.88 -0.56 36.40
N VAL A 511 7.40 -0.12 37.56
CA VAL A 511 6.69 -1.01 38.49
C VAL A 511 5.22 -0.68 38.47
N LEU A 512 4.41 -1.59 37.95
CA LEU A 512 2.98 -1.42 37.91
C LEU A 512 2.35 -2.42 38.88
N GLU A 513 1.78 -1.90 39.96
CA GLU A 513 1.11 -2.73 40.95
C GLU A 513 -0.31 -2.24 41.16
N ASN A 514 -1.30 -3.06 40.81
CA ASN A 514 -2.70 -2.68 40.93
C ASN A 514 -2.98 -1.33 40.31
N LYS A 515 -2.50 -1.15 39.09
CA LYS A 515 -2.73 0.06 38.34
C LYS A 515 -3.55 -0.27 37.10
N ILE A 516 -4.30 0.71 36.61
CA ILE A 516 -4.95 0.61 35.31
C ILE A 516 -4.46 1.80 34.53
N VAL A 517 -3.70 1.51 33.46
CA VAL A 517 -2.99 2.56 32.72
C VAL A 517 -3.45 2.64 31.28
N SER A 518 -3.94 3.82 30.91
CA SER A 518 -4.51 4.02 29.58
C SER A 518 -3.98 5.26 28.94
N GLY A 519 -4.09 5.31 27.61
CA GLY A 519 -3.77 6.52 26.88
C GLY A 519 -2.88 6.33 25.68
N ASN A 520 -1.92 7.25 25.57
CA ASN A 520 -1.09 7.39 24.40
C ASN A 520 0.22 8.04 24.78
N LEU A 521 1.23 7.24 25.10
CA LEU A 521 2.55 7.75 25.45
C LEU A 521 3.61 7.15 24.55
N ARG A 522 4.42 8.01 23.94
CA ARG A 522 5.52 7.56 23.11
C ARG A 522 6.83 8.04 23.69
N ILE A 523 7.74 7.09 23.93
CA ILE A 523 9.09 7.39 24.40
C ILE A 523 10.07 7.28 23.22
N LEU A 524 10.78 8.39 22.96
CA LEU A 524 11.70 8.51 21.82
C LEU A 524 13.14 8.79 22.25
N ASP A 525 14.11 8.35 21.45
CA ASP A 525 15.52 8.55 21.77
C ASP A 525 15.99 9.97 21.48
N HIS A 526 16.86 10.48 22.34
CA HIS A 526 17.38 11.84 22.21
C HIS A 526 18.88 11.86 21.91
N ILE B 42 42.01 26.42 -18.95
CA ILE B 42 40.97 25.68 -18.23
C ILE B 42 39.58 26.15 -18.65
N ARG B 43 39.51 27.40 -19.10
CA ARG B 43 38.24 27.99 -19.49
C ARG B 43 37.75 27.36 -20.80
N GLN B 44 38.65 27.26 -21.78
CA GLN B 44 38.31 26.72 -23.08
C GLN B 44 38.79 25.28 -23.26
N GLU B 45 39.49 24.74 -22.27
CA GLU B 45 39.88 23.33 -22.29
C GLU B 45 38.67 22.44 -22.04
N LEU B 46 38.03 22.64 -20.88
CA LEU B 46 36.85 21.87 -20.49
C LEU B 46 35.75 22.05 -21.54
N GLU B 47 35.72 23.21 -22.17
CA GLU B 47 34.77 23.49 -23.24
C GLU B 47 34.94 22.53 -24.42
N LEU B 48 36.15 22.49 -24.97
CA LEU B 48 36.47 21.59 -26.08
C LEU B 48 36.28 20.15 -25.60
N SER B 49 36.58 19.89 -24.33
CA SER B 49 36.32 18.58 -23.73
C SER B 49 34.82 18.25 -23.81
N VAL B 50 33.99 19.27 -23.63
CA VAL B 50 32.55 19.11 -23.88
C VAL B 50 32.23 18.97 -25.37
N LYS B 51 32.91 19.75 -26.22
CA LYS B 51 32.66 19.68 -27.66
C LYS B 51 32.99 18.29 -28.21
N LYS B 52 33.98 17.62 -27.63
CA LYS B 52 34.30 16.26 -28.07
C LYS B 52 33.32 15.18 -27.61
N GLU B 53 32.33 15.51 -26.78
CA GLU B 53 31.38 14.51 -26.28
C GLU B 53 30.13 14.42 -27.16
N LEU B 54 29.74 15.55 -27.75
CA LEU B 54 28.59 15.58 -28.63
C LEU B 54 28.91 14.88 -29.95
N GLU B 55 30.21 14.86 -30.31
CA GLU B 55 30.66 14.12 -31.48
C GLU B 55 30.36 12.64 -31.29
N LYS B 56 30.45 12.19 -30.05
CA LYS B 56 30.16 10.80 -29.70
C LYS B 56 28.66 10.58 -29.58
N ILE B 57 27.87 11.63 -29.78
CA ILE B 57 26.43 11.51 -29.86
C ILE B 57 25.98 11.63 -31.31
N LEU B 58 26.69 12.45 -32.09
CA LEU B 58 26.41 12.58 -33.51
C LEU B 58 26.56 11.26 -34.25
N THR B 59 27.46 10.40 -33.77
CA THR B 59 27.66 9.07 -34.35
C THR B 59 26.36 8.29 -34.32
N THR B 60 25.60 8.44 -33.24
CA THR B 60 24.35 7.72 -33.16
C THR B 60 23.38 8.57 -33.93
N ALA B 61 22.93 8.06 -35.08
CA ALA B 61 21.95 8.77 -35.88
C ALA B 61 21.17 7.82 -36.77
N SER B 62 19.94 8.20 -37.10
CA SER B 62 19.18 7.51 -38.13
C SER B 62 19.85 7.71 -39.47
N SER B 63 20.31 8.94 -39.67
CA SER B 63 20.84 9.46 -40.92
C SER B 63 19.68 9.99 -41.75
N HIS B 64 18.46 9.68 -41.33
CA HIS B 64 17.29 10.36 -41.85
C HIS B 64 17.35 11.80 -41.37
N GLU B 65 17.68 11.96 -40.09
CA GLU B 65 17.73 13.28 -39.46
C GLU B 65 19.13 13.69 -38.99
N PHE B 66 20.14 12.95 -39.41
CA PHE B 66 21.51 13.22 -38.98
C PHE B 66 21.79 14.72 -39.16
N GLU B 67 21.47 15.23 -40.34
CA GLU B 67 21.78 16.62 -40.68
C GLU B 67 20.90 17.64 -39.93
N HIS B 68 19.77 17.18 -39.36
CA HIS B 68 18.96 18.05 -38.51
C HIS B 68 19.42 17.91 -37.05
N THR B 69 19.84 16.70 -36.67
CA THR B 69 20.42 16.51 -35.34
C THR B 69 21.70 17.33 -35.19
N LYS B 70 22.40 17.50 -36.31
CA LYS B 70 23.56 18.39 -36.37
C LYS B 70 23.26 19.82 -35.88
N LYS B 71 22.32 20.49 -36.55
CA LYS B 71 22.02 21.90 -36.28
C LYS B 71 21.76 22.19 -34.80
N ASP B 72 20.95 21.35 -34.18
CA ASP B 72 20.59 21.53 -32.78
C ASP B 72 21.85 21.56 -31.91
N LEU B 73 22.69 20.54 -32.08
CA LEU B 73 23.93 20.45 -31.32
C LEU B 73 24.84 21.65 -31.61
N ASP B 74 24.86 22.09 -32.87
CA ASP B 74 25.57 23.32 -33.22
C ASP B 74 25.03 24.57 -32.49
N GLY B 75 23.71 24.68 -32.40
CA GLY B 75 23.12 25.80 -31.67
C GLY B 75 23.52 25.71 -30.21
N PHE B 76 23.40 24.50 -29.64
CA PHE B 76 23.81 24.22 -28.27
C PHE B 76 25.28 24.57 -27.96
N ARG B 77 26.19 24.14 -28.81
CA ARG B 77 27.60 24.47 -28.61
C ARG B 77 27.76 25.99 -28.69
N LYS B 78 27.06 26.63 -29.63
CA LYS B 78 27.11 28.09 -29.71
C LYS B 78 26.63 28.77 -28.42
N LEU B 79 25.54 28.27 -27.85
CA LEU B 79 25.05 28.77 -26.56
C LEU B 79 26.07 28.59 -25.45
N PHE B 80 26.58 27.37 -25.34
CA PHE B 80 27.58 27.03 -24.35
C PHE B 80 28.82 27.90 -24.49
N HIS B 81 29.15 28.25 -25.74
CA HIS B 81 30.24 29.18 -26.00
C HIS B 81 30.06 30.48 -25.24
N ARG B 82 28.84 31.03 -25.28
CA ARG B 82 28.57 32.30 -24.63
C ARG B 82 28.23 32.11 -23.16
N PHE B 83 27.80 30.90 -22.80
CA PHE B 83 27.50 30.59 -21.40
C PHE B 83 28.74 30.78 -20.52
N LEU B 84 29.91 30.58 -21.12
CA LEU B 84 31.18 30.76 -20.40
C LEU B 84 31.83 32.09 -20.78
N GLN B 85 31.42 32.65 -21.90
CA GLN B 85 31.94 33.92 -22.37
C GLN B 85 31.71 35.00 -21.31
N GLU B 86 30.50 35.01 -20.75
CA GLU B 86 30.08 36.04 -19.81
C GLU B 86 29.64 35.45 -18.48
N LYS B 87 30.54 35.48 -17.50
CA LYS B 87 30.20 35.30 -16.11
C LYS B 87 30.56 36.59 -15.36
N GLY B 88 30.87 37.64 -16.12
CA GLY B 88 31.31 38.91 -15.56
C GLY B 88 30.15 39.83 -15.28
N PRO B 89 30.40 41.16 -15.26
CA PRO B 89 29.25 42.03 -14.99
C PRO B 89 28.20 41.91 -16.09
N SER B 90 26.93 41.98 -15.71
CA SER B 90 25.83 41.75 -16.63
C SER B 90 25.18 43.08 -17.04
N VAL B 91 24.94 43.95 -16.07
CA VAL B 91 24.25 45.21 -16.37
C VAL B 91 24.76 46.37 -15.54
N ASP B 92 24.92 47.51 -16.21
CA ASP B 92 25.38 48.72 -15.56
C ASP B 92 24.29 49.13 -14.56
N TRP B 93 24.71 49.78 -13.48
CA TRP B 93 23.81 50.09 -12.40
C TRP B 93 22.76 51.00 -12.93
N GLY B 94 21.55 50.81 -12.45
CA GLY B 94 20.50 51.77 -12.64
C GLY B 94 19.74 51.64 -13.93
N LYS B 95 20.11 50.71 -14.77
CA LYS B 95 19.26 50.35 -15.90
C LYS B 95 19.21 51.18 -17.18
N ILE B 96 20.03 52.18 -17.41
CA ILE B 96 20.29 53.32 -16.59
C ILE B 96 19.00 54.16 -16.50
N GLN B 97 18.16 54.13 -17.53
CA GLN B 97 16.95 54.98 -17.56
C GLN B 97 15.62 54.31 -17.94
N ARG B 98 14.54 54.81 -17.34
CA ARG B 98 13.20 54.33 -17.64
C ARG B 98 12.87 54.67 -19.08
N PRO B 99 12.05 53.84 -19.76
CA PRO B 99 11.84 54.14 -21.18
C PRO B 99 11.13 55.47 -21.35
N PRO B 100 11.39 56.16 -22.48
CA PRO B 100 10.70 57.43 -22.68
C PRO B 100 9.22 57.17 -22.86
N GLU B 101 8.42 58.23 -22.73
CA GLU B 101 6.98 58.10 -22.71
C GLU B 101 6.43 57.75 -24.09
N ASP B 102 7.19 58.05 -25.12
CA ASP B 102 6.79 57.74 -26.49
C ASP B 102 7.27 56.35 -26.93
N SER B 103 8.06 55.69 -26.08
CA SER B 103 8.53 54.34 -26.36
C SER B 103 7.56 53.27 -25.88
N ILE B 104 6.66 53.64 -24.98
CA ILE B 104 5.60 52.74 -24.54
C ILE B 104 4.29 53.50 -24.57
N GLN B 105 3.46 53.21 -25.57
CA GLN B 105 2.22 53.96 -25.78
C GLN B 105 1.02 53.23 -25.19
N PRO B 106 0.03 53.97 -24.65
CA PRO B 106 -1.15 53.31 -24.08
C PRO B 106 -2.12 52.82 -25.13
N TYR B 107 -2.62 51.60 -24.97
CA TYR B 107 -3.49 50.97 -25.97
C TYR B 107 -4.70 51.83 -26.30
N GLU B 108 -5.09 52.69 -25.36
CA GLU B 108 -6.24 53.57 -25.58
C GLU B 108 -5.93 54.59 -26.66
N LYS B 109 -4.70 55.12 -26.63
CA LYS B 109 -4.26 56.09 -27.62
C LYS B 109 -4.13 55.42 -28.99
N ILE B 110 -3.96 54.10 -29.00
CA ILE B 110 -3.90 53.36 -30.25
C ILE B 110 -5.30 53.06 -30.76
N LYS B 111 -6.19 52.69 -29.85
CA LYS B 111 -7.58 52.52 -30.20
C LYS B 111 -8.16 53.89 -30.54
N ALA B 112 -7.49 54.94 -30.07
CA ALA B 112 -7.85 56.31 -30.38
C ALA B 112 -7.74 56.66 -31.88
N ARG B 113 -6.71 56.14 -32.55
CA ARG B 113 -6.47 56.48 -33.95
C ARG B 113 -7.41 55.68 -34.83
N GLY B 114 -8.29 54.93 -34.19
CA GLY B 114 -9.26 54.12 -34.87
C GLY B 114 -8.76 52.79 -35.37
N LEU B 115 -9.61 52.16 -36.17
CA LEU B 115 -9.33 50.85 -36.70
C LEU B 115 -9.19 50.99 -38.22
N PRO B 116 -8.52 50.03 -38.87
CA PRO B 116 -7.99 50.23 -40.22
C PRO B 116 -9.13 50.23 -41.24
N ASP B 117 -9.03 50.93 -42.36
CA ASP B 117 -9.99 50.74 -43.43
C ASP B 117 -9.68 49.40 -44.07
N ASN B 118 -10.68 48.69 -44.56
CA ASN B 118 -10.42 47.47 -45.29
C ASN B 118 -9.54 46.54 -44.51
N ILE B 119 -10.08 45.87 -43.52
CA ILE B 119 -9.27 45.03 -42.70
C ILE B 119 -8.63 43.97 -43.56
N SER B 120 -9.43 43.37 -44.41
CA SER B 120 -8.97 42.21 -45.17
C SER B 120 -7.51 42.41 -45.60
N SER B 121 -7.21 43.60 -46.10
CA SER B 121 -5.85 43.96 -46.45
C SER B 121 -4.88 43.74 -45.30
N VAL B 122 -5.27 44.19 -44.11
CA VAL B 122 -4.37 44.11 -42.98
C VAL B 122 -4.32 42.69 -42.41
N LEU B 123 -5.45 41.98 -42.43
CA LEU B 123 -5.46 40.61 -41.95
C LEU B 123 -4.64 39.72 -42.87
N ASN B 124 -4.75 39.95 -44.19
CA ASN B 124 -4.10 39.09 -45.16
C ASN B 124 -2.58 39.24 -45.18
N LYS B 125 -2.06 40.10 -44.31
CA LYS B 125 -0.62 40.33 -44.21
C LYS B 125 -0.11 39.87 -42.85
N LEU B 126 -0.96 39.17 -42.11
CA LEU B 126 -0.64 38.71 -40.76
C LEU B 126 -0.55 37.20 -40.67
N VAL B 127 0.32 36.71 -39.81
CA VAL B 127 0.39 35.28 -39.47
C VAL B 127 0.31 35.10 -37.95
N VAL B 128 -0.59 34.22 -37.50
CA VAL B 128 -0.78 33.97 -36.07
C VAL B 128 0.10 32.82 -35.57
N VAL B 129 0.96 33.09 -34.61
CA VAL B 129 1.86 32.07 -34.05
C VAL B 129 1.61 31.80 -32.57
N LYS B 130 1.20 30.56 -32.29
CA LYS B 130 0.94 30.08 -30.93
C LYS B 130 2.08 29.19 -30.48
N LEU B 131 2.69 29.54 -29.37
CA LEU B 131 3.69 28.71 -28.75
C LEU B 131 3.01 27.49 -28.15
N ASN B 132 3.39 26.30 -28.63
CA ASN B 132 2.74 25.05 -28.23
C ASN B 132 3.76 24.01 -27.78
N GLY B 133 4.64 24.40 -26.87
CA GLY B 133 5.77 23.57 -26.52
C GLY B 133 5.68 22.93 -25.15
N GLY B 134 4.62 23.28 -24.40
CA GLY B 134 4.48 22.82 -23.03
C GLY B 134 3.51 21.67 -22.84
N LEU B 135 3.56 21.05 -21.67
CA LEU B 135 2.66 19.95 -21.34
C LEU B 135 1.79 20.32 -20.16
N GLY B 136 0.80 19.48 -19.88
CA GLY B 136 -0.12 19.73 -18.78
C GLY B 136 0.29 19.00 -17.53
N THR B 137 1.59 18.82 -17.33
CA THR B 137 2.06 18.09 -16.17
C THR B 137 1.87 18.95 -14.93
N SER B 138 1.93 20.27 -15.10
CA SER B 138 1.63 21.16 -14.00
C SER B 138 0.18 20.97 -13.57
N MET B 139 -0.72 20.88 -14.55
CA MET B 139 -2.15 20.69 -14.29
C MET B 139 -2.48 19.20 -14.17
N GLY B 140 -1.45 18.36 -14.24
CA GLY B 140 -1.63 16.96 -13.99
C GLY B 140 -2.13 16.13 -15.16
N CYS B 141 -2.20 16.72 -16.36
CA CYS B 141 -2.60 15.95 -17.54
C CYS B 141 -1.39 15.55 -18.36
N LYS B 142 -1.48 14.36 -18.92
CA LYS B 142 -0.34 13.68 -19.55
C LYS B 142 0.19 14.35 -20.82
N GLY B 143 -0.72 14.76 -21.70
CA GLY B 143 -0.36 15.24 -23.01
C GLY B 143 -0.03 16.73 -23.06
N PRO B 144 -0.05 17.30 -24.28
CA PRO B 144 0.21 18.73 -24.44
C PRO B 144 -0.80 19.57 -23.69
N LYS B 145 -0.36 20.71 -23.17
CA LYS B 145 -1.23 21.59 -22.42
C LYS B 145 -2.33 22.12 -23.32
N SER B 146 -1.97 22.34 -24.58
CA SER B 146 -2.88 22.94 -25.55
C SER B 146 -4.09 22.05 -25.85
N LEU B 147 -4.06 20.80 -25.37
CA LEU B 147 -5.12 19.83 -25.66
C LEU B 147 -6.04 19.58 -24.46
N ILE B 148 -5.73 20.21 -23.33
CA ILE B 148 -6.61 20.20 -22.17
C ILE B 148 -7.89 20.98 -22.45
N GLY B 149 -9.03 20.38 -22.16
CA GLY B 149 -10.31 21.07 -22.33
C GLY B 149 -10.43 22.21 -21.34
N VAL B 150 -10.97 23.34 -21.80
CA VAL B 150 -11.06 24.56 -20.99
C VAL B 150 -12.48 25.09 -20.83
N ARG B 151 -13.34 24.87 -21.81
CA ARG B 151 -14.74 25.25 -21.67
C ARG B 151 -15.63 24.60 -22.72
N ASN B 152 -16.67 23.92 -22.24
CA ASN B 152 -17.66 23.28 -23.11
C ASN B 152 -17.00 22.38 -24.14
N GLU B 153 -16.18 21.46 -23.66
CA GLU B 153 -15.55 20.45 -24.50
C GLU B 153 -14.57 21.05 -25.51
N ASN B 154 -14.39 22.37 -25.47
CA ASN B 154 -13.40 23.04 -26.31
C ASN B 154 -12.04 23.09 -25.61
N THR B 155 -10.98 22.74 -26.34
CA THR B 155 -9.63 22.88 -25.80
C THR B 155 -9.01 24.17 -26.31
N PHE B 156 -7.89 24.57 -25.72
CA PHE B 156 -7.21 25.81 -26.09
C PHE B 156 -7.09 25.97 -27.62
N LEU B 157 -6.67 24.88 -28.27
CA LEU B 157 -6.49 24.86 -29.70
C LEU B 157 -7.83 25.09 -30.40
N ASP B 158 -8.88 24.46 -29.88
CA ASP B 158 -10.21 24.61 -30.47
C ASP B 158 -10.61 26.07 -30.48
N LEU B 159 -10.33 26.74 -29.37
CA LEU B 159 -10.65 28.16 -29.23
C LEU B 159 -9.89 28.98 -30.27
N THR B 160 -8.57 28.83 -30.28
CA THR B 160 -7.75 29.56 -31.24
C THR B 160 -8.26 29.34 -32.67
N VAL B 161 -8.48 28.07 -33.00
CA VAL B 161 -9.00 27.72 -34.31
C VAL B 161 -10.32 28.45 -34.54
N GLN B 162 -11.24 28.35 -33.59
CA GLN B 162 -12.54 29.03 -33.71
C GLN B 162 -12.36 30.51 -34.02
N GLN B 163 -11.48 31.15 -33.27
CA GLN B 163 -11.22 32.57 -33.45
C GLN B 163 -10.81 32.88 -34.88
N ILE B 164 -9.71 32.28 -35.31
CA ILE B 164 -9.22 32.58 -36.65
C ILE B 164 -10.19 32.12 -37.75
N GLU B 165 -10.90 31.02 -37.48
CA GLU B 165 -11.93 30.49 -38.35
C GLU B 165 -12.97 31.58 -38.56
N HIS B 166 -13.33 32.26 -37.47
CA HIS B 166 -14.33 33.32 -37.56
C HIS B 166 -13.80 34.62 -38.18
N LEU B 167 -12.56 34.99 -37.87
CA LEU B 167 -11.96 36.13 -38.56
C LEU B 167 -12.07 35.92 -40.06
N ASN B 168 -11.62 34.76 -40.50
CA ASN B 168 -11.65 34.44 -41.92
C ASN B 168 -13.07 34.42 -42.47
N LYS B 169 -13.99 33.76 -41.78
CA LYS B 169 -15.35 33.73 -42.31
C LYS B 169 -16.03 35.10 -42.36
N THR B 170 -15.89 35.92 -41.32
CA THR B 170 -16.58 37.22 -41.28
C THR B 170 -15.93 38.27 -42.16
N TYR B 171 -14.60 38.24 -42.26
CA TYR B 171 -13.89 39.19 -43.10
C TYR B 171 -13.48 38.60 -44.46
N ASN B 172 -13.88 37.36 -44.71
CA ASN B 172 -13.62 36.72 -46.00
C ASN B 172 -12.13 36.75 -46.35
N THR B 173 -11.29 36.34 -45.41
CA THR B 173 -9.85 36.26 -45.61
C THR B 173 -9.33 34.84 -45.37
N ASP B 174 -8.01 34.70 -45.35
CA ASP B 174 -7.37 33.43 -45.05
C ASP B 174 -6.12 33.65 -44.21
N VAL B 175 -6.32 33.84 -42.92
CA VAL B 175 -5.22 33.97 -41.97
C VAL B 175 -4.69 32.58 -41.60
N PRO B 176 -3.37 32.39 -41.66
CA PRO B 176 -2.78 31.10 -41.28
C PRO B 176 -2.49 30.98 -39.79
N LEU B 177 -2.62 29.78 -39.25
CA LEU B 177 -2.28 29.51 -37.86
C LEU B 177 -1.06 28.61 -37.80
N VAL B 178 0.00 29.06 -37.11
CA VAL B 178 1.24 28.31 -37.03
C VAL B 178 1.46 27.85 -35.60
N LEU B 179 1.54 26.54 -35.36
CA LEU B 179 1.79 26.03 -34.01
C LEU B 179 3.25 25.66 -33.80
N MET B 180 3.99 26.43 -33.00
CA MET B 180 5.36 26.05 -32.70
C MET B 180 5.33 24.90 -31.71
N ASN B 181 5.81 23.73 -32.13
CA ASN B 181 5.72 22.54 -31.30
C ASN B 181 7.03 22.22 -30.61
N SER B 182 6.98 21.19 -29.77
CA SER B 182 8.15 20.64 -29.11
C SER B 182 8.18 19.13 -29.35
N PHE B 183 9.30 18.48 -29.10
CA PHE B 183 9.37 17.03 -29.29
C PHE B 183 8.41 16.31 -28.34
N ASN B 184 8.01 16.99 -27.27
CA ASN B 184 7.06 16.44 -26.32
C ASN B 184 5.60 16.56 -26.78
N THR B 185 5.34 17.53 -27.67
CA THR B 185 3.98 17.89 -28.05
C THR B 185 3.67 17.71 -29.52
N ASP B 186 4.71 17.68 -30.35
CA ASP B 186 4.55 17.65 -31.80
C ASP B 186 3.64 16.50 -32.26
N GLU B 187 4.02 15.27 -31.92
CA GLU B 187 3.31 14.08 -32.40
C GLU B 187 1.87 14.04 -31.91
N ASP B 188 1.72 14.14 -30.59
CA ASP B 188 0.41 14.19 -29.96
C ASP B 188 -0.44 15.27 -30.63
N THR B 189 0.19 16.39 -30.98
CA THR B 189 -0.49 17.52 -31.61
C THR B 189 -0.90 17.18 -33.04
N LYS B 190 0.01 16.57 -33.77
CA LYS B 190 -0.23 16.23 -35.17
C LYS B 190 -1.35 15.20 -35.31
N LYS B 191 -1.42 14.27 -34.37
CA LYS B 191 -2.48 13.26 -34.38
C LYS B 191 -3.89 13.86 -34.43
N ILE B 192 -4.13 14.88 -33.61
CA ILE B 192 -5.49 15.43 -33.45
C ILE B 192 -5.82 16.59 -34.39
N LEU B 193 -4.86 16.98 -35.22
CA LEU B 193 -5.05 18.10 -36.13
C LEU B 193 -6.01 17.79 -37.28
N GLN B 194 -6.58 16.59 -37.29
CA GLN B 194 -7.52 16.17 -38.34
C GLN B 194 -8.91 16.78 -38.15
N LYS B 195 -9.23 17.16 -36.91
CA LYS B 195 -10.55 17.69 -36.60
C LYS B 195 -10.84 18.98 -37.38
N TYR B 196 -9.82 19.82 -37.52
CA TYR B 196 -9.99 21.11 -38.16
C TYR B 196 -9.88 21.02 -39.67
N ASN B 197 -10.00 19.80 -40.19
CA ASN B 197 -9.96 19.56 -41.62
C ASN B 197 -11.01 20.38 -42.40
N HIS B 198 -12.24 20.44 -41.88
CA HIS B 198 -13.32 21.17 -42.52
C HIS B 198 -13.36 22.63 -42.08
N CYS B 199 -12.69 22.89 -40.96
CA CYS B 199 -12.54 24.24 -40.39
C CYS B 199 -11.72 25.15 -41.33
N ARG B 200 -12.14 26.40 -41.46
CA ARG B 200 -11.49 27.35 -42.38
C ARG B 200 -10.26 28.03 -41.76
N VAL B 201 -9.17 27.29 -41.67
CA VAL B 201 -7.90 27.86 -41.24
C VAL B 201 -6.78 26.92 -41.65
N LYS B 202 -5.78 27.46 -42.33
CA LYS B 202 -4.61 26.66 -42.71
C LYS B 202 -3.70 26.52 -41.49
N ILE B 203 -3.79 25.37 -40.82
CA ILE B 203 -3.00 25.11 -39.63
C ILE B 203 -1.66 24.46 -39.99
N TYR B 204 -0.59 25.22 -39.75
CA TYR B 204 0.78 24.78 -39.96
C TYR B 204 1.49 24.49 -38.67
N THR B 205 2.69 23.93 -38.79
CA THR B 205 3.44 23.46 -37.64
C THR B 205 4.93 23.44 -37.94
N PHE B 206 5.72 23.59 -36.89
CA PHE B 206 7.15 23.42 -36.99
C PHE B 206 7.69 23.10 -35.60
N ASN B 207 8.64 22.18 -35.54
CA ASN B 207 9.20 21.70 -34.30
C ASN B 207 10.39 22.51 -33.82
N GLN B 208 10.30 22.95 -32.57
CA GLN B 208 11.37 23.64 -31.88
C GLN B 208 12.63 22.77 -31.84
N SER B 209 13.78 23.33 -31.47
CA SER B 209 14.99 22.51 -31.37
C SER B 209 14.92 21.53 -30.22
N ARG B 210 15.99 20.74 -30.09
CA ARG B 210 16.09 19.72 -29.06
C ARG B 210 17.51 19.66 -28.52
N TYR B 211 17.72 20.12 -27.30
CA TYR B 211 19.07 20.22 -26.76
C TYR B 211 19.35 19.24 -25.60
N PRO B 212 20.60 18.75 -25.50
CA PRO B 212 21.07 17.97 -24.36
C PRO B 212 20.98 18.69 -23.05
N ARG B 213 20.55 17.99 -22.00
CA ARG B 213 20.71 18.49 -20.64
C ARG B 213 22.16 18.26 -20.28
N ILE B 214 22.71 19.18 -19.49
CA ILE B 214 24.12 19.12 -19.09
C ILE B 214 24.19 19.02 -17.56
N ASN B 215 25.18 18.29 -17.07
CA ASN B 215 25.35 18.10 -15.62
C ASN B 215 25.74 19.40 -14.93
N LYS B 216 25.24 19.61 -13.71
CA LYS B 216 25.49 20.84 -12.97
C LYS B 216 26.96 20.97 -12.54
N GLU B 217 27.52 19.88 -12.02
CA GLU B 217 28.86 19.94 -11.44
C GLU B 217 29.97 19.84 -12.48
N SER B 218 29.88 18.85 -13.36
CA SER B 218 30.92 18.60 -14.34
C SER B 218 30.74 19.44 -15.61
N LEU B 219 29.53 19.95 -15.80
CA LEU B 219 29.15 20.71 -16.99
C LEU B 219 29.43 19.91 -18.26
N LEU B 220 28.99 18.65 -18.25
CA LEU B 220 29.07 17.79 -19.42
C LEU B 220 27.69 17.20 -19.74
N PRO B 221 27.41 16.93 -21.03
CA PRO B 221 26.09 16.42 -21.42
C PRO B 221 25.74 15.09 -20.79
N VAL B 222 24.61 15.02 -20.10
CA VAL B 222 24.19 13.83 -19.39
C VAL B 222 23.78 12.71 -20.34
N ALA B 223 23.24 13.10 -21.49
CA ALA B 223 22.71 12.15 -22.45
C ALA B 223 23.79 11.24 -23.05
N LYS B 224 23.60 9.93 -22.90
CA LYS B 224 24.43 8.96 -23.60
C LYS B 224 24.11 9.06 -25.08
N ASP B 225 24.91 8.39 -25.91
CA ASP B 225 24.82 8.54 -27.35
C ASP B 225 23.40 8.23 -27.86
N VAL B 226 22.74 7.27 -27.21
CA VAL B 226 21.39 6.88 -27.63
C VAL B 226 20.43 8.05 -27.49
N SER B 227 19.30 7.97 -28.19
CA SER B 227 18.32 9.04 -28.19
C SER B 227 16.90 8.51 -28.33
N TYR B 228 15.96 9.17 -27.65
CA TYR B 228 14.53 9.02 -27.90
C TYR B 228 13.96 7.65 -27.47
N SER B 229 14.80 6.78 -26.90
CA SER B 229 14.31 5.52 -26.33
C SER B 229 13.18 5.78 -25.33
N GLY B 230 13.36 6.83 -24.53
CA GLY B 230 12.46 7.13 -23.43
C GLY B 230 13.28 7.22 -22.16
N GLU B 231 14.25 6.33 -22.04
CA GLU B 231 15.18 6.32 -20.92
C GLU B 231 16.09 7.55 -20.97
N ASN B 232 16.19 8.16 -22.14
CA ASN B 232 17.04 9.32 -22.36
C ASN B 232 16.25 10.60 -22.59
N THR B 233 14.94 10.48 -22.79
CA THR B 233 14.07 11.64 -22.97
C THR B 233 14.20 12.58 -21.78
N GLU B 234 14.53 12.02 -20.63
CA GLU B 234 14.79 12.80 -19.43
C GLU B 234 16.05 13.63 -19.58
N ALA B 235 16.89 13.27 -20.56
CA ALA B 235 18.16 13.94 -20.77
C ALA B 235 18.14 14.87 -21.98
N TRP B 236 16.94 15.22 -22.43
CA TRP B 236 16.75 16.20 -23.50
C TRP B 236 15.75 17.28 -23.08
N TYR B 237 15.95 18.49 -23.58
CA TYR B 237 15.13 19.63 -23.18
C TYR B 237 15.00 20.56 -24.39
N PRO B 238 13.85 21.25 -24.53
CA PRO B 238 13.83 22.34 -25.50
C PRO B 238 14.33 23.62 -24.87
N PRO B 239 15.22 24.33 -25.52
CA PRO B 239 15.51 25.71 -25.14
C PRO B 239 14.18 26.41 -25.32
N GLY B 240 13.78 27.25 -24.39
CA GLY B 240 12.39 27.63 -24.33
C GLY B 240 11.61 28.42 -25.36
N HIS B 241 12.13 29.56 -25.82
CA HIS B 241 11.36 30.35 -26.77
C HIS B 241 12.24 31.00 -27.79
N GLY B 242 13.51 31.04 -27.48
CA GLY B 242 14.47 31.74 -28.29
C GLY B 242 14.47 31.14 -29.66
N ASP B 243 14.30 29.83 -29.73
CA ASP B 243 14.52 29.11 -30.95
C ASP B 243 13.59 29.69 -32.00
N ILE B 244 12.40 30.07 -31.61
CA ILE B 244 11.43 30.42 -32.65
C ILE B 244 12.08 31.11 -33.84
N TYR B 245 13.03 31.99 -33.58
CA TYR B 245 13.70 32.69 -34.64
C TYR B 245 14.47 31.72 -35.51
N ALA B 246 15.29 30.87 -34.89
CA ALA B 246 16.07 29.90 -35.64
C ALA B 246 15.15 28.85 -36.25
N SER B 247 14.26 28.33 -35.42
CA SER B 247 13.36 27.26 -35.82
C SER B 247 12.42 27.70 -36.94
N PHE B 248 11.82 28.88 -36.79
CA PHE B 248 10.85 29.35 -37.76
C PHE B 248 11.55 29.63 -39.10
N TYR B 249 12.81 30.01 -39.02
CA TYR B 249 13.61 30.29 -40.22
C TYR B 249 13.99 28.99 -40.92
N ASN B 250 14.59 28.08 -40.15
CA ASN B 250 15.08 26.82 -40.69
C ASN B 250 13.96 25.99 -41.32
N SER B 251 12.75 26.14 -40.80
CA SER B 251 11.61 25.36 -41.26
C SER B 251 11.16 25.80 -42.64
N GLY B 252 11.59 26.99 -43.03
CA GLY B 252 11.27 27.53 -44.34
C GLY B 252 10.00 28.34 -44.39
N LEU B 253 9.19 28.27 -43.33
CA LEU B 253 7.91 28.98 -43.31
C LEU B 253 8.12 30.49 -43.37
N LEU B 254 9.23 30.96 -42.82
CA LEU B 254 9.55 32.39 -42.84
C LEU B 254 9.64 32.88 -44.28
N ASP B 255 10.41 32.16 -45.10
CA ASP B 255 10.57 32.51 -46.50
C ASP B 255 9.27 32.30 -47.28
N THR B 256 8.55 31.23 -46.94
CA THR B 256 7.28 30.94 -47.59
C THR B 256 6.35 32.10 -47.42
N PHE B 257 6.18 32.49 -46.16
CA PHE B 257 5.24 33.53 -45.77
C PHE B 257 5.70 34.89 -46.28
N ILE B 258 6.96 35.25 -46.05
CA ILE B 258 7.45 36.55 -46.50
C ILE B 258 7.26 36.62 -48.00
N GLY B 259 7.43 35.48 -48.67
CA GLY B 259 7.17 35.40 -50.09
C GLY B 259 5.68 35.42 -50.42
N GLU B 260 4.89 34.81 -49.55
CA GLU B 260 3.44 34.73 -49.76
C GLU B 260 2.79 36.11 -49.63
N GLY B 261 3.53 37.06 -49.07
CA GLY B 261 3.06 38.43 -48.94
C GLY B 261 2.67 38.81 -47.53
N LYS B 262 3.30 38.17 -46.55
CA LYS B 262 3.03 38.43 -45.13
C LYS B 262 4.07 39.38 -44.57
N GLU B 263 3.66 40.23 -43.63
CA GLU B 263 4.58 41.21 -43.05
C GLU B 263 4.85 41.01 -41.57
N TYR B 264 3.89 40.41 -40.86
CA TYR B 264 4.03 40.26 -39.42
C TYR B 264 3.55 38.93 -38.87
N ILE B 265 4.25 38.45 -37.84
CA ILE B 265 3.78 37.34 -37.03
C ILE B 265 3.36 37.84 -35.65
N PHE B 266 2.20 37.36 -35.20
CA PHE B 266 1.68 37.67 -33.89
C PHE B 266 1.92 36.47 -32.97
N VAL B 267 2.93 36.59 -32.12
CA VAL B 267 3.34 35.49 -31.26
C VAL B 267 2.67 35.57 -29.90
N SER B 268 2.08 34.46 -29.48
CA SER B 268 1.53 34.38 -28.14
C SER B 268 1.52 32.96 -27.57
N ASN B 269 1.13 32.83 -26.29
CA ASN B 269 1.01 31.50 -25.68
C ASN B 269 -0.36 30.93 -25.94
N ILE B 270 -0.42 29.61 -26.08
CA ILE B 270 -1.65 28.96 -26.49
C ILE B 270 -2.59 28.92 -25.28
N ASP B 271 -2.01 28.92 -24.08
CA ASP B 271 -2.76 28.88 -22.83
C ASP B 271 -3.30 30.26 -22.44
N ASN B 272 -2.71 31.31 -23.00
CA ASN B 272 -3.24 32.66 -22.80
C ASN B 272 -4.52 32.88 -23.61
N LEU B 273 -5.66 32.90 -22.93
CA LEU B 273 -6.95 33.06 -23.60
C LEU B 273 -7.21 34.52 -23.99
N GLY B 274 -6.34 35.42 -23.55
CA GLY B 274 -6.53 36.84 -23.79
C GLY B 274 -5.81 37.31 -25.04
N ALA B 275 -4.87 36.49 -25.50
CA ALA B 275 -4.05 36.83 -26.64
C ALA B 275 -4.83 36.67 -27.94
N THR B 276 -5.79 37.57 -28.16
CA THR B 276 -6.54 37.62 -29.40
C THR B 276 -5.93 38.65 -30.34
N VAL B 277 -6.11 38.46 -31.65
CA VAL B 277 -5.51 39.42 -32.61
C VAL B 277 -6.29 40.74 -32.60
N ASP B 278 -5.61 41.81 -32.22
CA ASP B 278 -6.25 43.13 -32.08
C ASP B 278 -6.12 44.05 -33.30
N LEU B 279 -7.24 44.40 -33.90
CA LEU B 279 -7.23 45.13 -35.15
C LEU B 279 -6.64 46.54 -34.98
N TYR B 280 -6.65 47.06 -33.76
CA TYR B 280 -6.15 48.40 -33.51
C TYR B 280 -4.63 48.38 -33.48
N ILE B 281 -4.06 47.43 -32.75
CA ILE B 281 -2.62 47.24 -32.74
C ILE B 281 -2.17 46.96 -34.18
N LEU B 282 -2.86 46.02 -34.84
CA LEU B 282 -2.58 45.67 -36.23
C LEU B 282 -2.56 46.90 -37.11
N ASN B 283 -3.60 47.72 -36.98
CA ASN B 283 -3.66 48.97 -37.70
C ASN B 283 -2.42 49.81 -37.43
N HIS B 284 -2.07 49.98 -36.16
CA HIS B 284 -0.89 50.75 -35.79
C HIS B 284 0.39 50.13 -36.32
N LEU B 285 0.35 48.83 -36.58
CA LEU B 285 1.49 48.15 -37.18
C LEU B 285 1.62 48.30 -38.69
N MET B 286 0.58 47.95 -39.43
CA MET B 286 0.68 47.91 -40.89
C MET B 286 0.25 49.20 -41.57
N ASN B 287 -0.34 50.11 -40.81
CA ASN B 287 -0.63 51.45 -41.28
C ASN B 287 -0.04 52.46 -40.32
N PRO B 288 1.30 52.46 -40.19
CA PRO B 288 1.99 53.24 -39.16
C PRO B 288 1.97 54.75 -39.41
N PRO B 289 1.79 55.54 -38.34
CA PRO B 289 1.73 57.01 -38.45
C PRO B 289 3.07 57.62 -38.81
N ASN B 290 3.06 58.57 -39.73
CA ASN B 290 4.29 59.19 -40.24
C ASN B 290 5.18 58.18 -40.96
N GLY B 291 4.66 56.98 -41.21
CA GLY B 291 5.39 55.97 -41.97
C GLY B 291 6.54 55.33 -41.24
N LYS B 292 6.51 55.38 -39.91
CA LYS B 292 7.54 54.75 -39.10
C LYS B 292 7.12 53.32 -38.81
N ARG B 293 7.76 52.36 -39.48
CA ARG B 293 7.47 50.94 -39.26
C ARG B 293 8.24 50.36 -38.07
N CYS B 294 7.56 49.54 -37.28
CA CYS B 294 8.16 48.91 -36.10
C CYS B 294 8.45 47.45 -36.38
N GLU B 295 9.71 47.06 -36.25
CA GLU B 295 10.12 45.70 -36.54
C GLU B 295 9.69 44.76 -35.40
N PHE B 296 9.54 45.33 -34.20
CA PHE B 296 9.25 44.54 -33.01
C PHE B 296 8.41 45.33 -32.01
N VAL B 297 7.20 44.85 -31.72
CA VAL B 297 6.38 45.47 -30.68
C VAL B 297 5.78 44.47 -29.72
N MET B 298 6.10 44.64 -28.44
CA MET B 298 5.50 43.81 -27.42
C MET B 298 4.42 44.56 -26.64
N GLU B 299 3.30 43.86 -26.48
CA GLU B 299 2.28 44.28 -25.55
C GLU B 299 2.90 44.18 -24.18
N VAL B 300 2.44 45.04 -23.29
CA VAL B 300 3.00 45.12 -21.96
C VAL B 300 1.82 45.44 -21.07
N THR B 301 1.87 45.09 -19.79
CA THR B 301 0.74 45.42 -18.93
C THR B 301 1.17 45.79 -17.53
N ASN B 302 0.28 46.52 -16.86
CA ASN B 302 0.58 47.06 -15.55
C ASN B 302 0.72 45.94 -14.51
N LYS B 303 1.69 46.12 -13.64
CA LYS B 303 1.97 45.17 -12.57
C LYS B 303 0.97 45.37 -11.44
N THR B 304 0.36 44.27 -11.01
CA THR B 304 -0.30 44.22 -9.71
C THR B 304 0.78 43.82 -8.71
N ARG B 305 0.40 43.58 -7.46
CA ARG B 305 1.41 43.17 -6.48
C ARG B 305 1.78 41.70 -6.75
N ALA B 306 0.85 40.96 -7.33
CA ALA B 306 1.08 39.55 -7.62
C ALA B 306 2.19 39.34 -8.64
N ASP B 307 2.10 40.08 -9.75
CA ASP B 307 3.03 39.91 -10.85
C ASP B 307 4.09 41.00 -10.82
N VAL B 308 4.64 41.24 -9.64
CA VAL B 308 5.77 42.15 -9.48
C VAL B 308 7.06 41.41 -9.83
N LYS B 309 6.96 40.09 -9.97
CA LYS B 309 8.12 39.24 -10.22
C LYS B 309 8.42 39.02 -11.70
N GLY B 310 7.82 39.84 -12.57
CA GLY B 310 8.02 39.71 -14.01
C GLY B 310 9.11 40.62 -14.53
N GLY B 311 9.59 40.32 -15.74
CA GLY B 311 10.57 41.17 -16.41
C GLY B 311 9.94 42.37 -17.08
N THR B 312 10.68 43.47 -17.15
CA THR B 312 10.09 44.71 -17.58
C THR B 312 11.00 45.40 -18.53
N LEU B 313 10.43 46.23 -19.38
CA LEU B 313 11.20 46.92 -20.38
C LEU B 313 12.03 48.01 -19.82
N THR B 314 13.11 48.32 -20.49
CA THR B 314 13.90 49.46 -20.16
C THR B 314 14.71 49.98 -21.30
N GLN B 315 15.15 51.20 -21.08
CA GLN B 315 15.95 51.97 -22.03
C GLN B 315 17.43 51.78 -21.70
N TYR B 316 18.10 50.94 -22.48
CA TYR B 316 19.52 50.66 -22.27
C TYR B 316 20.34 50.85 -23.54
N GLU B 317 21.50 51.48 -23.37
CA GLU B 317 22.43 51.74 -24.46
C GLU B 317 21.72 52.45 -25.62
N GLY B 318 20.70 53.23 -25.29
CA GLY B 318 20.00 54.03 -26.27
C GLY B 318 18.90 53.29 -27.00
N LYS B 319 18.56 52.09 -26.55
CA LYS B 319 17.50 51.31 -27.20
C LYS B 319 16.65 50.55 -26.17
N LEU B 320 15.49 50.08 -26.60
CA LEU B 320 14.54 49.39 -25.71
C LEU B 320 15.00 47.95 -25.47
N ARG B 321 14.96 47.51 -24.22
CA ARG B 321 15.46 46.19 -23.82
C ARG B 321 14.56 45.56 -22.78
N LEU B 322 14.48 44.23 -22.78
CA LEU B 322 13.75 43.50 -21.75
C LEU B 322 14.70 43.03 -20.64
N VAL B 323 14.44 43.49 -19.42
CA VAL B 323 15.27 43.12 -18.28
C VAL B 323 14.50 42.23 -17.34
N GLU B 324 15.11 41.08 -17.02
CA GLU B 324 14.53 40.11 -16.10
C GLU B 324 15.20 40.25 -14.74
N ILE B 325 14.60 39.67 -13.71
CA ILE B 325 15.14 39.80 -12.36
C ILE B 325 16.53 39.18 -12.26
N ALA B 326 16.73 38.07 -12.97
CA ALA B 326 17.98 37.33 -12.90
C ALA B 326 19.19 38.15 -13.34
N GLN B 327 18.94 39.19 -14.14
CA GLN B 327 20.02 40.03 -14.66
C GLN B 327 20.37 41.20 -13.74
N VAL B 328 19.50 41.48 -12.78
CA VAL B 328 19.70 42.62 -11.89
C VAL B 328 20.61 42.26 -10.71
N PRO B 329 21.57 43.14 -10.38
CA PRO B 329 22.39 42.95 -9.18
C PRO B 329 21.55 42.75 -7.91
N LYS B 330 22.17 42.15 -6.89
CA LYS B 330 21.46 41.89 -5.63
C LYS B 330 21.06 43.19 -4.95
N ALA B 331 21.92 44.19 -5.03
CA ALA B 331 21.66 45.45 -4.35
C ALA B 331 20.53 46.22 -5.04
N HIS B 332 20.50 46.15 -6.36
CA HIS B 332 19.54 46.90 -7.17
C HIS B 332 18.23 46.09 -7.38
N VAL B 333 18.11 44.95 -6.71
CA VAL B 333 17.00 44.03 -6.98
C VAL B 333 15.66 44.49 -6.41
N ASP B 334 15.66 45.07 -5.22
CA ASP B 334 14.41 45.49 -4.61
C ASP B 334 13.91 46.77 -5.31
N GLU B 335 14.84 47.60 -5.75
CA GLU B 335 14.48 48.80 -6.50
C GLU B 335 13.89 48.43 -7.87
N PHE B 336 14.22 47.23 -8.32
CA PHE B 336 13.73 46.75 -9.60
C PHE B 336 12.28 46.30 -9.50
N LYS B 337 11.90 45.80 -8.32
CA LYS B 337 10.52 45.38 -8.10
C LYS B 337 9.61 46.56 -7.79
N SER B 338 10.21 47.70 -7.46
CA SER B 338 9.45 48.91 -7.12
C SER B 338 8.53 49.33 -8.26
N VAL B 339 7.23 49.35 -7.99
CA VAL B 339 6.25 49.70 -9.00
C VAL B 339 6.25 51.20 -9.27
N SER B 340 6.91 51.95 -8.41
CA SER B 340 7.10 53.36 -8.65
C SER B 340 8.11 53.57 -9.78
N LYS B 341 9.12 52.71 -9.84
CA LYS B 341 10.14 52.80 -10.88
C LYS B 341 9.72 52.08 -12.16
N PHE B 342 9.08 50.92 -12.00
CA PHE B 342 8.75 50.04 -13.14
C PHE B 342 7.31 49.57 -13.10
N LYS B 343 6.49 50.22 -13.91
CA LYS B 343 5.04 50.13 -13.77
C LYS B 343 4.47 48.98 -14.58
N ILE B 344 5.30 48.32 -15.37
CA ILE B 344 4.81 47.39 -16.38
C ILE B 344 5.67 46.14 -16.52
N PHE B 345 5.04 45.05 -16.95
CA PHE B 345 5.76 43.82 -17.21
C PHE B 345 5.30 43.23 -18.53
N ASN B 346 6.13 42.33 -19.06
CA ASN B 346 5.92 41.72 -20.36
C ASN B 346 4.75 40.75 -20.37
N THR B 347 3.84 40.92 -21.31
CA THR B 347 2.71 40.01 -21.45
C THR B 347 3.05 38.87 -22.41
N ASN B 348 4.21 38.94 -23.04
CA ASN B 348 4.63 37.94 -24.00
C ASN B 348 3.62 37.73 -25.15
N ASN B 349 2.91 38.80 -25.48
CA ASN B 349 2.13 38.87 -26.71
C ASN B 349 2.86 39.77 -27.69
N LEU B 350 3.62 39.17 -28.59
CA LEU B 350 4.51 39.95 -29.44
C LEU B 350 4.00 40.05 -30.87
N TRP B 351 4.30 41.18 -31.52
CA TRP B 351 4.14 41.31 -32.97
C TRP B 351 5.50 41.61 -33.58
N ILE B 352 5.94 40.71 -34.47
CA ILE B 352 7.28 40.80 -35.07
C ILE B 352 7.20 40.81 -36.59
N SER B 353 8.11 41.56 -37.24
CA SER B 353 8.15 41.62 -38.70
C SER B 353 9.03 40.53 -39.28
N LEU B 354 8.43 39.72 -40.16
CA LEU B 354 9.13 38.62 -40.81
C LEU B 354 10.40 39.13 -41.49
N ALA B 355 10.29 40.32 -42.06
CA ALA B 355 11.41 40.94 -42.77
C ALA B 355 12.63 41.06 -41.86
N ALA B 356 12.45 41.73 -40.73
CA ALA B 356 13.53 41.95 -39.79
C ALA B 356 14.04 40.63 -39.21
N VAL B 357 13.13 39.69 -38.94
CA VAL B 357 13.54 38.37 -38.49
C VAL B 357 14.49 37.76 -39.50
N LYS B 358 14.10 37.75 -40.77
CA LYS B 358 14.94 37.18 -41.80
C LYS B 358 16.30 37.89 -41.83
N ARG B 359 16.27 39.21 -41.93
CA ARG B 359 17.51 39.98 -41.99
C ARG B 359 18.44 39.68 -40.83
N LEU B 360 17.89 39.74 -39.62
CA LEU B 360 18.70 39.58 -38.42
C LEU B 360 19.21 38.16 -38.29
N GLN B 361 18.32 37.18 -38.50
CA GLN B 361 18.70 35.78 -38.38
C GLN B 361 19.77 35.46 -39.39
N GLU B 362 19.63 35.99 -40.59
CA GLU B 362 20.63 35.81 -41.64
C GLU B 362 22.02 36.18 -41.11
N GLN B 363 22.09 37.23 -40.30
CA GLN B 363 23.37 37.80 -39.86
C GLN B 363 23.76 37.35 -38.46
N ASN B 364 22.92 36.54 -37.83
CA ASN B 364 23.13 36.13 -36.45
C ASN B 364 23.24 37.32 -35.51
N ALA B 365 22.56 38.42 -35.86
CA ALA B 365 22.59 39.66 -35.08
C ALA B 365 21.48 39.69 -34.03
N ILE B 366 20.47 38.84 -34.22
CA ILE B 366 19.43 38.61 -33.22
C ILE B 366 20.10 38.14 -31.93
N ASP B 367 19.80 38.82 -30.82
CA ASP B 367 20.56 38.61 -29.58
C ASP B 367 19.65 38.53 -28.37
N MET B 368 19.92 37.57 -27.50
CA MET B 368 19.12 37.36 -26.31
C MET B 368 20.02 36.87 -25.18
N GLU B 369 19.71 37.30 -23.97
CA GLU B 369 20.47 36.87 -22.80
C GLU B 369 20.33 35.37 -22.60
N ILE B 370 21.28 34.79 -21.88
CA ILE B 370 21.33 33.34 -21.65
C ILE B 370 20.71 32.92 -20.32
N ILE B 371 19.59 32.21 -20.41
CA ILE B 371 18.90 31.71 -19.22
C ILE B 371 19.45 30.35 -18.82
N VAL B 372 20.00 30.26 -17.62
CA VAL B 372 20.58 29.01 -17.14
C VAL B 372 19.66 28.37 -16.08
N ASN B 373 18.77 27.50 -16.54
CA ASN B 373 17.71 26.99 -15.69
C ASN B 373 18.15 25.66 -15.08
N ALA B 374 18.07 25.57 -13.76
CA ALA B 374 18.49 24.38 -13.06
C ALA B 374 17.29 23.53 -12.74
N LYS B 375 17.50 22.22 -12.71
CA LYS B 375 16.46 21.26 -12.43
C LYS B 375 17.03 19.99 -11.86
N THR B 376 16.17 19.22 -11.21
CA THR B 376 16.54 17.94 -10.63
C THR B 376 15.42 16.93 -10.82
N LEU B 377 15.78 15.69 -11.14
CA LEU B 377 14.73 14.66 -11.29
C LEU B 377 15.23 13.22 -11.17
N ASP B 378 14.49 12.27 -11.76
CA ASP B 378 14.45 10.88 -11.30
C ASP B 378 15.84 10.34 -11.00
N GLY B 379 15.99 9.77 -9.81
CA GLY B 379 17.31 9.47 -9.29
C GLY B 379 17.89 10.72 -8.64
N GLY B 380 17.10 11.77 -8.57
CA GLY B 380 17.50 13.03 -7.97
C GLY B 380 18.75 13.58 -8.65
N LEU B 381 18.83 13.40 -9.97
CA LEU B 381 19.94 13.93 -10.76
C LEU B 381 19.77 15.43 -10.90
N ASN B 382 20.87 16.12 -10.65
CA ASN B 382 20.96 17.59 -10.74
C ASN B 382 21.57 18.06 -12.04
N VAL B 383 20.81 18.86 -12.77
CA VAL B 383 21.18 19.26 -14.13
C VAL B 383 20.81 20.71 -14.38
N ILE B 384 21.59 21.36 -15.24
CA ILE B 384 21.26 22.69 -15.74
C ILE B 384 20.89 22.61 -17.21
N GLN B 385 20.13 23.58 -17.66
CA GLN B 385 19.78 23.66 -19.06
C GLN B 385 19.79 25.11 -19.53
N LEU B 386 20.47 25.35 -20.65
CA LEU B 386 20.62 26.67 -21.22
C LEU B 386 19.52 26.98 -22.22
N GLU B 387 18.82 28.10 -22.03
CA GLU B 387 17.75 28.49 -22.93
C GLU B 387 17.74 30.01 -23.09
N THR B 388 16.87 30.51 -23.97
CA THR B 388 16.80 31.94 -24.27
C THR B 388 15.35 32.40 -24.47
N ALA B 389 15.04 33.67 -24.22
CA ALA B 389 13.64 34.11 -24.29
C ALA B 389 13.38 35.01 -25.50
N VAL B 390 12.28 34.73 -26.20
CA VAL B 390 11.90 35.46 -27.41
C VAL B 390 11.81 36.96 -27.14
N GLY B 391 11.29 37.33 -25.99
CA GLY B 391 11.13 38.73 -25.65
C GLY B 391 12.44 39.48 -25.64
N ALA B 392 13.45 38.91 -25.01
CA ALA B 392 14.71 39.59 -24.80
C ALA B 392 15.28 40.11 -26.11
N ALA B 393 14.89 39.47 -27.23
CA ALA B 393 15.40 39.82 -28.55
C ALA B 393 15.02 41.22 -29.00
N ILE B 394 14.06 41.81 -28.29
CA ILE B 394 13.53 43.13 -28.64
C ILE B 394 14.65 44.16 -28.86
N LYS B 395 15.78 43.98 -28.17
CA LYS B 395 16.88 44.94 -28.24
C LYS B 395 17.60 44.94 -29.58
N SER B 396 17.45 43.85 -30.34
CA SER B 396 18.20 43.72 -31.58
C SER B 396 17.40 44.18 -32.81
N PHE B 397 16.22 44.74 -32.58
CA PHE B 397 15.39 45.24 -33.67
C PHE B 397 15.37 46.77 -33.70
N GLU B 398 14.96 47.33 -34.83
CA GLU B 398 14.87 48.78 -34.99
C GLU B 398 13.46 49.24 -34.67
N ASN B 399 13.35 50.40 -34.02
CA ASN B 399 12.06 50.98 -33.68
C ASN B 399 11.22 50.02 -32.86
N SER B 400 11.87 49.33 -31.93
CA SER B 400 11.18 48.45 -31.01
C SER B 400 10.23 49.29 -30.15
N LEU B 401 9.00 48.81 -30.00
CA LEU B 401 7.96 49.58 -29.32
C LEU B 401 7.13 48.75 -28.34
N GLY B 402 7.04 49.21 -27.09
CA GLY B 402 6.12 48.62 -26.14
C GLY B 402 4.74 49.28 -26.18
N ILE B 403 3.67 48.52 -26.01
CA ILE B 403 2.38 49.16 -25.80
C ILE B 403 1.63 48.55 -24.61
N ASN B 404 1.05 49.42 -23.80
CA ASN B 404 0.43 49.04 -22.54
C ASN B 404 -1.01 48.59 -22.72
N VAL B 405 -1.22 47.28 -22.75
CA VAL B 405 -2.55 46.73 -23.01
C VAL B 405 -3.30 46.47 -21.71
N PRO B 406 -4.64 46.50 -21.78
CA PRO B 406 -5.45 46.04 -20.65
C PRO B 406 -5.15 44.58 -20.28
N ARG B 407 -5.37 44.19 -19.04
CA ARG B 407 -5.10 42.81 -18.61
C ARG B 407 -6.08 41.84 -19.28
N SER B 408 -7.15 42.39 -19.84
CA SER B 408 -8.07 41.63 -20.67
C SER B 408 -7.31 40.71 -21.62
N ARG B 409 -6.23 41.24 -22.18
CA ARG B 409 -5.42 40.57 -23.18
C ARG B 409 -4.38 39.65 -22.55
N PHE B 410 -4.31 39.63 -21.22
CA PHE B 410 -3.35 38.79 -20.51
C PHE B 410 -4.07 37.91 -19.50
N LEU B 411 -4.45 36.72 -19.94
CA LEU B 411 -5.20 35.79 -19.11
C LEU B 411 -4.61 34.40 -19.21
N PRO B 412 -3.43 34.19 -18.60
CA PRO B 412 -2.79 32.87 -18.65
C PRO B 412 -3.48 31.88 -17.73
N VAL B 413 -4.02 30.82 -18.32
CA VAL B 413 -4.62 29.70 -17.58
C VAL B 413 -3.58 28.64 -17.24
N LYS B 414 -2.90 28.81 -16.10
CA LYS B 414 -1.75 27.99 -15.74
C LYS B 414 -2.06 26.89 -14.73
N THR B 415 -3.16 27.06 -13.99
CA THR B 415 -3.57 26.09 -12.99
C THR B 415 -5.06 25.76 -13.10
N THR B 416 -5.59 25.16 -12.06
CA THR B 416 -6.99 24.78 -12.02
C THR B 416 -7.84 25.96 -11.58
N SER B 417 -7.28 26.74 -10.66
CA SER B 417 -7.96 27.93 -10.16
C SER B 417 -8.36 28.84 -11.33
N ASP B 418 -7.51 28.89 -12.35
CA ASP B 418 -7.74 29.72 -13.51
C ASP B 418 -8.89 29.16 -14.34
N LEU B 419 -8.87 27.85 -14.53
CA LEU B 419 -9.98 27.16 -15.16
C LEU B 419 -11.29 27.52 -14.47
N LEU B 420 -11.33 27.40 -13.13
CA LEU B 420 -12.57 27.67 -12.39
C LEU B 420 -13.16 29.01 -12.82
N LEU B 421 -12.32 30.03 -12.87
CA LEU B 421 -12.74 31.34 -13.34
C LEU B 421 -13.30 31.23 -14.74
N VAL B 422 -12.49 30.72 -15.65
CA VAL B 422 -12.87 30.67 -17.06
C VAL B 422 -14.12 29.83 -17.33
N MET B 423 -14.39 28.85 -16.46
CA MET B 423 -15.51 27.93 -16.68
C MET B 423 -16.83 28.44 -16.08
N SER B 424 -16.73 29.41 -15.17
CA SER B 424 -17.89 29.96 -14.48
C SER B 424 -18.64 30.97 -15.35
N ASN B 425 -19.83 31.37 -14.88
CA ASN B 425 -20.63 32.41 -15.53
C ASN B 425 -20.01 33.79 -15.42
N LEU B 426 -18.86 33.84 -14.77
CA LEU B 426 -18.06 35.05 -14.67
C LEU B 426 -17.52 35.48 -16.04
N TYR B 427 -17.51 34.54 -16.99
CA TYR B 427 -17.03 34.76 -18.34
C TYR B 427 -18.05 34.27 -19.36
N SER B 428 -17.97 34.83 -20.57
CA SER B 428 -18.86 34.48 -21.67
C SER B 428 -18.06 34.17 -22.92
N LEU B 429 -18.43 33.09 -23.59
CA LEU B 429 -17.65 32.57 -24.71
C LEU B 429 -18.39 32.74 -26.03
N ASN B 430 -17.72 33.34 -27.01
CA ASN B 430 -18.26 33.50 -28.36
C ASN B 430 -17.20 33.36 -29.43
N ALA B 431 -17.42 32.46 -30.38
CA ALA B 431 -16.52 32.24 -31.51
C ALA B 431 -15.08 31.91 -31.06
N GLY B 432 -14.97 31.24 -29.92
CA GLY B 432 -13.68 30.86 -29.39
C GLY B 432 -13.02 31.96 -28.57
N SER B 433 -13.73 33.07 -28.37
CA SER B 433 -13.20 34.19 -27.61
C SER B 433 -13.94 34.35 -26.28
N LEU B 434 -13.18 34.47 -25.20
CA LEU B 434 -13.76 34.69 -23.88
C LEU B 434 -13.72 36.15 -23.47
N THR B 435 -14.89 36.67 -23.08
CA THR B 435 -14.96 38.02 -22.56
C THR B 435 -15.64 37.99 -21.20
N MET B 436 -15.23 38.90 -20.32
CA MET B 436 -15.86 39.00 -19.02
C MET B 436 -17.35 39.32 -19.21
N SER B 437 -18.16 38.95 -18.23
CA SER B 437 -19.60 39.11 -18.34
C SER B 437 -20.00 40.56 -18.16
N GLU B 438 -20.96 41.00 -18.96
CA GLU B 438 -21.55 42.33 -18.82
C GLU B 438 -22.32 42.43 -17.50
N LYS B 439 -22.62 41.27 -16.92
CA LYS B 439 -23.36 41.20 -15.68
C LYS B 439 -22.46 41.42 -14.47
N ARG B 440 -21.15 41.22 -14.66
CA ARG B 440 -20.18 41.47 -13.58
C ARG B 440 -20.29 42.91 -13.14
N GLU B 441 -20.58 43.14 -11.87
CA GLU B 441 -20.85 44.49 -11.38
C GLU B 441 -19.59 45.36 -11.32
N PHE B 442 -18.53 44.81 -10.73
CA PHE B 442 -17.26 45.53 -10.62
C PHE B 442 -16.23 44.97 -11.59
N PRO B 443 -15.38 45.85 -12.14
CA PRO B 443 -14.53 45.54 -13.31
C PRO B 443 -13.44 44.50 -13.06
N THR B 444 -13.24 44.10 -11.81
CA THR B 444 -12.10 43.27 -11.44
C THR B 444 -12.32 41.79 -11.74
N VAL B 445 -11.21 41.05 -11.78
CA VAL B 445 -11.25 39.60 -11.86
C VAL B 445 -10.97 39.03 -10.48
N PRO B 446 -11.85 38.16 -9.99
CA PRO B 446 -11.74 37.72 -8.60
C PRO B 446 -10.56 36.82 -8.37
N LEU B 447 -10.15 36.73 -7.10
CA LEU B 447 -8.97 35.99 -6.70
C LEU B 447 -9.32 34.62 -6.11
N VAL B 448 -9.15 33.57 -6.90
CA VAL B 448 -9.52 32.23 -6.47
C VAL B 448 -8.29 31.33 -6.37
N LYS B 449 -8.09 30.72 -5.22
CA LYS B 449 -6.97 29.80 -5.01
C LYS B 449 -7.43 28.46 -4.45
N LEU B 450 -7.39 27.43 -5.29
CA LEU B 450 -7.73 26.09 -4.87
C LEU B 450 -6.49 25.38 -4.38
N GLY B 451 -6.65 24.46 -3.44
CA GLY B 451 -5.53 23.76 -2.83
C GLY B 451 -4.96 22.59 -3.63
N SER B 452 -4.20 21.75 -2.93
CA SER B 452 -3.52 20.61 -3.56
C SER B 452 -4.49 19.54 -4.03
N SER B 453 -5.66 19.52 -3.42
CA SER B 453 -6.66 18.51 -3.75
C SER B 453 -7.31 18.80 -5.09
N PHE B 454 -7.04 19.99 -5.62
CA PHE B 454 -7.67 20.48 -6.85
C PHE B 454 -6.68 20.64 -8.03
N THR B 455 -5.40 20.37 -7.77
CA THR B 455 -4.34 20.61 -8.74
C THR B 455 -4.53 19.83 -10.04
N LYS B 456 -4.79 18.53 -9.94
CA LYS B 456 -5.05 17.74 -11.14
C LYS B 456 -6.45 18.02 -11.68
N VAL B 457 -6.58 18.03 -13.00
CA VAL B 457 -7.85 18.42 -13.62
C VAL B 457 -8.97 17.40 -13.34
N GLN B 458 -8.60 16.13 -13.23
CA GLN B 458 -9.59 15.07 -13.01
C GLN B 458 -10.22 15.24 -11.62
N ASP B 459 -9.37 15.50 -10.64
CA ASP B 459 -9.80 15.83 -9.30
C ASP B 459 -10.75 17.00 -9.39
N TYR B 460 -10.24 18.09 -9.95
CA TYR B 460 -10.98 19.32 -10.13
C TYR B 460 -12.37 19.04 -10.63
N LEU B 461 -12.47 18.48 -11.83
CA LEU B 461 -13.78 18.17 -12.40
C LEU B 461 -14.63 17.37 -11.43
N ARG B 462 -14.03 16.35 -10.81
CA ARG B 462 -14.77 15.51 -9.86
C ARG B 462 -15.35 16.29 -8.68
N ARG B 463 -14.53 17.16 -8.09
CA ARG B 463 -14.89 17.86 -6.85
C ARG B 463 -15.86 19.04 -7.07
N PHE B 464 -16.27 19.26 -8.31
CA PHE B 464 -17.31 20.25 -8.61
C PHE B 464 -18.45 19.59 -9.39
N GLU B 465 -19.54 19.32 -8.69
CA GLU B 465 -20.70 18.65 -9.29
C GLU B 465 -21.24 19.52 -10.41
N SER B 466 -20.94 20.81 -10.32
CA SER B 466 -21.23 21.78 -11.35
C SER B 466 -20.40 23.01 -11.03
N ILE B 467 -20.13 23.85 -12.01
CA ILE B 467 -19.37 25.05 -11.75
C ILE B 467 -20.26 26.00 -10.95
N PRO B 468 -19.72 26.57 -9.86
CA PRO B 468 -20.54 27.43 -9.01
C PRO B 468 -20.76 28.82 -9.61
N ASP B 469 -21.73 29.55 -9.07
CA ASP B 469 -21.92 30.94 -9.44
C ASP B 469 -20.82 31.75 -8.80
N MET B 470 -20.02 32.41 -9.63
CA MET B 470 -18.93 33.23 -9.13
C MET B 470 -19.02 34.63 -9.70
N LEU B 471 -20.21 34.98 -10.16
CA LEU B 471 -20.43 36.27 -10.82
C LEU B 471 -20.34 37.41 -9.82
N GLU B 472 -20.64 37.12 -8.55
CA GLU B 472 -20.47 38.10 -7.47
C GLU B 472 -19.27 37.79 -6.61
N LEU B 473 -18.48 36.80 -7.01
CA LEU B 473 -17.33 36.38 -6.23
C LEU B 473 -16.24 37.43 -6.32
N ASP B 474 -15.56 37.64 -5.19
CA ASP B 474 -14.40 38.51 -5.14
C ASP B 474 -13.15 37.73 -4.78
N HIS B 475 -13.25 36.84 -3.79
CA HIS B 475 -12.07 36.12 -3.30
C HIS B 475 -12.41 34.72 -2.76
N LEU B 476 -11.90 33.70 -3.44
CA LEU B 476 -12.15 32.32 -3.07
C LEU B 476 -10.86 31.63 -2.67
N THR B 477 -10.96 30.80 -1.65
CA THR B 477 -9.79 30.15 -1.08
C THR B 477 -10.22 28.80 -0.56
N VAL B 478 -9.81 27.75 -1.27
CA VAL B 478 -10.16 26.38 -0.90
C VAL B 478 -8.90 25.59 -0.56
N SER B 479 -8.84 25.02 0.63
CA SER B 479 -7.62 24.35 1.08
C SER B 479 -7.63 22.80 1.08
N GLY B 480 -8.34 22.19 2.03
CA GLY B 480 -8.23 20.75 2.24
C GLY B 480 -8.99 19.83 1.27
N ASP B 481 -9.45 18.69 1.78
CA ASP B 481 -10.33 17.80 1.05
C ASP B 481 -11.73 18.37 0.98
N VAL B 482 -12.03 19.08 -0.10
CA VAL B 482 -13.30 19.78 -0.22
C VAL B 482 -14.07 19.35 -1.46
N THR B 483 -15.39 19.30 -1.35
CA THR B 483 -16.26 19.02 -2.49
C THR B 483 -17.46 19.99 -2.56
N PHE B 484 -17.92 20.25 -3.78
CA PHE B 484 -19.04 21.15 -4.02
C PHE B 484 -20.15 20.50 -4.82
N GLY B 485 -21.37 20.53 -4.30
CA GLY B 485 -22.52 19.97 -5.00
C GLY B 485 -23.05 20.90 -6.08
N LYS B 486 -24.17 20.55 -6.68
CA LYS B 486 -24.74 21.37 -7.75
C LYS B 486 -25.28 22.70 -7.25
N ASN B 487 -25.20 23.71 -8.12
CA ASN B 487 -25.89 24.99 -7.95
C ASN B 487 -25.46 25.77 -6.70
N VAL B 488 -24.20 25.60 -6.31
CA VAL B 488 -23.66 26.36 -5.18
C VAL B 488 -23.19 27.74 -5.66
N SER B 489 -23.36 28.77 -4.83
CA SER B 489 -22.97 30.13 -5.21
C SER B 489 -22.07 30.83 -4.21
N LEU B 490 -20.96 31.34 -4.73
CA LEU B 490 -19.95 32.01 -3.94
C LEU B 490 -19.99 33.51 -4.27
N LYS B 491 -20.05 34.33 -3.23
CA LYS B 491 -20.04 35.78 -3.40
C LYS B 491 -19.15 36.42 -2.36
N GLY B 492 -18.54 37.53 -2.70
CA GLY B 492 -17.71 38.24 -1.75
C GLY B 492 -16.44 37.47 -1.45
N THR B 493 -16.20 37.27 -0.15
CA THR B 493 -15.01 36.61 0.33
C THR B 493 -15.31 35.30 1.03
N VAL B 494 -15.23 34.18 0.31
CA VAL B 494 -15.46 32.88 0.95
C VAL B 494 -14.13 32.15 1.14
N ILE B 495 -13.92 31.67 2.37
CA ILE B 495 -12.71 30.92 2.75
C ILE B 495 -13.13 29.55 3.29
N ILE B 496 -12.86 28.51 2.53
CA ILE B 496 -13.12 27.14 2.98
C ILE B 496 -11.79 26.46 3.35
N ILE B 497 -11.66 26.04 4.61
CA ILE B 497 -10.44 25.36 5.07
C ILE B 497 -10.78 24.06 5.76
N ALA B 498 -10.42 22.94 5.16
CA ALA B 498 -10.53 21.65 5.84
C ALA B 498 -9.13 21.22 6.29
N ASN B 499 -8.99 20.80 7.54
CA ASN B 499 -7.68 20.42 8.09
C ASN B 499 -7.25 19.02 7.65
N HIS B 500 -6.00 18.66 7.94
CA HIS B 500 -5.45 17.41 7.42
C HIS B 500 -6.25 16.23 7.93
N GLY B 501 -6.82 15.48 7.00
CA GLY B 501 -7.61 14.30 7.33
C GLY B 501 -9.09 14.57 7.30
N ASP B 502 -9.45 15.82 7.58
CA ASP B 502 -10.84 16.23 7.53
C ASP B 502 -11.30 16.38 6.07
N ARG B 503 -12.60 16.25 5.87
CA ARG B 503 -13.23 16.51 4.59
C ARG B 503 -14.41 17.46 4.79
N ILE B 504 -14.63 18.33 3.81
CA ILE B 504 -15.78 19.21 3.83
C ILE B 504 -16.60 19.03 2.56
N ASP B 505 -17.85 18.63 2.75
CA ASP B 505 -18.81 18.56 1.67
C ASP B 505 -19.74 19.74 1.72
N ILE B 506 -19.56 20.68 0.80
CA ILE B 506 -20.45 21.81 0.72
C ILE B 506 -21.75 21.29 0.12
N PRO B 507 -22.87 21.44 0.85
CA PRO B 507 -24.12 20.87 0.34
C PRO B 507 -24.58 21.58 -0.89
N PRO B 508 -25.29 20.89 -1.79
CA PRO B 508 -25.74 21.55 -3.01
C PRO B 508 -26.67 22.73 -2.73
N GLY B 509 -26.64 23.74 -3.60
CA GLY B 509 -27.49 24.91 -3.45
C GLY B 509 -27.01 25.88 -2.38
N ALA B 510 -25.88 25.58 -1.76
CA ALA B 510 -25.35 26.44 -0.71
C ALA B 510 -25.09 27.84 -1.24
N VAL B 511 -25.17 28.82 -0.35
CA VAL B 511 -24.85 30.20 -0.73
C VAL B 511 -23.90 30.79 0.29
N LEU B 512 -22.67 31.03 -0.15
CA LEU B 512 -21.63 31.52 0.74
C LEU B 512 -21.25 32.98 0.39
N GLU B 513 -21.62 33.89 1.29
CA GLU B 513 -21.34 35.31 1.15
C GLU B 513 -20.46 35.82 2.30
N ASN B 514 -19.22 36.18 1.98
CA ASN B 514 -18.29 36.71 2.99
C ASN B 514 -18.25 35.85 4.23
N LYS B 515 -17.73 34.64 4.06
CA LYS B 515 -17.76 33.64 5.10
C LYS B 515 -16.46 32.84 5.19
N ILE B 516 -16.13 32.46 6.41
CA ILE B 516 -15.06 31.50 6.69
C ILE B 516 -15.69 30.19 7.13
N VAL B 517 -15.68 29.19 6.26
CA VAL B 517 -16.21 27.87 6.63
C VAL B 517 -15.06 26.89 6.92
N SER B 518 -15.04 26.33 8.12
CA SER B 518 -13.95 25.43 8.52
C SER B 518 -14.43 24.20 9.30
N GLY B 519 -13.66 23.12 9.21
CA GLY B 519 -13.93 21.93 10.00
C GLY B 519 -13.90 20.61 9.25
N ASN B 520 -14.97 19.83 9.45
CA ASN B 520 -15.03 18.45 9.00
C ASN B 520 -16.45 17.98 8.90
N LEU B 521 -17.04 18.10 7.71
CA LEU B 521 -18.44 17.73 7.51
C LEU B 521 -18.60 16.79 6.32
N ARG B 522 -19.13 15.60 6.60
CA ARG B 522 -19.40 14.63 5.54
C ARG B 522 -20.89 14.42 5.34
N ILE B 523 -21.33 14.65 4.10
CA ILE B 523 -22.71 14.42 3.68
C ILE B 523 -22.82 13.09 2.95
N LEU B 524 -23.28 12.07 3.67
CA LEU B 524 -23.41 10.73 3.14
C LEU B 524 -24.80 10.51 2.59
N ASP B 525 -24.93 9.59 1.65
CA ASP B 525 -26.24 9.34 1.03
C ASP B 525 -27.06 8.36 1.84
N HIS B 526 -28.36 8.39 1.59
CA HIS B 526 -29.33 7.64 2.37
C HIS B 526 -30.27 6.85 1.44
N ILE C 42 43.48 -29.63 18.75
CA ILE C 42 42.13 -29.13 18.49
C ILE C 42 42.17 -27.81 17.69
N ARG C 43 42.63 -26.72 18.31
CA ARG C 43 42.61 -25.38 17.72
C ARG C 43 43.38 -25.32 16.40
N GLN C 44 44.55 -25.94 16.39
CA GLN C 44 45.45 -25.95 15.24
C GLN C 44 44.83 -26.83 14.15
N GLU C 45 44.22 -27.93 14.59
CA GLU C 45 43.62 -28.89 13.68
C GLU C 45 42.50 -28.20 12.90
N LEU C 46 41.81 -27.29 13.58
CA LEU C 46 40.72 -26.52 12.99
C LEU C 46 41.27 -25.37 12.14
N GLU C 47 42.36 -24.75 12.61
CA GLU C 47 43.00 -23.71 11.82
C GLU C 47 43.40 -24.18 10.44
N LEU C 48 44.15 -25.28 10.37
CA LEU C 48 44.60 -25.79 9.07
C LEU C 48 43.41 -26.14 8.18
N SER C 49 42.37 -26.68 8.81
CA SER C 49 41.14 -27.04 8.12
C SER C 49 40.59 -25.80 7.44
N VAL C 50 40.59 -24.67 8.17
CA VAL C 50 40.18 -23.40 7.58
C VAL C 50 41.13 -22.91 6.47
N LYS C 51 42.43 -23.02 6.69
CA LYS C 51 43.41 -22.65 5.66
C LYS C 51 43.15 -23.37 4.33
N LYS C 52 42.85 -24.66 4.39
CA LYS C 52 42.49 -25.36 3.16
C LYS C 52 41.34 -24.67 2.43
N GLU C 53 40.31 -24.31 3.19
CA GLU C 53 39.15 -23.68 2.59
C GLU C 53 39.61 -22.40 1.93
N LEU C 54 40.41 -21.60 2.65
CA LEU C 54 40.81 -20.34 2.04
C LEU C 54 41.54 -20.58 0.72
N GLU C 55 42.37 -21.63 0.65
CA GLU C 55 43.03 -21.94 -0.62
C GLU C 55 42.00 -22.28 -1.70
N LYS C 56 40.98 -23.05 -1.32
CA LYS C 56 39.83 -23.28 -2.22
C LYS C 56 39.14 -22.01 -2.69
N ILE C 57 39.12 -20.99 -1.83
CA ILE C 57 38.66 -19.65 -2.22
C ILE C 57 39.56 -19.12 -3.30
N LEU C 58 40.86 -19.13 -2.99
CA LEU C 58 41.83 -18.42 -3.80
C LEU C 58 41.78 -18.79 -5.29
N THR C 59 41.57 -20.08 -5.59
CA THR C 59 41.73 -20.58 -6.97
C THR C 59 40.91 -19.77 -7.98
N THR C 60 39.82 -19.17 -7.50
CA THR C 60 39.09 -18.17 -8.28
C THR C 60 39.65 -16.78 -8.03
N ALA C 61 40.06 -16.10 -9.10
CA ALA C 61 40.34 -14.68 -8.99
C ALA C 61 40.58 -14.03 -10.34
N SER C 62 40.68 -12.70 -10.29
CA SER C 62 40.95 -11.87 -11.46
C SER C 62 42.37 -12.08 -11.95
N SER C 63 42.55 -12.30 -13.25
CA SER C 63 43.89 -12.56 -13.82
C SER C 63 44.83 -11.42 -13.45
N HIS C 64 44.34 -10.22 -13.72
CA HIS C 64 45.09 -8.97 -13.58
C HIS C 64 45.30 -8.62 -12.08
N GLU C 65 44.27 -8.84 -11.24
CA GLU C 65 44.32 -8.56 -9.79
C GLU C 65 44.45 -9.85 -8.91
N PHE C 66 44.80 -10.97 -9.54
CA PHE C 66 44.91 -12.29 -8.87
C PHE C 66 45.82 -12.36 -7.66
N GLU C 67 47.05 -11.90 -7.83
CA GLU C 67 48.11 -12.29 -6.91
C GLU C 67 47.99 -11.62 -5.55
N HIS C 68 47.83 -10.29 -5.53
CA HIS C 68 47.86 -9.55 -4.28
C HIS C 68 46.81 -10.08 -3.31
N THR C 69 45.75 -10.66 -3.86
CA THR C 69 44.66 -11.21 -3.07
C THR C 69 45.28 -12.10 -2.00
N LYS C 70 46.28 -12.87 -2.40
CA LYS C 70 46.92 -13.79 -1.48
C LYS C 70 47.67 -13.02 -0.41
N LYS C 71 48.22 -11.86 -0.78
CA LYS C 71 48.96 -11.07 0.17
C LYS C 71 48.02 -10.63 1.28
N ASP C 72 46.85 -10.16 0.85
CA ASP C 72 45.77 -9.80 1.76
C ASP C 72 45.40 -10.99 2.61
N LEU C 73 45.22 -12.13 1.94
CA LEU C 73 44.83 -13.35 2.61
C LEU C 73 45.87 -13.76 3.64
N ASP C 74 47.15 -13.69 3.29
CA ASP C 74 48.19 -14.01 4.26
C ASP C 74 47.98 -13.23 5.54
N GLY C 75 47.84 -11.92 5.39
CA GLY C 75 47.57 -11.04 6.51
C GLY C 75 46.45 -11.61 7.35
N PHE C 76 45.48 -12.22 6.67
CA PHE C 76 44.32 -12.76 7.37
C PHE C 76 44.74 -13.89 8.28
N ARG C 77 45.40 -14.91 7.76
CA ARG C 77 45.73 -16.03 8.63
C ARG C 77 46.54 -15.54 9.83
N LYS C 78 47.56 -14.72 9.57
CA LYS C 78 48.42 -14.18 10.64
C LYS C 78 47.56 -13.66 11.75
N LEU C 79 46.48 -13.01 11.33
CA LEU C 79 45.50 -12.46 12.23
C LEU C 79 44.81 -13.62 12.96
N PHE C 80 44.48 -14.68 12.21
CA PHE C 80 43.80 -15.83 12.80
C PHE C 80 44.73 -16.51 13.81
N HIS C 81 45.98 -16.74 13.38
CA HIS C 81 46.99 -17.36 14.25
C HIS C 81 47.14 -16.56 15.52
N ARG C 82 47.29 -15.26 15.34
CA ARG C 82 47.50 -14.32 16.44
C ARG C 82 46.32 -14.31 17.41
N PHE C 83 45.11 -14.31 16.88
CA PHE C 83 43.92 -14.18 17.73
C PHE C 83 43.70 -15.45 18.56
N LEU C 84 44.08 -16.63 18.03
CA LEU C 84 43.99 -17.86 18.82
C LEU C 84 45.16 -17.98 19.79
N GLN C 85 46.27 -17.36 19.45
CA GLN C 85 47.43 -17.36 20.31
C GLN C 85 47.07 -16.77 21.68
N GLU C 86 46.32 -15.67 21.66
CA GLU C 86 45.87 -15.02 22.89
C GLU C 86 44.34 -15.04 23.00
N LYS C 87 43.83 -15.96 23.79
CA LYS C 87 42.40 -16.08 24.02
C LYS C 87 42.03 -15.58 25.41
N GLY C 88 41.27 -14.48 25.44
CA GLY C 88 40.82 -13.89 26.69
C GLY C 88 41.35 -12.49 26.88
N PRO C 89 41.31 -11.98 28.13
CA PRO C 89 41.80 -10.64 28.49
C PRO C 89 43.27 -10.43 28.09
N SER C 90 44.13 -11.33 28.57
CA SER C 90 45.57 -11.27 28.27
C SER C 90 46.24 -10.01 28.81
N VAL C 91 45.53 -9.25 29.64
CA VAL C 91 46.09 -8.05 30.27
C VAL C 91 45.52 -7.89 31.68
N ASP C 92 46.42 -7.81 32.66
CA ASP C 92 46.01 -7.64 34.06
C ASP C 92 45.55 -6.21 34.32
N TRP C 93 45.26 -5.91 35.58
CA TRP C 93 44.84 -4.58 35.99
C TRP C 93 45.94 -3.89 36.80
N GLY C 94 46.97 -4.64 37.18
CA GLY C 94 48.00 -4.15 38.08
C GLY C 94 49.09 -3.33 37.42
N LYS C 95 49.65 -3.84 36.34
CA LYS C 95 50.83 -3.22 35.73
C LYS C 95 50.48 -1.87 35.09
N ILE C 96 49.20 -1.59 34.92
CA ILE C 96 48.77 -0.33 34.32
C ILE C 96 48.98 0.83 35.30
N GLN C 97 49.49 1.94 34.78
CA GLN C 97 49.60 3.17 35.56
C GLN C 97 49.24 4.37 34.68
N ARG C 98 48.87 5.48 35.31
CA ARG C 98 48.56 6.70 34.59
C ARG C 98 49.82 7.21 33.91
N PRO C 99 49.69 7.87 32.78
CA PRO C 99 50.87 8.37 32.08
C PRO C 99 51.58 9.41 32.93
N PRO C 100 52.98 9.35 32.96
CA PRO C 100 53.59 10.42 33.77
C PRO C 100 53.48 11.75 33.06
N GLU C 101 53.61 12.85 33.80
CA GLU C 101 53.60 14.15 33.16
C GLU C 101 54.80 14.18 32.24
N ASP C 102 54.61 14.80 31.08
CA ASP C 102 55.61 14.88 30.01
C ASP C 102 55.56 13.60 29.17
N SER C 103 54.59 12.75 29.48
CA SER C 103 54.23 11.64 28.62
C SER C 103 53.38 12.28 27.54
N ILE C 104 52.57 13.23 27.98
CA ILE C 104 51.70 14.03 27.14
C ILE C 104 51.92 15.49 27.51
N GLN C 105 52.13 16.32 26.49
CA GLN C 105 52.41 17.74 26.70
C GLN C 105 51.18 18.56 26.34
N PRO C 106 50.86 19.62 27.12
CA PRO C 106 49.74 20.47 26.71
C PRO C 106 50.03 21.25 25.43
N TYR C 107 49.08 21.27 24.51
CA TYR C 107 49.22 21.99 23.24
C TYR C 107 49.62 23.46 23.47
N GLU C 108 49.13 24.03 24.56
CA GLU C 108 49.44 25.42 24.91
C GLU C 108 50.93 25.61 25.12
N LYS C 109 51.60 24.56 25.56
CA LYS C 109 53.03 24.61 25.80
C LYS C 109 53.81 24.51 24.49
N ILE C 110 53.26 23.77 23.53
CA ILE C 110 53.90 23.65 22.22
C ILE C 110 53.72 24.94 21.42
N LYS C 111 52.51 25.51 21.46
CA LYS C 111 52.22 26.72 20.68
C LYS C 111 53.01 27.92 21.20
N ALA C 112 53.50 27.83 22.43
CA ALA C 112 54.32 28.88 23.01
C ALA C 112 55.66 28.95 22.31
N ARG C 113 55.90 30.07 21.62
CA ARG C 113 57.09 30.23 20.79
C ARG C 113 57.17 29.06 19.82
N GLY C 114 56.03 28.76 19.19
CA GLY C 114 55.85 27.51 18.48
C GLY C 114 56.02 27.53 16.97
N LEU C 115 55.67 28.64 16.32
CA LEU C 115 55.77 28.71 14.87
C LEU C 115 57.24 28.57 14.44
N PRO C 116 57.51 27.73 13.44
CA PRO C 116 58.91 27.55 13.01
C PRO C 116 59.42 28.76 12.26
N ASP C 117 60.74 28.97 12.28
CA ASP C 117 61.35 30.10 11.58
C ASP C 117 61.17 29.92 10.07
N ASN C 118 61.17 28.67 9.62
CA ASN C 118 60.90 28.34 8.23
C ASN C 118 59.80 27.29 8.12
N ILE C 119 58.73 27.65 7.42
CA ILE C 119 57.55 26.80 7.32
C ILE C 119 57.53 25.96 6.05
N SER C 120 58.32 26.36 5.06
CA SER C 120 58.35 25.66 3.78
C SER C 120 59.06 24.31 3.90
N SER C 121 60.30 24.36 4.37
CA SER C 121 61.13 23.18 4.50
C SER C 121 60.46 22.12 5.35
N VAL C 122 59.82 22.54 6.43
CA VAL C 122 59.20 21.61 7.36
C VAL C 122 57.92 21.03 6.76
N LEU C 123 57.25 21.80 5.92
CA LEU C 123 56.06 21.32 5.23
C LEU C 123 56.43 20.35 4.11
N ASN C 124 57.56 20.62 3.45
CA ASN C 124 58.02 19.76 2.36
C ASN C 124 58.33 18.33 2.80
N LYS C 125 58.61 18.14 4.08
CA LYS C 125 58.94 16.81 4.61
C LYS C 125 57.70 16.03 5.07
N LEU C 126 56.53 16.65 5.00
CA LEU C 126 55.29 16.04 5.47
C LEU C 126 54.39 15.57 4.33
N VAL C 127 53.64 14.50 4.60
CA VAL C 127 52.63 13.98 3.68
C VAL C 127 51.32 13.81 4.45
N VAL C 128 50.21 14.26 3.88
CA VAL C 128 48.92 14.19 4.58
C VAL C 128 48.12 12.97 4.14
N VAL C 129 47.78 12.12 5.09
CA VAL C 129 46.98 10.93 4.83
C VAL C 129 45.59 11.05 5.49
N LYS C 130 44.55 10.72 4.74
CA LYS C 130 43.19 10.77 5.24
C LYS C 130 42.49 9.42 5.06
N LEU C 131 41.74 9.03 6.08
CA LEU C 131 41.06 7.73 6.08
C LEU C 131 39.73 7.86 5.35
N ASN C 132 39.64 7.21 4.19
CA ASN C 132 38.51 7.38 3.29
C ASN C 132 37.74 6.08 3.03
N GLY C 133 37.88 5.11 3.93
CA GLY C 133 37.23 3.82 3.79
C GLY C 133 35.88 3.76 4.50
N GLY C 134 35.08 4.81 4.36
CA GLY C 134 33.81 4.91 5.05
C GLY C 134 32.71 5.47 4.17
N LEU C 135 31.49 4.99 4.39
CA LEU C 135 30.33 5.42 3.62
C LEU C 135 29.44 6.33 4.46
N GLY C 136 28.47 6.97 3.82
CA GLY C 136 27.58 7.88 4.49
C GLY C 136 26.20 7.27 4.64
N THR C 137 26.17 5.97 4.90
CA THR C 137 24.92 5.25 5.07
C THR C 137 24.19 5.74 6.31
N SER C 138 24.94 6.06 7.37
CA SER C 138 24.33 6.61 8.58
C SER C 138 23.59 7.90 8.27
N MET C 139 24.15 8.71 7.37
CA MET C 139 23.51 9.94 6.92
C MET C 139 22.60 9.69 5.74
N GLY C 140 22.33 8.42 5.47
CA GLY C 140 21.41 8.04 4.41
C GLY C 140 21.86 8.30 2.99
N CYS C 141 23.14 8.07 2.68
CA CYS C 141 23.62 8.02 1.29
C CYS C 141 24.64 6.91 1.11
N LYS C 142 24.70 6.31 -0.09
CA LYS C 142 25.67 5.24 -0.35
C LYS C 142 27.09 5.77 -0.44
N GLY C 143 27.23 6.92 -1.09
CA GLY C 143 28.51 7.41 -1.55
C GLY C 143 29.51 7.44 -0.42
N PRO C 144 30.80 7.42 -0.75
CA PRO C 144 31.72 7.56 0.37
C PRO C 144 31.40 8.85 1.14
N LYS C 145 31.45 8.76 2.46
CA LYS C 145 31.11 9.87 3.32
C LYS C 145 31.84 11.15 2.92
N SER C 146 33.04 10.98 2.37
CA SER C 146 33.88 12.11 1.99
C SER C 146 33.23 12.96 0.91
N LEU C 147 32.35 12.35 0.12
CA LEU C 147 31.74 13.01 -1.02
C LEU C 147 30.46 13.78 -0.66
N ILE C 148 30.03 13.65 0.58
CA ILE C 148 28.83 14.36 1.07
C ILE C 148 29.13 15.83 1.28
N GLY C 149 28.28 16.69 0.72
CA GLY C 149 28.52 18.11 0.79
C GLY C 149 28.32 18.61 2.20
N VAL C 150 29.35 19.26 2.76
CA VAL C 150 29.28 19.72 4.14
C VAL C 150 28.91 21.19 4.19
N ARG C 151 29.64 22.07 3.51
CA ARG C 151 29.32 23.51 3.53
C ARG C 151 29.45 24.19 2.18
N ASN C 152 28.38 24.84 1.75
CA ASN C 152 28.36 25.57 0.48
C ASN C 152 28.85 24.72 -0.68
N GLU C 153 28.24 23.55 -0.82
CA GLU C 153 28.50 22.62 -1.92
C GLU C 153 29.89 21.97 -1.82
N ASN C 154 30.68 22.37 -0.83
CA ASN C 154 31.96 21.73 -0.60
C ASN C 154 31.80 20.43 0.15
N THR C 155 32.44 19.37 -0.35
CA THR C 155 32.44 18.11 0.35
C THR C 155 33.56 18.11 1.40
N PHE C 156 33.66 17.05 2.20
CA PHE C 156 34.78 16.91 3.14
C PHE C 156 36.12 16.98 2.39
N LEU C 157 36.16 16.22 1.29
CA LEU C 157 37.34 16.16 0.42
C LEU C 157 37.71 17.54 -0.09
N ASP C 158 36.72 18.21 -0.66
CA ASP C 158 36.88 19.56 -1.18
C ASP C 158 37.52 20.46 -0.12
N LEU C 159 37.06 20.33 1.11
CA LEU C 159 37.65 21.10 2.20
C LEU C 159 39.12 20.74 2.39
N THR C 160 39.43 19.45 2.52
CA THR C 160 40.83 19.04 2.71
C THR C 160 41.72 19.53 1.56
N VAL C 161 41.33 19.19 0.34
CA VAL C 161 42.04 19.62 -0.86
C VAL C 161 42.23 21.13 -0.82
N GLN C 162 41.16 21.85 -0.53
CA GLN C 162 41.23 23.31 -0.40
C GLN C 162 42.33 23.71 0.59
N GLN C 163 42.29 23.12 1.79
CA GLN C 163 43.25 23.44 2.83
C GLN C 163 44.68 23.30 2.35
N ILE C 164 45.05 22.10 1.94
CA ILE C 164 46.46 21.89 1.61
C ILE C 164 46.85 22.63 0.34
N GLU C 165 45.91 22.80 -0.58
CA GLU C 165 46.16 23.59 -1.79
C GLU C 165 46.54 25.00 -1.37
N HIS C 166 45.74 25.57 -0.48
CA HIS C 166 46.02 26.93 -0.04
C HIS C 166 47.33 26.96 0.72
N LEU C 167 47.63 25.90 1.48
CA LEU C 167 48.95 25.78 2.10
C LEU C 167 50.03 25.92 1.04
N ASN C 168 49.98 25.04 0.04
CA ASN C 168 50.96 25.06 -1.04
C ASN C 168 51.04 26.42 -1.69
N LYS C 169 49.90 27.00 -1.99
CA LYS C 169 49.87 28.27 -2.70
C LYS C 169 50.46 29.40 -1.88
N THR C 170 50.20 29.45 -0.59
CA THR C 170 50.76 30.51 0.23
C THR C 170 52.23 30.29 0.61
N TYR C 171 52.60 29.06 0.96
CA TYR C 171 53.98 28.79 1.40
C TYR C 171 54.89 28.28 0.29
N ASN C 172 54.41 28.31 -0.95
CA ASN C 172 55.20 27.95 -2.11
C ASN C 172 55.82 26.55 -1.97
N THR C 173 55.04 25.64 -1.38
CA THR C 173 55.49 24.28 -1.12
C THR C 173 54.66 23.23 -1.86
N ASP C 174 55.01 21.97 -1.64
CA ASP C 174 54.39 20.86 -2.36
C ASP C 174 54.07 19.73 -1.38
N VAL C 175 52.90 19.82 -0.76
CA VAL C 175 52.46 18.80 0.17
C VAL C 175 51.55 17.79 -0.53
N PRO C 176 51.83 16.49 -0.35
CA PRO C 176 50.96 15.48 -0.97
C PRO C 176 49.76 15.11 -0.10
N LEU C 177 48.67 14.73 -0.76
CA LEU C 177 47.49 14.25 -0.06
C LEU C 177 47.24 12.81 -0.44
N VAL C 178 46.96 11.96 0.54
CA VAL C 178 46.77 10.54 0.25
C VAL C 178 45.50 10.02 0.86
N LEU C 179 44.72 9.27 0.09
CA LEU C 179 43.50 8.70 0.63
C LEU C 179 43.63 7.20 0.80
N MET C 180 43.30 6.76 2.01
CA MET C 180 43.15 5.34 2.29
C MET C 180 41.72 4.96 1.93
N ASN C 181 41.57 4.30 0.79
CA ASN C 181 40.26 3.92 0.28
C ASN C 181 39.90 2.52 0.68
N SER C 182 38.63 2.16 0.45
CA SER C 182 38.14 0.81 0.69
C SER C 182 37.48 0.26 -0.54
N PHE C 183 37.16 -1.03 -0.54
CA PHE C 183 36.48 -1.61 -1.68
C PHE C 183 35.06 -1.05 -1.82
N ASN C 184 34.65 -0.22 -0.85
CA ASN C 184 33.37 0.44 -0.91
C ASN C 184 33.46 1.87 -1.46
N THR C 185 34.67 2.44 -1.45
CA THR C 185 34.85 3.86 -1.79
C THR C 185 35.90 4.09 -2.88
N ASP C 186 36.75 3.12 -3.14
CA ASP C 186 37.90 3.30 -4.03
C ASP C 186 37.47 3.85 -5.39
N GLU C 187 36.76 3.03 -6.17
CA GLU C 187 36.33 3.44 -7.49
C GLU C 187 35.57 4.76 -7.45
N ASP C 188 34.59 4.82 -6.57
CA ASP C 188 33.72 5.99 -6.46
C ASP C 188 34.53 7.24 -6.17
N THR C 189 35.68 7.08 -5.51
CA THR C 189 36.54 8.21 -5.20
C THR C 189 37.43 8.53 -6.37
N LYS C 190 37.95 7.49 -7.01
CA LYS C 190 38.84 7.68 -8.13
C LYS C 190 38.09 8.26 -9.34
N LYS C 191 36.79 8.04 -9.40
CA LYS C 191 35.98 8.63 -10.47
C LYS C 191 35.92 10.15 -10.37
N ILE C 192 35.71 10.68 -9.16
CA ILE C 192 35.52 12.12 -8.99
C ILE C 192 36.80 12.90 -8.74
N LEU C 193 37.95 12.21 -8.73
CA LEU C 193 39.22 12.88 -8.46
C LEU C 193 39.68 13.72 -9.65
N GLN C 194 38.93 13.66 -10.75
CA GLN C 194 39.20 14.51 -11.92
C GLN C 194 39.05 16.00 -11.59
N LYS C 195 38.19 16.30 -10.61
CA LYS C 195 37.95 17.68 -10.18
C LYS C 195 39.24 18.43 -9.92
N TYR C 196 40.11 17.82 -9.12
CA TYR C 196 41.25 18.54 -8.55
C TYR C 196 42.47 18.46 -9.45
N ASN C 197 42.23 18.30 -10.75
CA ASN C 197 43.32 18.24 -11.71
C ASN C 197 44.10 19.54 -11.71
N HIS C 198 43.39 20.68 -11.77
CA HIS C 198 44.03 21.99 -11.83
C HIS C 198 44.31 22.58 -10.47
N CYS C 199 43.79 21.98 -9.42
CA CYS C 199 44.03 22.46 -8.05
C CYS C 199 45.46 22.03 -7.65
N ARG C 200 46.24 22.94 -7.04
CA ARG C 200 47.67 22.67 -6.78
C ARG C 200 47.87 21.75 -5.61
N VAL C 201 47.75 20.46 -5.89
CA VAL C 201 48.01 19.45 -4.89
C VAL C 201 48.08 18.07 -5.52
N LYS C 202 49.06 17.30 -5.09
CA LYS C 202 49.26 15.98 -5.64
C LYS C 202 48.50 14.96 -4.79
N ILE C 203 47.40 14.46 -5.34
CA ILE C 203 46.54 13.50 -4.62
C ILE C 203 46.83 12.07 -5.03
N TYR C 204 47.10 11.22 -4.04
CA TYR C 204 47.31 9.79 -4.25
C TYR C 204 46.28 8.97 -3.50
N THR C 205 46.18 7.70 -3.87
CA THR C 205 45.14 6.82 -3.36
C THR C 205 45.68 5.42 -3.15
N PHE C 206 45.29 4.78 -2.04
CA PHE C 206 45.59 3.36 -1.90
C PHE C 206 44.50 2.63 -1.15
N ASN C 207 44.21 1.43 -1.64
CA ASN C 207 43.11 0.62 -1.15
C ASN C 207 43.57 -0.31 -0.04
N GLN C 208 42.85 -0.30 1.08
CA GLN C 208 43.17 -1.17 2.19
C GLN C 208 42.78 -2.60 1.87
N SER C 209 43.24 -3.55 2.68
CA SER C 209 42.94 -4.95 2.42
C SER C 209 41.45 -5.20 2.59
N ARG C 210 40.96 -6.27 1.97
CA ARG C 210 39.60 -6.76 2.23
C ARG C 210 39.69 -8.22 2.65
N TYR C 211 39.14 -8.52 3.82
CA TYR C 211 39.18 -9.88 4.38
C TYR C 211 37.79 -10.53 4.31
N PRO C 212 37.75 -11.87 4.19
CA PRO C 212 36.51 -12.65 4.29
C PRO C 212 35.99 -12.74 5.71
N ARG C 213 34.70 -12.45 5.88
CA ARG C 213 34.06 -12.59 7.16
C ARG C 213 34.10 -14.07 7.58
N ILE C 214 34.02 -14.32 8.88
CA ILE C 214 34.12 -15.68 9.41
C ILE C 214 32.90 -16.00 10.29
N ASN C 215 32.29 -17.16 10.03
CA ASN C 215 31.13 -17.61 10.79
C ASN C 215 31.47 -17.79 12.27
N LYS C 216 30.51 -17.46 13.13
CA LYS C 216 30.75 -17.43 14.57
C LYS C 216 30.95 -18.83 15.16
N GLU C 217 30.15 -19.80 14.71
CA GLU C 217 30.22 -21.16 15.24
C GLU C 217 31.24 -22.00 14.47
N SER C 218 31.25 -21.86 13.15
CA SER C 218 32.13 -22.67 12.32
C SER C 218 33.59 -22.29 12.51
N LEU C 219 33.84 -21.00 12.72
CA LEU C 219 35.20 -20.47 12.73
C LEU C 219 35.82 -20.66 11.36
N LEU C 220 34.96 -20.78 10.36
CA LEU C 220 35.38 -20.94 8.97
C LEU C 220 34.82 -19.78 8.16
N PRO C 221 35.39 -19.53 6.98
CA PRO C 221 35.10 -18.29 6.26
C PRO C 221 33.64 -18.29 5.87
N VAL C 222 32.98 -17.15 5.91
CA VAL C 222 31.58 -17.15 5.59
C VAL C 222 31.46 -17.65 4.16
N ALA C 223 32.31 -17.13 3.32
CA ALA C 223 32.68 -17.78 2.07
C ALA C 223 31.51 -18.14 1.19
N LYS C 224 30.44 -17.34 1.19
CA LYS C 224 29.36 -17.59 0.25
C LYS C 224 29.95 -17.37 -1.12
N ASP C 225 30.78 -16.35 -1.24
CA ASP C 225 31.50 -16.13 -2.46
C ASP C 225 30.55 -16.11 -3.62
N VAL C 226 29.46 -15.37 -3.49
CA VAL C 226 28.49 -15.28 -4.58
C VAL C 226 28.64 -14.16 -5.59
N SER C 227 29.57 -14.28 -6.52
CA SER C 227 30.90 -14.71 -6.24
C SER C 227 31.46 -13.63 -5.38
N TYR C 228 31.28 -12.44 -5.91
CA TYR C 228 31.11 -11.19 -5.23
C TYR C 228 29.87 -10.50 -5.82
N SER C 229 29.23 -11.15 -6.80
CA SER C 229 28.05 -10.63 -7.44
C SER C 229 27.04 -10.55 -6.34
N GLY C 230 27.00 -11.58 -5.52
CA GLY C 230 26.30 -11.52 -4.26
C GLY C 230 27.20 -10.58 -3.50
N GLU C 231 26.60 -9.60 -2.87
CA GLU C 231 27.35 -8.45 -2.45
C GLU C 231 28.29 -8.75 -1.31
N ASN C 232 29.29 -7.89 -1.20
CA ASN C 232 30.43 -8.05 -0.33
C ASN C 232 30.02 -8.11 1.13
N THR C 233 29.04 -7.30 1.48
CA THR C 233 28.67 -7.15 2.87
C THR C 233 28.29 -8.52 3.35
N GLU C 234 27.66 -9.28 2.46
CA GLU C 234 27.36 -10.68 2.67
C GLU C 234 28.63 -11.54 2.64
N ALA C 235 29.65 -11.02 1.97
CA ALA C 235 30.86 -11.73 1.52
C ALA C 235 32.20 -11.23 2.14
N TRP C 236 32.39 -9.91 2.30
CA TRP C 236 33.70 -9.35 2.71
C TRP C 236 33.67 -8.09 3.59
N TYR C 237 34.82 -7.76 4.18
CA TYR C 237 34.96 -6.59 5.05
C TYR C 237 36.35 -5.96 5.08
N PRO C 238 36.43 -4.63 5.35
CA PRO C 238 37.72 -3.99 5.60
C PRO C 238 38.21 -4.20 7.03
N PRO C 239 39.44 -4.62 7.25
CA PRO C 239 40.00 -4.54 8.60
C PRO C 239 40.17 -3.07 8.92
N GLY C 240 39.81 -2.66 10.11
CA GLY C 240 39.47 -1.27 10.30
C GLY C 240 40.39 -0.09 10.15
N HIS C 241 41.49 -0.04 10.87
CA HIS C 241 42.39 1.08 10.71
C HIS C 241 43.83 0.62 10.77
N GLY C 242 44.01 -0.57 11.29
CA GLY C 242 45.31 -1.15 11.52
C GLY C 242 46.06 -1.37 10.25
N ASP C 243 45.32 -1.77 9.23
CA ASP C 243 45.88 -2.27 8.00
C ASP C 243 46.73 -1.14 7.49
N ILE C 244 46.35 0.07 7.82
CA ILE C 244 47.05 1.21 7.21
C ILE C 244 48.55 0.98 7.04
N TYR C 245 49.19 0.34 8.02
CA TYR C 245 50.62 0.08 7.94
C TYR C 245 50.98 -0.95 6.87
N ALA C 246 50.20 -2.03 6.79
CA ALA C 246 50.44 -3.10 5.82
C ALA C 246 50.18 -2.66 4.37
N SER C 247 49.06 -2.00 4.12
CA SER C 247 48.67 -1.62 2.76
C SER C 247 49.39 -0.35 2.27
N PHE C 248 49.81 0.50 3.20
CA PHE C 248 50.53 1.71 2.82
C PHE C 248 51.96 1.37 2.41
N TYR C 249 52.48 0.27 2.95
CA TYR C 249 53.79 -0.23 2.56
C TYR C 249 53.70 -0.89 1.20
N ASN C 250 52.77 -1.84 1.08
CA ASN C 250 52.60 -2.63 -0.14
C ASN C 250 52.23 -1.79 -1.36
N SER C 251 51.65 -0.62 -1.13
CA SER C 251 51.28 0.28 -2.22
C SER C 251 52.51 0.91 -2.83
N GLY C 252 53.61 0.89 -2.08
CA GLY C 252 54.87 1.44 -2.55
C GLY C 252 54.94 2.94 -2.35
N LEU C 253 53.87 3.52 -1.85
CA LEU C 253 53.85 4.95 -1.57
C LEU C 253 54.78 5.28 -0.41
N LEU C 254 54.94 4.33 0.52
CA LEU C 254 55.85 4.52 1.66
C LEU C 254 57.26 4.79 1.14
N ASP C 255 57.76 3.86 0.33
CA ASP C 255 59.07 4.00 -0.29
C ASP C 255 59.13 5.27 -1.15
N THR C 256 58.05 5.53 -1.89
CA THR C 256 57.96 6.72 -2.73
C THR C 256 58.20 7.99 -1.92
N PHE C 257 57.40 8.20 -0.89
CA PHE C 257 57.45 9.43 -0.11
C PHE C 257 58.72 9.51 0.71
N ILE C 258 59.12 8.41 1.34
CA ILE C 258 60.35 8.44 2.13
C ILE C 258 61.50 8.73 1.18
N GLY C 259 61.41 8.20 -0.04
CA GLY C 259 62.41 8.45 -1.06
C GLY C 259 62.29 9.81 -1.71
N GLU C 260 61.08 10.37 -1.68
CA GLU C 260 60.84 11.69 -2.25
C GLU C 260 61.41 12.78 -1.33
N GLY C 261 61.61 12.43 -0.06
CA GLY C 261 62.18 13.35 0.90
C GLY C 261 61.22 13.68 2.05
N LYS C 262 60.29 12.76 2.30
CA LYS C 262 59.30 12.93 3.37
C LYS C 262 59.74 12.19 4.62
N GLU C 263 59.57 12.82 5.77
CA GLU C 263 59.98 12.22 7.05
C GLU C 263 58.77 11.80 7.89
N TYR C 264 57.68 12.56 7.78
CA TYR C 264 56.50 12.33 8.62
C TYR C 264 55.20 12.22 7.84
N ILE C 265 54.25 11.50 8.43
CA ILE C 265 52.94 11.24 7.84
C ILE C 265 51.86 11.56 8.86
N PHE C 266 50.92 12.42 8.47
CA PHE C 266 49.85 12.88 9.36
C PHE C 266 48.49 12.23 9.04
N VAL C 267 48.02 11.38 9.94
CA VAL C 267 46.79 10.62 9.72
C VAL C 267 45.62 11.19 10.50
N SER C 268 44.45 11.19 9.85
CA SER C 268 43.21 11.62 10.49
C SER C 268 42.03 11.22 9.60
N ASN C 269 40.81 11.54 10.03
CA ASN C 269 39.61 11.21 9.24
C ASN C 269 39.13 12.40 8.43
N ILE C 270 38.57 12.13 7.25
CA ILE C 270 38.10 13.21 6.40
C ILE C 270 36.88 13.84 7.03
N ASP C 271 36.18 13.10 7.88
CA ASP C 271 34.96 13.58 8.52
C ASP C 271 35.28 14.39 9.78
N ASN C 272 36.52 14.30 10.25
CA ASN C 272 36.97 15.14 11.34
C ASN C 272 37.43 16.48 10.78
N LEU C 273 36.53 17.46 10.77
CA LEU C 273 36.82 18.76 10.19
C LEU C 273 37.96 19.47 10.92
N GLY C 274 38.14 19.15 12.19
CA GLY C 274 39.12 19.84 13.01
C GLY C 274 40.55 19.48 12.68
N ALA C 275 40.75 18.28 12.14
CA ALA C 275 42.10 17.76 11.91
C ALA C 275 42.83 18.47 10.77
N THR C 276 43.27 19.69 11.04
CA THR C 276 44.06 20.45 10.07
C THR C 276 45.54 20.22 10.31
N VAL C 277 46.35 20.61 9.34
CA VAL C 277 47.80 20.55 9.52
C VAL C 277 48.20 21.64 10.50
N ASP C 278 48.61 21.24 11.69
CA ASP C 278 49.08 22.16 12.72
C ASP C 278 50.59 22.39 12.61
N LEU C 279 50.97 23.65 12.40
CA LEU C 279 52.37 23.99 12.18
C LEU C 279 53.16 23.95 13.49
N TYR C 280 52.48 24.18 14.60
CA TYR C 280 53.13 24.15 15.91
C TYR C 280 53.52 22.72 16.28
N ILE C 281 52.55 21.81 16.16
CA ILE C 281 52.79 20.39 16.38
C ILE C 281 53.90 19.96 15.45
N LEU C 282 53.79 20.36 14.17
CA LEU C 282 54.78 20.01 13.16
C LEU C 282 56.17 20.53 13.54
N ASN C 283 56.23 21.75 14.06
CA ASN C 283 57.49 22.31 14.50
C ASN C 283 58.05 21.54 15.69
N HIS C 284 57.25 21.29 16.74
CA HIS C 284 57.74 20.50 17.87
C HIS C 284 58.12 19.10 17.41
N LEU C 285 57.51 18.65 16.31
CA LEU C 285 57.85 17.36 15.71
C LEU C 285 59.16 17.29 14.92
N MET C 286 59.34 18.13 13.88
CA MET C 286 60.53 18.04 13.03
C MET C 286 61.71 18.87 13.54
N ASN C 287 61.43 19.79 14.45
CA ASN C 287 62.47 20.55 15.14
C ASN C 287 62.36 20.35 16.64
N PRO C 288 62.54 19.10 17.11
CA PRO C 288 62.33 18.76 18.52
C PRO C 288 63.42 19.34 19.43
N PRO C 289 63.06 19.69 20.67
CA PRO C 289 64.07 20.18 21.62
C PRO C 289 65.01 19.06 22.04
N ASN C 290 66.29 19.39 22.20
CA ASN C 290 67.32 18.44 22.59
C ASN C 290 67.52 17.33 21.55
N GLY C 291 66.95 17.51 20.36
CA GLY C 291 67.14 16.57 19.27
C GLY C 291 66.52 15.21 19.50
N LYS C 292 65.55 15.15 20.42
CA LYS C 292 64.84 13.90 20.69
C LYS C 292 63.71 13.71 19.69
N ARG C 293 63.91 12.84 18.70
CA ARG C 293 62.89 12.64 17.66
C ARG C 293 61.79 11.70 18.14
N CYS C 294 60.55 12.03 17.78
CA CYS C 294 59.40 11.19 18.13
C CYS C 294 58.89 10.46 16.89
N GLU C 295 58.89 9.13 16.95
CA GLU C 295 58.49 8.31 15.82
C GLU C 295 56.97 8.21 15.69
N PHE C 296 56.26 8.38 16.80
CA PHE C 296 54.81 8.31 16.81
C PHE C 296 54.24 9.33 17.79
N VAL C 297 53.21 10.07 17.39
CA VAL C 297 52.54 10.99 18.30
C VAL C 297 51.07 11.16 17.95
N MET C 298 50.21 10.80 18.89
CA MET C 298 48.77 10.95 18.72
C MET C 298 48.22 12.12 19.52
N GLU C 299 47.28 12.84 18.93
CA GLU C 299 46.60 13.93 19.59
C GLU C 299 45.47 13.39 20.44
N VAL C 300 45.51 13.68 21.73
CA VAL C 300 44.43 13.31 22.64
C VAL C 300 43.71 14.57 23.05
N THR C 301 42.55 14.40 23.67
CA THR C 301 41.83 15.54 24.21
C THR C 301 41.04 15.15 25.45
N ASN C 302 40.70 16.15 26.26
CA ASN C 302 39.95 15.94 27.49
C ASN C 302 38.62 15.26 27.22
N LYS C 303 38.15 14.49 28.19
CA LYS C 303 36.91 13.74 28.05
C LYS C 303 35.72 14.57 28.54
N THR C 304 34.80 14.89 27.64
CA THR C 304 33.51 15.46 28.03
C THR C 304 32.63 14.30 28.47
N ARG C 305 31.39 14.59 28.84
CA ARG C 305 30.50 13.53 29.30
C ARG C 305 30.17 12.58 28.14
N ALA C 306 30.20 13.11 26.92
CA ALA C 306 29.93 12.32 25.73
C ALA C 306 31.08 11.37 25.42
N ASP C 307 32.30 11.86 25.62
CA ASP C 307 33.49 11.13 25.20
C ASP C 307 34.08 10.28 26.31
N VAL C 308 33.23 9.72 27.15
CA VAL C 308 33.69 8.86 28.23
C VAL C 308 33.68 7.40 27.79
N LYS C 309 33.32 7.17 26.53
CA LYS C 309 33.18 5.82 25.99
C LYS C 309 34.35 5.40 25.08
N GLY C 310 35.31 6.30 24.89
CA GLY C 310 36.43 6.04 23.99
C GLY C 310 37.59 5.36 24.69
N GLY C 311 38.63 5.06 23.92
CA GLY C 311 39.83 4.43 24.46
C GLY C 311 40.78 5.51 24.97
N THR C 312 41.66 5.15 25.92
CA THR C 312 42.50 6.16 26.56
C THR C 312 43.96 5.72 26.65
N LEU C 313 44.82 6.71 26.86
CA LEU C 313 46.24 6.52 26.86
C LEU C 313 46.73 6.14 28.24
N THR C 314 47.58 5.12 28.30
CA THR C 314 48.16 4.68 29.57
C THR C 314 49.64 4.35 29.41
N GLN C 315 50.31 4.10 30.55
CA GLN C 315 51.68 3.64 30.55
C GLN C 315 51.71 2.19 31.01
N TYR C 316 52.03 1.28 30.10
CA TYR C 316 52.02 -0.16 30.40
C TYR C 316 53.37 -0.79 30.08
N GLU C 317 54.00 -1.35 31.11
CA GLU C 317 55.25 -2.07 30.96
C GLU C 317 56.34 -1.17 30.37
N GLY C 318 56.34 0.10 30.80
CA GLY C 318 57.41 1.01 30.47
C GLY C 318 57.15 1.91 29.27
N LYS C 319 56.12 1.59 28.49
CA LYS C 319 55.81 2.35 27.28
C LYS C 319 54.35 2.80 27.26
N LEU C 320 54.10 3.88 26.52
CA LEU C 320 52.74 4.38 26.34
C LEU C 320 51.95 3.42 25.46
N ARG C 321 50.72 3.13 25.87
CA ARG C 321 49.84 2.26 25.10
C ARG C 321 48.41 2.78 25.09
N LEU C 322 47.72 2.52 23.99
CA LEU C 322 46.31 2.85 23.88
C LEU C 322 45.47 1.69 24.38
N VAL C 323 44.65 1.96 25.39
CA VAL C 323 43.79 0.93 25.98
C VAL C 323 42.31 1.18 25.77
N GLU C 324 41.62 0.06 25.59
CA GLU C 324 40.21 0.04 25.22
C GLU C 324 39.36 -0.63 26.29
N ILE C 325 38.08 -0.34 26.27
CA ILE C 325 37.11 -0.93 27.19
C ILE C 325 37.16 -2.45 27.11
N ALA C 326 37.21 -2.94 25.88
CA ALA C 326 37.26 -4.37 25.61
C ALA C 326 38.46 -4.99 26.31
N GLN C 327 39.53 -4.21 26.41
CA GLN C 327 40.79 -4.66 27.00
C GLN C 327 40.70 -4.81 28.52
N VAL C 328 39.55 -4.44 29.09
CA VAL C 328 39.39 -4.36 30.54
C VAL C 328 38.23 -5.21 31.04
N PRO C 329 38.43 -6.53 31.04
CA PRO C 329 37.40 -7.48 31.47
C PRO C 329 37.18 -7.53 32.98
N LYS C 330 35.99 -7.95 33.38
CA LYS C 330 35.68 -8.22 34.78
C LYS C 330 35.88 -7.02 35.71
N ALA C 331 36.56 -7.23 36.82
CA ALA C 331 36.70 -6.22 37.86
C ALA C 331 37.52 -5.02 37.42
N HIS C 332 37.25 -3.87 38.04
CA HIS C 332 37.99 -2.65 37.79
C HIS C 332 37.50 -1.89 36.56
N VAL C 333 36.44 -2.39 35.96
CA VAL C 333 35.89 -1.76 34.76
C VAL C 333 35.34 -0.35 34.95
N ASP C 334 34.63 -0.12 36.06
CA ASP C 334 33.91 1.14 36.26
C ASP C 334 34.90 2.27 36.43
N GLU C 335 36.05 1.96 37.03
CA GLU C 335 37.08 2.95 37.28
C GLU C 335 37.69 3.51 36.00
N PHE C 336 37.77 2.68 34.97
CA PHE C 336 38.37 3.09 33.70
C PHE C 336 37.64 4.31 33.14
N LYS C 337 36.31 4.24 33.19
CA LYS C 337 35.46 5.34 32.75
C LYS C 337 35.69 6.61 33.57
N SER C 338 35.95 6.43 34.87
CA SER C 338 36.15 7.56 35.79
C SER C 338 37.12 8.57 35.23
N VAL C 339 36.65 9.80 35.09
CA VAL C 339 37.46 10.86 34.51
C VAL C 339 38.53 11.33 35.50
N SER C 340 38.45 10.85 36.73
CA SER C 340 39.45 11.18 37.74
C SER C 340 40.76 10.42 37.49
N LYS C 341 40.63 9.18 37.02
CA LYS C 341 41.78 8.33 36.75
C LYS C 341 42.39 8.63 35.39
N PHE C 342 41.56 8.61 34.35
CA PHE C 342 41.99 8.84 32.98
C PHE C 342 41.25 10.01 32.36
N LYS C 343 41.95 11.13 32.20
CA LYS C 343 41.32 12.41 31.90
C LYS C 343 41.25 12.75 30.42
N ILE C 344 41.89 11.93 29.58
CA ILE C 344 42.00 12.20 28.15
C ILE C 344 41.62 10.99 27.30
N PHE C 345 41.26 11.24 26.05
CA PHE C 345 41.01 10.16 25.10
C PHE C 345 41.55 10.49 23.71
N ASN C 346 41.60 9.46 22.88
CA ASN C 346 42.22 9.52 21.55
C ASN C 346 41.35 10.22 20.51
N THR C 347 41.95 11.16 19.79
CA THR C 347 41.27 11.87 18.71
C THR C 347 41.47 11.16 17.38
N ASN C 348 42.38 10.20 17.36
CA ASN C 348 42.74 9.48 16.14
C ASN C 348 43.42 10.41 15.12
N ASN C 349 43.89 11.57 15.58
CA ASN C 349 44.73 12.46 14.79
C ASN C 349 46.20 12.17 15.05
N LEU C 350 46.81 11.35 14.20
CA LEU C 350 48.15 10.82 14.48
C LEU C 350 49.21 11.44 13.58
N TRP C 351 50.45 11.44 14.07
CA TRP C 351 51.62 11.79 13.26
C TRP C 351 52.64 10.67 13.43
N ILE C 352 53.15 10.15 12.32
CA ILE C 352 54.06 8.99 12.37
C ILE C 352 55.28 9.21 11.47
N SER C 353 56.39 8.52 11.78
CA SER C 353 57.57 8.57 10.92
C SER C 353 57.58 7.42 9.90
N LEU C 354 57.67 7.78 8.62
CA LEU C 354 57.66 6.78 7.54
C LEU C 354 58.82 5.80 7.70
N ALA C 355 59.98 6.31 8.12
CA ALA C 355 61.14 5.49 8.36
C ALA C 355 60.81 4.42 9.40
N ALA C 356 60.19 4.85 10.49
CA ALA C 356 59.80 3.93 11.55
C ALA C 356 58.82 2.90 11.03
N VAL C 357 57.84 3.35 10.24
CA VAL C 357 56.85 2.44 9.68
C VAL C 357 57.52 1.38 8.81
N LYS C 358 58.42 1.81 7.93
CA LYS C 358 59.13 0.85 7.08
C LYS C 358 59.96 -0.10 7.91
N ARG C 359 60.77 0.45 8.81
CA ARG C 359 61.64 -0.35 9.66
C ARG C 359 60.84 -1.40 10.44
N LEU C 360 59.73 -0.97 11.03
CA LEU C 360 58.93 -1.86 11.88
C LEU C 360 58.07 -2.82 11.06
N GLN C 361 57.61 -2.38 9.89
CA GLN C 361 56.77 -3.23 9.05
C GLN C 361 57.58 -4.33 8.37
N GLU C 362 58.79 -3.99 7.91
CA GLU C 362 59.65 -4.98 7.24
C GLU C 362 60.26 -5.94 8.26
N GLN C 363 60.03 -5.67 9.54
CA GLN C 363 60.42 -6.57 10.62
C GLN C 363 59.21 -7.26 11.23
N ASN C 364 58.02 -6.85 10.80
CA ASN C 364 56.76 -7.33 11.38
C ASN C 364 56.70 -7.08 12.88
N ALA C 365 57.42 -6.06 13.33
CA ALA C 365 57.48 -5.70 14.74
C ALA C 365 56.26 -4.90 15.17
N ILE C 366 55.48 -4.47 14.19
CA ILE C 366 54.25 -3.73 14.46
C ILE C 366 53.24 -4.60 15.18
N ASP C 367 52.87 -4.19 16.39
CA ASP C 367 52.00 -4.97 17.26
C ASP C 367 50.77 -4.17 17.67
N MET C 368 49.59 -4.70 17.33
CA MET C 368 48.33 -4.07 17.69
C MET C 368 47.41 -5.13 18.29
N GLU C 369 46.59 -4.73 19.26
CA GLU C 369 45.70 -5.66 19.93
C GLU C 369 44.56 -6.08 19.01
N ILE C 370 44.44 -7.39 18.80
CA ILE C 370 43.39 -7.94 17.94
C ILE C 370 42.01 -7.52 18.43
N ILE C 371 41.20 -7.01 17.52
CA ILE C 371 39.83 -6.62 17.82
C ILE C 371 38.86 -7.52 17.04
N VAL C 372 37.89 -8.10 17.76
CA VAL C 372 36.91 -9.03 17.18
C VAL C 372 35.49 -8.49 17.31
N ASN C 373 34.79 -8.38 16.19
CA ASN C 373 33.42 -7.84 16.23
C ASN C 373 32.45 -8.74 15.50
N ALA C 374 31.15 -8.66 15.83
CA ALA C 374 30.15 -9.56 15.23
C ALA C 374 28.78 -8.94 14.95
N LYS C 375 28.16 -9.39 13.85
CA LYS C 375 26.77 -9.05 13.48
C LYS C 375 26.39 -9.72 12.14
N THR C 376 25.10 -9.73 11.78
CA THR C 376 24.66 -10.02 10.39
C THR C 376 23.20 -9.65 10.11
N LEU C 377 22.87 -9.46 8.82
CA LEU C 377 21.51 -9.04 8.40
C LEU C 377 20.98 -9.76 7.15
N ASP C 378 21.59 -9.53 5.99
CA ASP C 378 21.08 -10.08 4.72
C ASP C 378 21.21 -11.58 4.83
N GLY C 379 22.34 -12.01 5.38
CA GLY C 379 22.63 -13.42 5.56
C GLY C 379 21.63 -14.12 6.45
N GLY C 380 21.00 -13.37 7.36
CA GLY C 380 20.18 -13.97 8.39
C GLY C 380 21.10 -14.88 9.18
N LEU C 381 22.29 -14.35 9.46
CA LEU C 381 23.35 -15.13 10.10
C LEU C 381 23.80 -14.39 11.38
N ASN C 382 24.69 -15.01 12.14
CA ASN C 382 25.49 -14.33 13.17
C ASN C 382 27.00 -14.51 12.86
N VAL C 383 27.69 -13.40 12.58
CA VAL C 383 29.02 -13.44 11.94
C VAL C 383 30.09 -12.64 12.66
N ILE C 384 31.32 -13.12 12.55
CA ILE C 384 32.47 -12.55 13.24
C ILE C 384 33.48 -12.01 12.23
N GLN C 385 34.10 -10.87 12.54
CA GLN C 385 35.17 -10.33 11.71
C GLN C 385 36.28 -9.77 12.59
N LEU C 386 37.52 -10.00 12.13
CA LEU C 386 38.74 -9.62 12.85
C LEU C 386 39.35 -8.36 12.26
N GLU C 387 39.76 -7.44 13.13
CA GLU C 387 40.37 -6.19 12.68
C GLU C 387 41.26 -5.59 13.77
N THR C 388 41.96 -4.51 13.44
CA THR C 388 42.88 -3.88 14.37
C THR C 388 42.69 -2.36 14.35
N ALA C 389 43.48 -1.64 15.14
CA ALA C 389 43.35 -0.18 15.24
C ALA C 389 44.71 0.50 15.05
N VAL C 390 44.73 1.56 14.26
CA VAL C 390 45.97 2.28 13.97
C VAL C 390 46.56 2.92 15.24
N GLY C 391 45.69 3.36 16.13
CA GLY C 391 46.14 3.99 17.36
C GLY C 391 46.82 3.03 18.31
N ALA C 392 46.49 1.75 18.21
CA ALA C 392 47.02 0.74 19.12
C ALA C 392 48.51 0.49 18.89
N ALA C 393 48.97 0.80 17.68
CA ALA C 393 50.34 0.50 17.29
C ALA C 393 51.36 1.39 17.99
N ILE C 394 50.89 2.44 18.65
CA ILE C 394 51.77 3.44 19.28
C ILE C 394 52.82 2.81 20.20
N LYS C 395 52.46 1.67 20.79
CA LYS C 395 53.36 0.99 21.71
C LYS C 395 54.61 0.44 21.03
N SER C 396 54.48 0.14 19.74
CA SER C 396 55.58 -0.49 19.01
C SER C 396 56.55 0.54 18.43
N PHE C 397 56.47 1.77 18.94
CA PHE C 397 57.31 2.87 18.45
C PHE C 397 58.16 3.45 19.57
N GLU C 398 59.35 3.93 19.20
CA GLU C 398 60.26 4.56 20.15
C GLU C 398 59.92 6.03 20.32
N ASN C 399 60.07 6.53 21.55
CA ASN C 399 59.78 7.92 21.88
C ASN C 399 58.35 8.32 21.55
N SER C 400 57.40 7.43 21.83
CA SER C 400 55.98 7.74 21.63
C SER C 400 55.60 8.88 22.56
N LEU C 401 54.80 9.82 22.05
CA LEU C 401 54.45 11.04 22.77
C LEU C 401 53.09 11.57 22.35
N GLY C 402 52.14 11.58 23.27
CA GLY C 402 50.84 12.18 23.01
C GLY C 402 50.89 13.67 23.28
N ILE C 403 49.89 14.41 22.82
CA ILE C 403 49.74 15.82 23.20
C ILE C 403 48.26 16.14 23.36
N ASN C 404 47.94 16.91 24.40
CA ASN C 404 46.55 17.24 24.71
C ASN C 404 46.08 18.48 23.96
N VAL C 405 45.46 18.27 22.80
CA VAL C 405 45.00 19.37 21.96
C VAL C 405 43.60 19.80 22.36
N PRO C 406 43.25 21.08 22.10
CA PRO C 406 41.88 21.54 22.35
C PRO C 406 40.88 20.82 21.46
N ARG C 407 39.61 20.83 21.83
CA ARG C 407 38.60 20.13 21.05
C ARG C 407 38.47 20.76 19.67
N SER C 408 39.01 21.97 19.53
CA SER C 408 39.03 22.67 18.24
C SER C 408 39.45 21.74 17.11
N ARG C 409 40.35 20.81 17.40
CA ARG C 409 40.91 19.91 16.41
C ARG C 409 40.17 18.58 16.34
N PHE C 410 39.15 18.41 17.18
CA PHE C 410 38.36 17.19 17.19
C PHE C 410 36.88 17.48 16.98
N LEU C 411 36.45 17.45 15.71
CA LEU C 411 35.09 17.86 15.33
C LEU C 411 34.48 16.88 14.35
N PRO C 412 34.27 15.63 14.79
CA PRO C 412 33.79 14.57 13.88
C PRO C 412 32.34 14.78 13.46
N VAL C 413 32.12 14.97 12.17
CA VAL C 413 30.78 15.14 11.63
C VAL C 413 30.23 13.78 11.25
N LYS C 414 29.36 13.24 12.09
CA LYS C 414 28.83 11.91 11.86
C LYS C 414 27.36 11.92 11.49
N THR C 415 26.66 12.98 11.90
CA THR C 415 25.22 13.07 11.65
C THR C 415 24.78 14.44 11.14
N THR C 416 23.58 14.49 10.56
CA THR C 416 23.02 15.74 10.02
C THR C 416 22.97 16.80 11.09
N SER C 417 22.71 16.37 12.32
CA SER C 417 22.72 17.26 13.45
C SER C 417 24.08 17.97 13.58
N ASP C 418 25.14 17.32 13.12
CA ASP C 418 26.46 17.94 13.12
C ASP C 418 26.59 18.86 11.92
N LEU C 419 25.96 18.49 10.81
CA LEU C 419 25.99 19.32 9.61
C LEU C 419 25.33 20.66 9.89
N LEU C 420 24.14 20.63 10.50
CA LEU C 420 23.41 21.85 10.83
C LEU C 420 24.32 22.77 11.62
N LEU C 421 25.00 22.17 12.60
CA LEU C 421 25.95 22.86 13.44
C LEU C 421 27.06 23.49 12.61
N VAL C 422 27.66 22.70 11.72
CA VAL C 422 28.79 23.17 10.91
C VAL C 422 28.40 24.17 9.81
N MET C 423 27.20 24.05 9.29
CA MET C 423 26.75 24.89 8.19
C MET C 423 26.29 26.26 8.67
N SER C 424 26.02 26.39 9.96
CA SER C 424 25.48 27.62 10.52
C SER C 424 26.53 28.70 10.71
N ASN C 425 26.06 29.92 10.97
CA ASN C 425 26.95 31.06 11.20
C ASN C 425 27.83 30.86 12.42
N LEU C 426 27.53 29.81 13.17
CA LEU C 426 28.32 29.41 14.31
C LEU C 426 29.78 29.17 13.93
N TYR C 427 30.00 28.78 12.68
CA TYR C 427 31.35 28.52 12.15
C TYR C 427 31.63 29.33 10.90
N SER C 428 32.89 29.77 10.77
CA SER C 428 33.33 30.55 9.62
C SER C 428 34.31 29.73 8.79
N LEU C 429 34.15 29.82 7.47
CA LEU C 429 34.94 29.03 6.54
C LEU C 429 35.95 29.88 5.82
N ASN C 430 37.19 29.43 5.82
CA ASN C 430 38.26 30.10 5.07
C ASN C 430 39.19 29.08 4.47
N ALA C 431 39.20 29.02 3.13
CA ALA C 431 40.07 28.12 2.39
C ALA C 431 39.98 26.69 2.91
N GLY C 432 38.76 26.17 2.96
CA GLY C 432 38.54 24.81 3.41
C GLY C 432 38.69 24.58 4.91
N SER C 433 39.02 25.63 5.65
CA SER C 433 39.18 25.53 7.10
C SER C 433 38.05 26.21 7.85
N LEU C 434 37.41 25.45 8.74
CA LEU C 434 36.35 25.99 9.60
C LEU C 434 36.92 26.44 10.93
N THR C 435 36.47 27.61 11.39
CA THR C 435 36.83 28.12 12.72
C THR C 435 35.60 28.72 13.39
N MET C 436 35.40 28.40 14.66
CA MET C 436 34.26 28.94 15.38
C MET C 436 34.27 30.46 15.32
N SER C 437 33.10 31.05 15.18
CA SER C 437 32.96 32.50 15.09
C SER C 437 33.55 33.18 16.30
N GLU C 438 34.19 34.32 16.08
CA GLU C 438 34.73 35.10 17.17
C GLU C 438 33.60 35.85 17.86
N LYS C 439 32.46 35.94 17.19
CA LYS C 439 31.29 36.62 17.74
C LYS C 439 30.62 35.77 18.80
N ARG C 440 30.86 34.47 18.75
CA ARG C 440 30.33 33.54 19.74
C ARG C 440 30.80 33.94 21.13
N GLU C 441 29.86 34.38 21.96
CA GLU C 441 30.18 34.92 23.27
C GLU C 441 30.93 33.94 24.15
N PHE C 442 30.50 32.68 24.12
CA PHE C 442 31.09 31.63 24.93
C PHE C 442 31.72 30.57 24.03
N PRO C 443 32.88 30.03 24.43
CA PRO C 443 33.66 29.15 23.56
C PRO C 443 32.98 27.80 23.29
N THR C 444 32.08 27.39 24.18
CA THR C 444 31.46 26.08 24.11
C THR C 444 30.65 25.88 22.83
N VAL C 445 30.59 24.63 22.39
CA VAL C 445 29.78 24.23 21.24
C VAL C 445 28.39 23.86 21.72
N PRO C 446 27.34 24.29 20.99
CA PRO C 446 25.99 24.02 21.45
C PRO C 446 25.50 22.62 21.13
N LEU C 447 24.51 22.16 21.90
CA LEU C 447 23.96 20.84 21.69
C LEU C 447 22.78 20.94 20.75
N VAL C 448 22.77 20.11 19.72
CA VAL C 448 21.66 20.06 18.78
C VAL C 448 21.31 18.62 18.46
N LYS C 449 20.02 18.31 18.47
CA LYS C 449 19.50 16.98 18.15
C LYS C 449 18.29 17.06 17.23
N LEU C 450 18.49 16.64 15.98
CA LEU C 450 17.40 16.59 15.02
C LEU C 450 16.82 15.20 15.01
N GLY C 451 15.55 15.12 14.66
CA GLY C 451 14.80 13.88 14.75
C GLY C 451 15.05 12.90 13.62
N SER C 452 14.21 11.87 13.59
CA SER C 452 14.30 10.78 12.60
C SER C 452 13.98 11.30 11.23
N SER C 453 13.21 12.39 11.18
CA SER C 453 12.85 13.00 9.92
C SER C 453 14.06 13.68 9.28
N PHE C 454 15.10 13.90 10.07
CA PHE C 454 16.26 14.68 9.66
C PHE C 454 17.51 13.85 9.41
N THR C 455 17.40 12.53 9.63
CA THR C 455 18.57 11.64 9.55
C THR C 455 19.25 11.64 8.18
N LYS C 456 18.46 11.43 7.13
CA LYS C 456 18.97 11.49 5.76
C LYS C 456 19.30 12.92 5.38
N VAL C 457 20.49 13.15 4.81
CA VAL C 457 20.90 14.52 4.46
C VAL C 457 19.92 15.14 3.47
N GLN C 458 19.32 14.30 2.64
CA GLN C 458 18.35 14.78 1.66
C GLN C 458 17.14 15.41 2.36
N ASP C 459 16.51 14.65 3.24
CA ASP C 459 15.39 15.16 4.00
C ASP C 459 15.83 16.37 4.82
N TYR C 460 16.99 16.27 5.46
CA TYR C 460 17.52 17.36 6.26
C TYR C 460 17.67 18.66 5.50
N LEU C 461 18.28 18.59 4.32
CA LEU C 461 18.42 19.75 3.45
C LEU C 461 17.06 20.28 3.06
N ARG C 462 16.17 19.39 2.65
CA ARG C 462 14.83 19.82 2.26
C ARG C 462 14.11 20.58 3.37
N ARG C 463 14.37 20.19 4.61
CA ARG C 463 13.59 20.69 5.75
C ARG C 463 14.08 22.04 6.28
N PHE C 464 15.18 22.53 5.75
CA PHE C 464 15.69 23.85 6.13
C PHE C 464 15.80 24.75 4.89
N GLU C 465 14.83 25.65 4.70
CA GLU C 465 14.87 26.58 3.58
C GLU C 465 16.15 27.43 3.63
N SER C 466 16.70 27.57 4.85
CA SER C 466 18.05 28.08 5.04
C SER C 466 18.54 27.65 6.44
N ILE C 467 19.85 27.67 6.62
CA ILE C 467 20.41 27.33 7.92
C ILE C 467 20.12 28.50 8.85
N PRO C 468 19.39 28.25 9.95
CA PRO C 468 19.02 29.35 10.84
C PRO C 468 20.21 29.94 11.58
N ASP C 469 20.00 31.06 12.25
CA ASP C 469 21.01 31.67 13.10
C ASP C 469 21.11 30.89 14.40
N MET C 470 22.30 30.39 14.70
CA MET C 470 22.50 29.55 15.86
C MET C 470 23.65 30.08 16.71
N LEU C 471 23.96 31.36 16.53
CA LEU C 471 25.14 31.94 17.15
C LEU C 471 24.91 32.15 18.65
N GLU C 472 23.66 32.34 19.04
CA GLU C 472 23.32 32.48 20.45
C GLU C 472 22.55 31.24 20.93
N LEU C 473 22.79 30.12 20.26
CA LEU C 473 22.13 28.87 20.61
C LEU C 473 22.96 28.08 21.62
N ASP C 474 22.28 27.40 22.54
CA ASP C 474 22.96 26.54 23.51
C ASP C 474 22.44 25.11 23.38
N HIS C 475 21.14 24.99 23.14
CA HIS C 475 20.43 23.74 23.25
C HIS C 475 19.30 23.69 22.24
N LEU C 476 19.36 22.75 21.30
CA LEU C 476 18.32 22.62 20.28
C LEU C 476 17.87 21.19 20.13
N THR C 477 16.58 20.98 20.32
CA THR C 477 15.97 19.67 20.20
C THR C 477 14.80 19.81 19.26
N VAL C 478 14.79 19.07 18.16
CA VAL C 478 13.64 19.09 17.27
C VAL C 478 13.26 17.67 16.92
N SER C 479 11.98 17.38 17.04
CA SER C 479 11.45 16.03 16.92
C SER C 479 10.11 16.05 16.19
N GLY C 480 9.93 15.09 15.29
CA GLY C 480 8.71 14.96 14.52
C GLY C 480 8.82 15.53 13.12
N ASP C 481 7.68 15.76 12.50
CA ASP C 481 7.64 16.32 11.15
C ASP C 481 7.74 17.85 11.23
N VAL C 482 8.97 18.35 11.22
CA VAL C 482 9.22 19.77 11.44
C VAL C 482 9.91 20.41 10.24
N THR C 483 9.51 21.63 9.89
CA THR C 483 10.17 22.36 8.80
C THR C 483 10.50 23.80 9.16
N PHE C 484 11.62 24.30 8.65
CA PHE C 484 12.07 25.66 8.97
C PHE C 484 12.12 26.56 7.75
N GLY C 485 11.49 27.73 7.87
CA GLY C 485 11.53 28.70 6.80
C GLY C 485 12.87 29.40 6.75
N LYS C 486 13.00 30.38 5.87
CA LYS C 486 14.22 31.16 5.73
C LYS C 486 14.40 32.14 6.90
N ASN C 487 15.65 32.31 7.31
CA ASN C 487 16.02 33.33 8.29
C ASN C 487 15.43 33.11 9.69
N VAL C 488 15.23 31.86 10.06
CA VAL C 488 14.85 31.54 11.42
C VAL C 488 16.02 31.82 12.33
N SER C 489 15.75 32.24 13.57
CA SER C 489 16.80 32.49 14.55
C SER C 489 16.53 31.71 15.82
N LEU C 490 17.48 30.86 16.20
CA LEU C 490 17.36 30.03 17.39
C LEU C 490 18.33 30.50 18.47
N LYS C 491 17.80 30.84 19.65
CA LYS C 491 18.64 31.33 20.75
C LYS C 491 18.38 30.58 22.05
N GLY C 492 19.42 30.38 22.83
CA GLY C 492 19.26 29.70 24.11
C GLY C 492 18.82 28.27 23.93
N THR C 493 17.76 27.90 24.63
CA THR C 493 17.22 26.55 24.55
C THR C 493 15.98 26.52 23.70
N VAL C 494 15.94 25.64 22.71
CA VAL C 494 14.75 25.50 21.89
C VAL C 494 14.34 24.05 21.72
N ILE C 495 13.13 23.73 22.14
CA ILE C 495 12.58 22.39 21.99
C ILE C 495 11.37 22.48 21.07
N ILE C 496 11.42 21.76 19.96
CA ILE C 496 10.31 21.73 19.01
C ILE C 496 9.77 20.32 18.84
N ILE C 497 8.59 20.05 19.35
CA ILE C 497 8.00 18.71 19.34
C ILE C 497 6.75 18.65 18.47
N ALA C 498 6.83 17.94 17.35
CA ALA C 498 5.64 17.63 16.57
C ALA C 498 5.23 16.18 16.78
N ASN C 499 4.15 15.93 17.52
CA ASN C 499 3.78 14.56 17.84
C ASN C 499 3.40 13.74 16.60
N HIS C 500 3.22 12.43 16.78
CA HIS C 500 2.90 11.51 15.68
C HIS C 500 1.70 12.04 14.92
N GLY C 501 1.83 12.12 13.60
CA GLY C 501 0.75 12.58 12.76
C GLY C 501 0.83 14.08 12.54
N ASP C 502 1.36 14.79 13.52
CA ASP C 502 1.39 16.25 13.48
C ASP C 502 2.59 16.75 12.68
N ARG C 503 2.42 17.94 12.09
CA ARG C 503 3.49 18.66 11.41
C ARG C 503 3.66 20.01 12.08
N ILE C 504 4.89 20.51 12.12
CA ILE C 504 5.13 21.89 12.53
C ILE C 504 5.95 22.60 11.47
N ASP C 505 5.36 23.63 10.87
CA ASP C 505 6.04 24.50 9.93
C ASP C 505 6.43 25.82 10.60
N ILE C 506 7.69 25.93 11.03
CA ILE C 506 8.15 27.17 11.65
C ILE C 506 8.12 28.26 10.58
N PRO C 507 7.32 29.30 10.78
CA PRO C 507 7.27 30.34 9.75
C PRO C 507 8.59 31.11 9.62
N PRO C 508 9.00 31.48 8.39
CA PRO C 508 10.28 32.13 8.11
C PRO C 508 10.46 33.45 8.84
N GLY C 509 11.69 33.70 9.30
CA GLY C 509 11.99 34.88 10.09
C GLY C 509 11.70 34.70 11.57
N ALA C 510 11.13 33.56 11.93
CA ALA C 510 10.81 33.26 13.33
C ALA C 510 12.06 33.33 14.19
N VAL C 511 12.01 34.11 15.27
CA VAL C 511 13.07 34.04 16.27
C VAL C 511 12.54 33.35 17.54
N LEU C 512 13.14 32.21 17.84
CA LEU C 512 12.78 31.39 19.00
C LEU C 512 13.89 31.50 20.03
N GLU C 513 13.57 31.96 21.23
CA GLU C 513 14.56 32.16 22.27
C GLU C 513 14.03 31.64 23.61
N ASN C 514 14.64 30.57 24.11
CA ASN C 514 14.21 29.93 25.37
C ASN C 514 12.72 29.63 25.37
N LYS C 515 12.28 28.98 24.30
CA LYS C 515 10.89 28.56 24.15
C LYS C 515 10.83 27.07 23.93
N ILE C 516 9.69 26.47 24.25
CA ILE C 516 9.44 25.11 23.83
C ILE C 516 8.15 25.18 23.06
N VAL C 517 8.24 24.90 21.77
CA VAL C 517 7.11 25.01 20.87
C VAL C 517 6.64 23.60 20.53
N SER C 518 5.35 23.35 20.69
CA SER C 518 4.75 22.09 20.31
C SER C 518 3.42 22.35 19.64
N GLY C 519 2.89 21.33 18.96
CA GLY C 519 1.59 21.44 18.34
C GLY C 519 1.56 20.95 16.92
N ASN C 520 0.68 21.54 16.12
CA ASN C 520 0.46 21.07 14.78
C ASN C 520 0.06 22.25 13.87
N LEU C 521 0.99 22.69 13.03
CA LEU C 521 0.80 23.90 12.23
C LEU C 521 1.21 23.72 10.79
N ARG C 522 0.26 23.83 9.87
CA ARG C 522 0.53 23.73 8.44
C ARG C 522 0.47 25.12 7.77
N ILE C 523 1.63 25.61 7.34
CA ILE C 523 1.73 26.83 6.55
C ILE C 523 1.74 26.55 5.05
N LEU C 524 0.70 27.02 4.35
CA LEU C 524 0.51 26.69 2.94
C LEU C 524 0.77 27.91 2.06
N ASP C 525 0.99 27.68 0.76
CA ASP C 525 1.10 28.81 -0.18
C ASP C 525 -0.25 29.28 -0.75
N HIS C 526 -0.27 30.54 -1.10
CA HIS C 526 -1.42 31.23 -1.71
C HIS C 526 -0.99 32.02 -2.94
N ILE D 42 -29.44 9.06 -45.71
CA ILE D 42 -28.48 9.04 -44.61
C ILE D 42 -28.91 8.02 -43.54
N ARG D 43 -30.22 7.74 -43.48
CA ARG D 43 -30.76 6.72 -42.58
C ARG D 43 -30.38 5.29 -43.05
N GLN D 44 -30.84 4.94 -44.24
CA GLN D 44 -30.78 3.56 -44.73
C GLN D 44 -29.34 3.10 -45.04
N GLU D 45 -28.51 4.00 -45.55
CA GLU D 45 -27.14 3.66 -45.91
C GLU D 45 -26.40 3.13 -44.68
N LEU D 46 -26.51 3.87 -43.59
CA LEU D 46 -25.79 3.56 -42.37
C LEU D 46 -26.39 2.32 -41.74
N GLU D 47 -27.70 2.24 -41.76
CA GLU D 47 -28.32 0.97 -41.41
C GLU D 47 -27.68 -0.23 -42.13
N LEU D 48 -27.55 -0.15 -43.45
CA LEU D 48 -27.00 -1.28 -44.20
C LEU D 48 -25.52 -1.55 -43.93
N SER D 49 -24.73 -0.50 -43.73
CA SER D 49 -23.36 -0.72 -43.24
C SER D 49 -23.41 -1.59 -41.99
N VAL D 50 -24.28 -1.22 -41.04
CA VAL D 50 -24.44 -2.03 -39.84
C VAL D 50 -24.76 -3.46 -40.22
N LYS D 51 -25.70 -3.63 -41.15
CA LYS D 51 -26.06 -4.97 -41.57
C LYS D 51 -24.88 -5.80 -42.06
N LYS D 52 -24.07 -5.26 -42.94
CA LYS D 52 -22.91 -6.02 -43.41
C LYS D 52 -21.95 -6.33 -42.25
N GLU D 53 -21.70 -5.33 -41.41
CA GLU D 53 -20.83 -5.57 -40.26
C GLU D 53 -21.31 -6.74 -39.41
N LEU D 54 -22.62 -6.81 -39.17
CA LEU D 54 -23.15 -7.96 -38.43
C LEU D 54 -22.93 -9.24 -39.23
N GLU D 55 -23.10 -9.18 -40.54
CA GLU D 55 -22.85 -10.37 -41.36
C GLU D 55 -21.44 -10.91 -41.16
N LYS D 56 -20.49 -10.02 -40.94
CA LYS D 56 -19.15 -10.46 -40.50
C LYS D 56 -19.11 -11.24 -39.17
N ILE D 57 -20.21 -11.26 -38.42
CA ILE D 57 -20.23 -11.93 -37.12
C ILE D 57 -20.73 -13.37 -37.24
N LEU D 58 -21.61 -13.60 -38.20
CA LEU D 58 -22.17 -14.93 -38.42
C LEU D 58 -21.14 -15.92 -38.97
N THR D 59 -20.07 -15.40 -39.58
CA THR D 59 -19.04 -16.27 -40.15
C THR D 59 -18.28 -16.99 -39.05
N THR D 60 -18.07 -16.37 -37.91
CA THR D 60 -17.36 -17.06 -36.86
C THR D 60 -18.33 -17.51 -35.79
N ALA D 61 -18.50 -18.82 -35.65
CA ALA D 61 -19.42 -19.36 -34.67
C ALA D 61 -19.25 -20.86 -34.44
N SER D 62 -19.86 -21.38 -33.38
CA SER D 62 -19.61 -22.75 -32.96
C SER D 62 -20.04 -23.80 -33.98
N SER D 63 -21.23 -23.62 -34.52
CA SER D 63 -21.74 -24.44 -35.61
C SER D 63 -22.39 -25.74 -35.15
N HIS D 64 -22.22 -26.09 -33.88
CA HIS D 64 -23.02 -27.18 -33.32
C HIS D 64 -24.46 -26.72 -33.26
N GLU D 65 -24.62 -25.46 -32.88
CA GLU D 65 -25.91 -24.85 -32.71
C GLU D 65 -25.88 -23.45 -33.23
N PHE D 66 -25.74 -23.35 -34.54
CA PHE D 66 -25.82 -22.11 -35.30
C PHE D 66 -27.21 -21.51 -35.27
N GLU D 67 -28.18 -22.40 -35.34
CA GLU D 67 -29.54 -22.03 -35.65
C GLU D 67 -30.06 -20.95 -34.65
N HIS D 68 -29.88 -21.12 -33.33
CA HIS D 68 -30.37 -20.13 -32.35
C HIS D 68 -29.75 -18.76 -32.45
N THR D 69 -28.55 -18.69 -33.00
CA THR D 69 -27.91 -17.40 -33.17
C THR D 69 -28.72 -16.58 -34.20
N LYS D 70 -28.81 -17.13 -35.41
CA LYS D 70 -29.27 -16.35 -36.56
C LYS D 70 -30.54 -15.54 -36.28
N LYS D 71 -31.51 -16.16 -35.62
CA LYS D 71 -32.76 -15.47 -35.33
C LYS D 71 -32.53 -14.34 -34.34
N ASP D 72 -31.62 -14.58 -33.38
CA ASP D 72 -31.30 -13.57 -32.39
C ASP D 72 -30.77 -12.34 -33.12
N LEU D 73 -29.81 -12.56 -34.02
CA LEU D 73 -29.27 -11.41 -34.77
C LEU D 73 -30.32 -10.75 -35.66
N ASP D 74 -31.14 -11.56 -36.32
CA ASP D 74 -32.19 -11.04 -37.19
C ASP D 74 -33.20 -10.22 -36.38
N GLY D 75 -33.47 -10.69 -35.16
CA GLY D 75 -34.37 -10.03 -34.25
C GLY D 75 -33.77 -8.72 -33.80
N PHE D 76 -32.46 -8.73 -33.59
CA PHE D 76 -31.76 -7.51 -33.30
C PHE D 76 -31.89 -6.53 -34.45
N ARG D 77 -31.61 -6.97 -35.68
CA ARG D 77 -31.68 -6.07 -36.82
C ARG D 77 -33.08 -5.50 -36.98
N LYS D 78 -34.10 -6.35 -36.82
CA LYS D 78 -35.48 -5.93 -36.97
C LYS D 78 -35.79 -4.91 -35.89
N LEU D 79 -35.24 -5.14 -34.70
CA LEU D 79 -35.36 -4.18 -33.61
C LEU D 79 -34.77 -2.85 -34.06
N PHE D 80 -33.56 -2.91 -34.58
CA PHE D 80 -32.88 -1.71 -35.06
C PHE D 80 -33.77 -0.97 -36.06
N HIS D 81 -34.31 -1.72 -37.03
CA HIS D 81 -35.20 -1.17 -38.06
C HIS D 81 -36.17 -0.17 -37.43
N ARG D 82 -36.74 -0.56 -36.29
CA ARG D 82 -37.73 0.28 -35.60
C ARG D 82 -37.07 1.28 -34.64
N PHE D 83 -35.84 1.00 -34.21
CA PHE D 83 -35.08 1.99 -33.44
C PHE D 83 -35.02 3.36 -34.14
N LEU D 84 -34.76 3.37 -35.44
CA LEU D 84 -34.68 4.62 -36.21
C LEU D 84 -36.00 4.97 -36.90
N GLN D 85 -36.98 4.08 -36.80
CA GLN D 85 -38.30 4.33 -37.34
C GLN D 85 -39.04 5.36 -36.51
N GLU D 86 -38.94 5.22 -35.18
CA GLU D 86 -39.63 6.10 -34.24
C GLU D 86 -38.64 6.93 -33.41
N LYS D 87 -38.34 8.14 -33.90
CA LYS D 87 -37.58 9.11 -33.12
C LYS D 87 -38.44 10.35 -32.92
N GLY D 88 -39.75 10.17 -33.03
CA GLY D 88 -40.71 11.26 -32.94
C GLY D 88 -41.75 11.04 -31.85
N PRO D 89 -42.98 11.51 -32.07
CA PRO D 89 -44.04 11.47 -31.04
C PRO D 89 -44.37 10.07 -30.51
N SER D 90 -44.60 9.99 -29.20
CA SER D 90 -45.13 8.78 -28.55
C SER D 90 -46.33 9.17 -27.70
N VAL D 91 -46.11 10.13 -26.79
CA VAL D 91 -47.19 10.76 -26.05
C VAL D 91 -46.87 12.25 -25.90
N ASP D 92 -47.90 13.06 -25.72
CA ASP D 92 -47.73 14.50 -25.57
C ASP D 92 -49.00 15.11 -25.00
N TRP D 93 -48.90 16.34 -24.52
CA TRP D 93 -50.06 17.06 -24.00
C TRP D 93 -51.08 17.34 -25.10
N GLY D 94 -50.67 17.12 -26.35
CA GLY D 94 -51.58 17.23 -27.48
C GLY D 94 -52.36 15.95 -27.70
N LYS D 95 -51.88 14.85 -27.13
CA LYS D 95 -52.55 13.56 -27.25
C LYS D 95 -52.27 12.66 -26.03
N ILE D 96 -53.14 12.76 -25.03
CA ILE D 96 -53.00 11.99 -23.79
C ILE D 96 -54.40 11.67 -23.25
N GLN D 97 -54.53 10.53 -22.57
CA GLN D 97 -55.81 10.15 -21.97
C GLN D 97 -55.63 9.52 -20.58
N ARG D 98 -56.68 9.59 -19.78
CA ARG D 98 -56.68 9.10 -18.40
C ARG D 98 -57.09 7.63 -18.36
N PRO D 99 -56.68 6.91 -17.30
CA PRO D 99 -57.04 5.48 -17.18
C PRO D 99 -58.49 5.27 -16.72
N PRO D 100 -59.14 4.17 -17.14
CA PRO D 100 -60.52 3.92 -16.72
C PRO D 100 -60.65 3.57 -15.25
N GLU D 101 -61.85 3.14 -14.87
CA GLU D 101 -62.14 2.75 -13.48
C GLU D 101 -62.36 1.24 -13.35
N ASP D 102 -62.96 0.63 -14.37
CA ASP D 102 -63.28 -0.80 -14.33
C ASP D 102 -62.32 -1.65 -15.14
N SER D 103 -61.30 -1.03 -15.75
CA SER D 103 -60.25 -1.77 -16.44
C SER D 103 -59.18 -2.25 -15.44
N ILE D 104 -59.35 -1.82 -14.19
CA ILE D 104 -58.51 -2.26 -13.07
C ILE D 104 -59.41 -2.54 -11.86
N GLN D 105 -59.31 -3.74 -11.31
CA GLN D 105 -60.21 -4.23 -10.28
C GLN D 105 -59.49 -4.37 -8.95
N PRO D 106 -60.12 -3.93 -7.84
CA PRO D 106 -59.43 -4.12 -6.55
C PRO D 106 -59.35 -5.61 -6.20
N TYR D 107 -58.17 -6.07 -5.85
CA TYR D 107 -57.93 -7.46 -5.47
C TYR D 107 -58.95 -7.95 -4.44
N GLU D 108 -59.42 -7.02 -3.60
CA GLU D 108 -60.41 -7.32 -2.60
C GLU D 108 -61.72 -7.80 -3.21
N LYS D 109 -62.05 -7.30 -4.40
CA LYS D 109 -63.23 -7.73 -5.13
C LYS D 109 -63.09 -9.19 -5.53
N ILE D 110 -61.90 -9.57 -5.98
CA ILE D 110 -61.70 -10.91 -6.49
C ILE D 110 -61.64 -11.89 -5.34
N LYS D 111 -60.97 -11.50 -4.25
CA LYS D 111 -60.93 -12.34 -3.06
C LYS D 111 -62.34 -12.59 -2.54
N ALA D 112 -63.24 -11.64 -2.79
CA ALA D 112 -64.56 -11.64 -2.17
C ALA D 112 -65.39 -12.91 -2.48
N ARG D 113 -65.31 -13.43 -3.70
CA ARG D 113 -66.17 -14.56 -4.07
C ARG D 113 -65.71 -15.86 -3.42
N GLY D 114 -65.60 -15.82 -2.09
CA GLY D 114 -65.45 -17.00 -1.27
C GLY D 114 -64.36 -17.94 -1.73
N LEU D 115 -64.69 -19.22 -1.72
CA LEU D 115 -63.82 -20.24 -2.26
C LEU D 115 -64.57 -20.90 -3.40
N PRO D 116 -63.96 -20.92 -4.60
CA PRO D 116 -64.66 -21.64 -5.67
C PRO D 116 -64.66 -23.14 -5.38
N ASP D 117 -65.79 -23.81 -5.55
CA ASP D 117 -65.87 -25.21 -5.17
C ASP D 117 -64.95 -26.04 -6.03
N ASN D 118 -64.16 -26.89 -5.40
CA ASN D 118 -63.21 -27.72 -6.11
C ASN D 118 -62.31 -26.86 -7.00
N ILE D 119 -62.14 -27.25 -8.26
CA ILE D 119 -61.33 -26.49 -9.19
C ILE D 119 -59.89 -26.78 -8.85
N SER D 120 -59.70 -27.74 -7.95
CA SER D 120 -58.37 -28.10 -7.50
C SER D 120 -57.42 -28.29 -8.67
N SER D 121 -57.94 -28.83 -9.78
CA SER D 121 -57.11 -29.30 -10.89
C SER D 121 -56.88 -28.30 -12.03
N VAL D 122 -57.40 -27.08 -11.91
CA VAL D 122 -57.19 -26.07 -12.95
C VAL D 122 -55.74 -25.64 -12.99
N LEU D 123 -55.09 -25.66 -11.84
CA LEU D 123 -53.68 -25.30 -11.77
C LEU D 123 -52.82 -26.05 -12.79
N ASN D 124 -53.21 -27.27 -13.15
CA ASN D 124 -52.41 -28.08 -14.09
C ASN D 124 -52.44 -27.42 -15.44
N LYS D 125 -53.47 -26.63 -15.69
CA LYS D 125 -53.53 -25.85 -16.89
C LYS D 125 -52.45 -24.76 -16.78
N LEU D 126 -51.98 -24.52 -15.55
CA LEU D 126 -51.18 -23.33 -15.24
C LEU D 126 -49.70 -23.56 -15.08
N VAL D 127 -48.94 -22.62 -15.61
CA VAL D 127 -47.50 -22.74 -15.59
C VAL D 127 -46.81 -21.58 -14.87
N VAL D 128 -45.73 -21.88 -14.15
CA VAL D 128 -45.01 -20.82 -13.45
C VAL D 128 -43.69 -20.50 -14.14
N VAL D 129 -43.49 -19.22 -14.46
CA VAL D 129 -42.29 -18.77 -15.12
C VAL D 129 -41.62 -17.70 -14.26
N LYS D 130 -40.30 -17.76 -14.16
CA LYS D 130 -39.56 -16.82 -13.33
C LYS D 130 -38.33 -16.28 -14.05
N LEU D 131 -38.22 -14.95 -14.04
CA LEU D 131 -37.14 -14.27 -14.73
C LEU D 131 -35.81 -14.39 -13.98
N ASN D 132 -34.92 -15.24 -14.49
CA ASN D 132 -33.66 -15.53 -13.82
C ASN D 132 -32.46 -15.03 -14.61
N GLY D 133 -32.54 -13.78 -15.06
CA GLY D 133 -31.49 -13.19 -15.87
C GLY D 133 -30.57 -12.28 -15.10
N GLY D 134 -30.94 -11.98 -13.86
CA GLY D 134 -30.19 -11.03 -13.04
C GLY D 134 -29.09 -11.66 -12.22
N LEU D 135 -28.09 -10.86 -11.86
CA LEU D 135 -26.97 -11.32 -11.03
C LEU D 135 -26.97 -10.60 -9.68
N GLY D 136 -26.21 -11.15 -8.74
CA GLY D 136 -26.10 -10.58 -7.41
C GLY D 136 -24.90 -9.67 -7.26
N THR D 137 -24.66 -8.84 -8.27
CA THR D 137 -23.55 -7.90 -8.22
C THR D 137 -23.88 -6.73 -7.31
N SER D 138 -25.13 -6.27 -7.36
CA SER D 138 -25.57 -5.16 -6.52
C SER D 138 -25.53 -5.54 -5.05
N MET D 139 -25.60 -6.84 -4.78
CA MET D 139 -25.56 -7.37 -3.42
C MET D 139 -24.19 -7.94 -3.07
N GLY D 140 -23.34 -8.12 -4.07
CA GLY D 140 -21.95 -8.47 -3.84
C GLY D 140 -21.49 -9.84 -4.31
N CYS D 141 -22.28 -10.87 -4.08
CA CYS D 141 -21.82 -12.23 -4.38
C CYS D 141 -21.76 -12.48 -5.87
N LYS D 142 -20.89 -13.41 -6.27
CA LYS D 142 -20.67 -13.72 -7.66
C LYS D 142 -21.86 -14.54 -8.20
N GLY D 143 -21.96 -14.62 -9.52
CA GLY D 143 -22.92 -15.52 -10.15
C GLY D 143 -24.35 -14.99 -10.11
N PRO D 144 -25.33 -15.89 -10.29
CA PRO D 144 -26.75 -15.50 -10.34
C PRO D 144 -27.31 -15.05 -9.00
N LYS D 145 -28.32 -14.20 -9.06
CA LYS D 145 -28.96 -13.68 -7.86
C LYS D 145 -29.77 -14.75 -7.16
N SER D 146 -30.45 -15.58 -7.95
CA SER D 146 -31.30 -16.62 -7.38
C SER D 146 -30.53 -17.56 -6.48
N LEU D 147 -29.24 -17.71 -6.77
CA LEU D 147 -28.39 -18.57 -5.96
C LEU D 147 -28.13 -18.04 -4.55
N ILE D 148 -28.29 -16.73 -4.35
CA ILE D 148 -28.14 -16.14 -3.03
C ILE D 148 -29.18 -16.66 -2.04
N GLY D 149 -28.78 -16.84 -0.79
CA GLY D 149 -29.65 -17.40 0.22
C GLY D 149 -30.31 -16.36 1.08
N VAL D 150 -31.61 -16.20 0.88
CA VAL D 150 -32.40 -15.21 1.62
C VAL D 150 -32.67 -15.63 3.08
N ARG D 151 -32.98 -16.90 3.32
CA ARG D 151 -33.39 -17.33 4.66
C ARG D 151 -33.01 -18.77 5.02
N ASN D 152 -32.42 -18.95 6.20
CA ASN D 152 -32.19 -20.28 6.75
C ASN D 152 -31.52 -21.17 5.73
N GLU D 153 -30.51 -20.61 5.06
CA GLU D 153 -29.68 -21.37 4.14
C GLU D 153 -30.50 -21.70 2.89
N ASN D 154 -31.65 -21.05 2.73
CA ASN D 154 -32.49 -21.23 1.56
C ASN D 154 -32.31 -20.10 0.59
N THR D 155 -32.07 -20.46 -0.65
CA THR D 155 -32.00 -19.48 -1.70
C THR D 155 -33.35 -19.35 -2.43
N PHE D 156 -33.56 -18.20 -3.08
CA PHE D 156 -34.87 -17.82 -3.64
C PHE D 156 -35.42 -19.01 -4.39
N LEU D 157 -34.58 -19.54 -5.27
CA LEU D 157 -34.89 -20.74 -6.05
C LEU D 157 -35.38 -21.84 -5.12
N ASP D 158 -34.71 -22.03 -3.99
CA ASP D 158 -35.15 -23.02 -3.02
C ASP D 158 -36.55 -22.65 -2.54
N LEU D 159 -36.78 -21.36 -2.29
CA LEU D 159 -38.10 -20.93 -1.83
C LEU D 159 -39.15 -21.27 -2.91
N THR D 160 -38.99 -20.71 -4.11
CA THR D 160 -39.95 -20.92 -5.19
C THR D 160 -40.22 -22.42 -5.37
N VAL D 161 -39.13 -23.18 -5.49
CA VAL D 161 -39.24 -24.62 -5.62
C VAL D 161 -40.01 -25.19 -4.43
N GLN D 162 -39.73 -24.68 -3.24
CA GLN D 162 -40.40 -25.14 -2.02
C GLN D 162 -41.90 -24.86 -2.04
N GLN D 163 -42.29 -23.70 -2.54
CA GLN D 163 -43.72 -23.38 -2.63
C GLN D 163 -44.32 -24.41 -3.54
N ILE D 164 -43.65 -24.70 -4.65
CA ILE D 164 -44.18 -25.70 -5.57
C ILE D 164 -43.92 -27.15 -5.13
N GLU D 165 -42.89 -27.36 -4.31
CA GLU D 165 -42.52 -28.72 -3.90
C GLU D 165 -43.66 -29.09 -2.98
N HIS D 166 -44.12 -28.09 -2.24
CA HIS D 166 -45.28 -28.24 -1.37
C HIS D 166 -46.64 -28.06 -2.05
N LEU D 167 -46.75 -27.22 -3.09
CA LEU D 167 -48.08 -26.92 -3.64
C LEU D 167 -48.74 -28.19 -4.15
N ASN D 168 -47.99 -28.91 -4.98
CA ASN D 168 -48.48 -30.12 -5.60
C ASN D 168 -48.77 -31.20 -4.58
N LYS D 169 -47.89 -31.32 -3.60
CA LYS D 169 -48.03 -32.34 -2.56
C LYS D 169 -49.41 -32.25 -1.89
N THR D 170 -49.85 -31.03 -1.64
CA THR D 170 -51.14 -30.81 -1.00
C THR D 170 -52.28 -30.92 -2.00
N TYR D 171 -52.17 -30.27 -3.15
CA TYR D 171 -53.26 -30.32 -4.11
C TYR D 171 -53.17 -31.53 -5.06
N ASN D 172 -52.25 -32.44 -4.77
CA ASN D 172 -52.12 -33.71 -5.50
C ASN D 172 -52.06 -33.51 -7.00
N THR D 173 -51.22 -32.58 -7.43
CA THR D 173 -51.15 -32.18 -8.82
C THR D 173 -49.71 -32.20 -9.37
N ASP D 174 -49.48 -31.50 -10.48
CA ASP D 174 -48.13 -31.37 -11.04
C ASP D 174 -47.95 -30.06 -11.81
N VAL D 175 -47.32 -29.06 -11.19
CA VAL D 175 -47.09 -27.75 -11.83
C VAL D 175 -45.67 -27.65 -12.36
N PRO D 176 -45.50 -27.04 -13.55
CA PRO D 176 -44.15 -26.81 -14.07
C PRO D 176 -43.59 -25.42 -13.76
N LEU D 177 -42.32 -25.42 -13.34
CA LEU D 177 -41.53 -24.22 -13.12
C LEU D 177 -40.62 -24.00 -14.33
N VAL D 178 -40.55 -22.75 -14.81
CA VAL D 178 -39.69 -22.40 -15.93
C VAL D 178 -38.81 -21.20 -15.61
N LEU D 179 -37.49 -21.39 -15.69
CA LEU D 179 -36.54 -20.31 -15.39
C LEU D 179 -35.92 -19.76 -16.67
N MET D 180 -36.30 -18.53 -17.04
CA MET D 180 -35.62 -17.84 -18.13
C MET D 180 -34.24 -17.40 -17.66
N ASN D 181 -33.22 -18.02 -18.22
CA ASN D 181 -31.84 -17.73 -17.85
C ASN D 181 -31.16 -16.76 -18.79
N SER D 182 -29.98 -16.31 -18.42
CA SER D 182 -29.14 -15.46 -19.25
C SER D 182 -27.80 -16.14 -19.49
N PHE D 183 -27.03 -15.62 -20.44
CA PHE D 183 -25.73 -16.20 -20.74
C PHE D 183 -24.77 -16.04 -19.57
N ASN D 184 -25.06 -15.08 -18.69
CA ASN D 184 -24.24 -14.88 -17.49
C ASN D 184 -24.58 -15.91 -16.42
N THR D 185 -25.84 -16.34 -16.42
CA THR D 185 -26.32 -17.25 -15.38
C THR D 185 -26.46 -18.70 -15.84
N ASP D 186 -26.80 -18.94 -17.11
CA ASP D 186 -27.31 -20.26 -17.54
C ASP D 186 -26.37 -21.37 -17.09
N GLU D 187 -25.09 -21.23 -17.44
CA GLU D 187 -24.09 -22.24 -17.07
C GLU D 187 -24.03 -22.35 -15.54
N ASP D 188 -24.03 -21.19 -14.88
CA ASP D 188 -24.02 -21.13 -13.43
C ASP D 188 -25.29 -21.76 -12.85
N THR D 189 -26.42 -21.51 -13.50
CA THR D 189 -27.74 -21.91 -13.02
C THR D 189 -27.96 -23.41 -13.07
N LYS D 190 -27.67 -24.02 -14.22
CA LYS D 190 -27.98 -25.43 -14.40
C LYS D 190 -27.24 -26.32 -13.39
N LYS D 191 -25.95 -26.06 -13.20
CA LYS D 191 -25.08 -26.87 -12.35
C LYS D 191 -25.69 -27.27 -10.99
N ILE D 192 -26.56 -26.42 -10.45
CA ILE D 192 -27.14 -26.66 -9.13
C ILE D 192 -28.58 -27.19 -9.17
N LEU D 193 -29.10 -27.45 -10.37
CA LEU D 193 -30.48 -27.93 -10.50
C LEU D 193 -30.63 -29.37 -10.00
N GLN D 194 -29.51 -30.05 -9.79
CA GLN D 194 -29.53 -31.47 -9.44
C GLN D 194 -30.06 -31.72 -8.03
N LYS D 195 -30.07 -30.70 -7.19
CA LYS D 195 -30.56 -30.83 -5.83
C LYS D 195 -32.08 -31.01 -5.81
N TYR D 196 -32.76 -30.35 -6.75
CA TYR D 196 -34.21 -30.40 -6.83
C TYR D 196 -34.66 -31.67 -7.55
N ASN D 197 -33.70 -32.55 -7.81
CA ASN D 197 -34.03 -33.92 -8.16
C ASN D 197 -34.71 -34.52 -6.93
N HIS D 198 -35.83 -35.22 -7.15
CA HIS D 198 -36.65 -35.85 -6.10
C HIS D 198 -37.49 -34.86 -5.31
N CYS D 199 -37.30 -33.58 -5.58
CA CYS D 199 -38.25 -32.55 -5.18
C CYS D 199 -39.42 -32.61 -6.15
N ARG D 200 -40.64 -32.74 -5.63
CA ARG D 200 -41.78 -32.99 -6.50
C ARG D 200 -42.16 -31.75 -7.27
N VAL D 201 -41.43 -31.50 -8.36
CA VAL D 201 -41.78 -30.45 -9.30
C VAL D 201 -41.07 -30.69 -10.62
N LYS D 202 -41.65 -30.15 -11.68
CA LYS D 202 -41.11 -30.26 -13.03
C LYS D 202 -40.44 -28.94 -13.42
N ILE D 203 -39.11 -28.89 -13.30
CA ILE D 203 -38.37 -27.67 -13.61
C ILE D 203 -37.88 -27.67 -15.06
N TYR D 204 -37.90 -26.49 -15.68
CA TYR D 204 -37.39 -26.31 -17.03
C TYR D 204 -36.61 -25.00 -17.15
N THR D 205 -35.82 -24.89 -18.22
CA THR D 205 -34.96 -23.73 -18.41
C THR D 205 -34.82 -23.39 -19.88
N PHE D 206 -34.70 -22.10 -20.17
CA PHE D 206 -34.40 -21.64 -21.53
C PHE D 206 -33.65 -20.32 -21.50
N ASN D 207 -32.71 -20.17 -22.42
CA ASN D 207 -31.86 -18.99 -22.46
C ASN D 207 -32.45 -17.92 -23.36
N GLN D 208 -32.52 -16.69 -22.88
CA GLN D 208 -32.98 -15.58 -23.70
C GLN D 208 -31.93 -15.23 -24.73
N SER D 209 -32.26 -14.33 -25.65
CA SER D 209 -31.34 -13.92 -26.70
C SER D 209 -30.12 -13.20 -26.11
N ARG D 210 -29.12 -12.97 -26.95
CA ARG D 210 -27.95 -12.18 -26.57
C ARG D 210 -27.50 -11.32 -27.75
N TYR D 211 -27.80 -10.03 -27.65
CA TYR D 211 -27.54 -9.09 -28.74
C TYR D 211 -26.18 -8.41 -28.61
N PRO D 212 -25.66 -7.87 -29.72
CA PRO D 212 -24.38 -7.15 -29.69
C PRO D 212 -24.54 -5.70 -29.27
N ARG D 213 -23.73 -5.25 -28.31
CA ARG D 213 -23.73 -3.86 -27.90
C ARG D 213 -23.20 -3.01 -29.05
N ILE D 214 -23.69 -1.77 -29.11
CA ILE D 214 -23.34 -0.87 -30.22
C ILE D 214 -22.80 0.47 -29.69
N ASN D 215 -21.73 0.94 -30.34
CA ASN D 215 -21.05 2.18 -29.97
C ASN D 215 -21.98 3.38 -30.11
N LYS D 216 -21.89 4.30 -29.14
CA LYS D 216 -22.81 5.43 -29.07
C LYS D 216 -22.61 6.40 -30.24
N GLU D 217 -21.37 6.83 -30.46
CA GLU D 217 -21.11 7.84 -31.48
C GLU D 217 -21.27 7.30 -32.89
N SER D 218 -20.70 6.12 -33.14
CA SER D 218 -20.63 5.60 -34.50
C SER D 218 -21.88 4.83 -34.92
N LEU D 219 -22.67 4.41 -33.94
CA LEU D 219 -23.88 3.60 -34.17
C LEU D 219 -23.57 2.26 -34.86
N LEU D 220 -22.50 1.59 -34.43
CA LEU D 220 -22.13 0.29 -35.01
C LEU D 220 -21.65 -0.74 -33.99
N PRO D 221 -21.84 -2.04 -34.30
CA PRO D 221 -21.39 -3.12 -33.40
C PRO D 221 -19.91 -3.07 -33.08
N VAL D 222 -19.61 -3.35 -31.82
CA VAL D 222 -18.23 -3.34 -31.33
C VAL D 222 -17.50 -4.57 -31.85
N ALA D 223 -16.21 -4.67 -31.52
CA ALA D 223 -15.35 -5.72 -32.06
C ALA D 223 -15.97 -7.10 -31.85
N LYS D 224 -16.06 -7.84 -32.94
CA LYS D 224 -17.03 -8.93 -33.03
C LYS D 224 -16.65 -10.18 -32.25
N ASP D 225 -15.45 -10.70 -32.51
CA ASP D 225 -15.05 -11.99 -31.94
C ASP D 225 -13.54 -12.10 -31.70
N VAL D 226 -12.92 -11.03 -31.20
CA VAL D 226 -11.53 -11.15 -30.76
C VAL D 226 -11.43 -12.18 -29.65
N SER D 227 -12.43 -12.22 -28.78
CA SER D 227 -12.46 -13.24 -27.72
C SER D 227 -13.83 -13.44 -27.06
N TYR D 228 -14.22 -14.69 -26.90
CA TYR D 228 -15.45 -15.05 -26.21
C TYR D 228 -15.44 -14.58 -24.75
N SER D 229 -14.29 -14.78 -24.10
CA SER D 229 -14.17 -14.68 -22.64
C SER D 229 -13.48 -13.40 -22.15
N GLY D 230 -12.26 -13.17 -22.63
CA GLY D 230 -11.37 -12.18 -22.05
C GLY D 230 -11.89 -10.74 -22.05
N GLU D 231 -12.25 -10.24 -23.23
CA GLU D 231 -12.59 -8.83 -23.42
C GLU D 231 -13.99 -8.61 -24.00
N ASN D 232 -14.27 -9.26 -25.12
CA ASN D 232 -15.48 -8.99 -25.88
C ASN D 232 -16.73 -9.56 -25.20
N THR D 233 -16.53 -10.26 -24.10
CA THR D 233 -17.65 -10.77 -23.30
C THR D 233 -18.58 -9.62 -22.93
N GLU D 234 -17.99 -8.48 -22.59
CA GLU D 234 -18.73 -7.31 -22.15
C GLU D 234 -19.35 -6.57 -23.34
N ALA D 235 -19.22 -7.14 -24.54
CA ALA D 235 -19.83 -6.56 -25.74
C ALA D 235 -21.21 -7.15 -26.03
N TRP D 236 -21.58 -8.20 -25.30
CA TRP D 236 -22.87 -8.86 -25.47
C TRP D 236 -23.78 -8.58 -24.28
N TYR D 237 -25.08 -8.50 -24.52
CA TYR D 237 -26.04 -8.16 -23.47
C TYR D 237 -27.39 -8.86 -23.67
N PRO D 238 -28.11 -9.12 -22.57
CA PRO D 238 -29.48 -9.63 -22.70
C PRO D 238 -30.46 -8.52 -23.08
N PRO D 239 -31.36 -8.75 -24.05
CA PRO D 239 -32.25 -7.67 -24.49
C PRO D 239 -33.39 -7.40 -23.50
N GLY D 240 -33.06 -7.24 -22.23
CA GLY D 240 -34.06 -6.97 -21.22
C GLY D 240 -34.94 -8.18 -20.97
N HIS D 241 -35.99 -7.99 -20.17
CA HIS D 241 -36.87 -9.07 -19.78
C HIS D 241 -38.08 -9.18 -20.72
N GLY D 242 -38.09 -8.37 -21.78
CA GLY D 242 -39.18 -8.40 -22.73
C GLY D 242 -38.97 -9.43 -23.82
N ASP D 243 -37.73 -9.89 -23.98
CA ASP D 243 -37.39 -10.81 -25.06
C ASP D 243 -38.05 -12.17 -24.85
N ILE D 244 -38.68 -12.36 -23.68
CA ILE D 244 -39.27 -13.63 -23.29
C ILE D 244 -40.11 -14.30 -24.39
N TYR D 245 -40.87 -13.51 -25.14
CA TYR D 245 -41.81 -14.05 -26.15
C TYR D 245 -41.09 -14.78 -27.26
N ALA D 246 -40.07 -14.15 -27.83
CA ALA D 246 -39.27 -14.77 -28.88
C ALA D 246 -38.54 -15.97 -28.30
N SER D 247 -38.02 -15.79 -27.09
CA SER D 247 -37.07 -16.74 -26.52
C SER D 247 -37.65 -18.14 -26.23
N PHE D 248 -38.80 -18.21 -25.56
CA PHE D 248 -39.32 -19.52 -25.13
C PHE D 248 -39.86 -20.36 -26.27
N TYR D 249 -40.24 -19.70 -27.37
CA TYR D 249 -40.74 -20.41 -28.56
C TYR D 249 -39.64 -21.37 -29.02
N ASN D 250 -38.42 -20.86 -29.04
CA ASN D 250 -37.24 -21.68 -29.29
C ASN D 250 -37.20 -22.80 -28.28
N SER D 251 -36.75 -23.98 -28.72
CA SER D 251 -36.76 -25.18 -27.90
C SER D 251 -38.18 -25.73 -27.77
N GLY D 252 -39.15 -25.07 -28.41
CA GLY D 252 -40.49 -25.63 -28.51
C GLY D 252 -41.13 -25.86 -27.15
N LEU D 253 -40.65 -25.15 -26.13
CA LEU D 253 -41.23 -25.26 -24.80
C LEU D 253 -42.70 -24.98 -24.91
N LEU D 254 -43.01 -23.81 -25.46
CA LEU D 254 -44.38 -23.33 -25.46
C LEU D 254 -45.29 -24.35 -26.12
N ASP D 255 -44.79 -24.96 -27.19
CA ASP D 255 -45.55 -25.94 -27.97
C ASP D 255 -45.74 -27.18 -27.14
N THR D 256 -44.75 -27.47 -26.31
CA THR D 256 -44.73 -28.70 -25.55
C THR D 256 -45.79 -28.61 -24.47
N PHE D 257 -45.82 -27.47 -23.78
CA PHE D 257 -46.70 -27.30 -22.62
C PHE D 257 -48.13 -27.02 -23.09
N ILE D 258 -48.30 -26.39 -24.25
CA ILE D 258 -49.66 -26.23 -24.79
C ILE D 258 -50.18 -27.61 -25.16
N GLY D 259 -49.30 -28.44 -25.71
CA GLY D 259 -49.66 -29.79 -26.11
C GLY D 259 -50.05 -30.60 -24.89
N GLU D 260 -49.47 -30.22 -23.75
CA GLU D 260 -49.73 -30.87 -22.48
C GLU D 260 -51.14 -30.59 -21.96
N GLY D 261 -51.80 -29.59 -22.54
CA GLY D 261 -53.13 -29.19 -22.08
C GLY D 261 -53.02 -28.14 -20.99
N LYS D 262 -52.25 -27.09 -21.25
CA LYS D 262 -52.05 -26.00 -20.30
C LYS D 262 -52.08 -24.66 -21.05
N GLU D 263 -52.84 -23.71 -20.54
CA GLU D 263 -53.25 -22.56 -21.34
C GLU D 263 -52.60 -21.23 -20.93
N TYR D 264 -52.05 -21.19 -19.73
CA TYR D 264 -51.58 -19.91 -19.18
C TYR D 264 -50.31 -19.97 -18.33
N ILE D 265 -49.55 -18.87 -18.38
CA ILE D 265 -48.31 -18.71 -17.64
C ILE D 265 -48.41 -17.56 -16.65
N PHE D 266 -47.71 -17.73 -15.52
CA PHE D 266 -47.58 -16.67 -14.52
C PHE D 266 -46.12 -16.24 -14.45
N VAL D 267 -45.85 -15.01 -14.88
CA VAL D 267 -44.50 -14.47 -14.95
C VAL D 267 -44.20 -13.53 -13.79
N SER D 268 -42.99 -13.64 -13.26
CA SER D 268 -42.53 -12.76 -12.18
C SER D 268 -41.02 -12.88 -11.97
N ASN D 269 -40.49 -12.03 -11.10
CA ASN D 269 -39.07 -12.07 -10.73
C ASN D 269 -38.83 -13.08 -9.61
N ILE D 270 -37.64 -13.68 -9.60
CA ILE D 270 -37.29 -14.61 -8.53
C ILE D 270 -36.94 -13.85 -7.27
N ASP D 271 -36.59 -12.58 -7.44
CA ASP D 271 -36.22 -11.72 -6.31
C ASP D 271 -37.44 -11.08 -5.66
N ASN D 272 -38.60 -11.30 -6.25
CA ASN D 272 -39.85 -10.85 -5.65
C ASN D 272 -40.44 -11.96 -4.81
N LEU D 273 -40.21 -11.88 -3.50
CA LEU D 273 -40.66 -12.93 -2.60
C LEU D 273 -42.18 -12.94 -2.47
N GLY D 274 -42.80 -11.81 -2.80
CA GLY D 274 -44.24 -11.66 -2.67
C GLY D 274 -45.03 -12.33 -3.78
N ALA D 275 -44.36 -12.60 -4.90
CA ALA D 275 -45.02 -13.12 -6.09
C ALA D 275 -45.35 -14.60 -5.98
N THR D 276 -46.27 -14.94 -5.08
CA THR D 276 -46.79 -16.30 -5.00
C THR D 276 -47.94 -16.46 -5.98
N VAL D 277 -48.16 -17.68 -6.45
CA VAL D 277 -49.30 -17.95 -7.30
C VAL D 277 -50.59 -17.83 -6.49
N ASP D 278 -51.43 -16.86 -6.86
CA ASP D 278 -52.65 -16.57 -6.13
C ASP D 278 -53.84 -17.35 -6.72
N LEU D 279 -54.52 -18.10 -5.86
CA LEU D 279 -55.65 -18.91 -6.30
C LEU D 279 -56.84 -18.05 -6.68
N TYR D 280 -56.99 -16.93 -5.98
CA TYR D 280 -58.12 -16.03 -6.22
C TYR D 280 -57.96 -15.29 -7.54
N ILE D 281 -56.72 -14.91 -7.85
CA ILE D 281 -56.41 -14.32 -9.15
C ILE D 281 -56.51 -15.40 -10.20
N LEU D 282 -56.18 -16.63 -9.79
CA LEU D 282 -56.27 -17.79 -10.65
C LEU D 282 -57.72 -18.14 -10.96
N ASN D 283 -58.59 -17.90 -9.98
CA ASN D 283 -60.01 -18.14 -10.15
C ASN D 283 -60.64 -17.13 -11.11
N HIS D 284 -60.20 -15.87 -10.99
CA HIS D 284 -60.75 -14.77 -11.79
C HIS D 284 -60.16 -14.76 -13.16
N LEU D 285 -59.34 -15.74 -13.45
CA LEU D 285 -58.86 -15.82 -14.79
C LEU D 285 -59.95 -16.25 -15.75
N MET D 286 -60.69 -17.29 -15.36
CA MET D 286 -61.84 -17.71 -16.12
C MET D 286 -62.73 -16.52 -16.32
N ASN D 287 -62.86 -15.72 -15.26
CA ASN D 287 -63.76 -14.60 -15.30
C ASN D 287 -65.12 -15.04 -15.79
N PRO D 288 -65.59 -16.19 -15.28
CA PRO D 288 -66.71 -16.82 -15.97
C PRO D 288 -67.97 -15.97 -16.08
N PRO D 289 -68.30 -15.16 -15.05
CA PRO D 289 -69.50 -14.36 -15.31
C PRO D 289 -69.31 -13.50 -16.56
N ASN D 290 -70.31 -13.47 -17.43
CA ASN D 290 -70.29 -12.68 -18.67
C ASN D 290 -69.41 -13.29 -19.77
N GLY D 291 -69.00 -14.55 -19.58
CA GLY D 291 -68.22 -15.26 -20.58
C GLY D 291 -67.01 -14.48 -21.01
N LYS D 292 -66.29 -13.93 -20.04
CA LYS D 292 -65.16 -13.06 -20.31
C LYS D 292 -63.86 -13.83 -20.23
N ARG D 293 -62.86 -13.35 -20.97
CA ARG D 293 -61.52 -13.93 -20.88
C ARG D 293 -60.47 -12.85 -21.11
N CYS D 294 -59.56 -12.72 -20.15
CA CYS D 294 -58.44 -11.80 -20.29
C CYS D 294 -57.22 -12.55 -20.78
N GLU D 295 -56.69 -12.13 -21.93
CA GLU D 295 -55.50 -12.75 -22.49
C GLU D 295 -54.29 -12.35 -21.67
N PHE D 296 -54.28 -11.08 -21.25
CA PHE D 296 -53.18 -10.53 -20.48
C PHE D 296 -53.70 -9.82 -19.23
N VAL D 297 -53.21 -10.25 -18.08
CA VAL D 297 -53.43 -9.50 -16.84
C VAL D 297 -52.12 -9.24 -16.10
N MET D 298 -51.90 -7.99 -15.70
CA MET D 298 -50.78 -7.65 -14.83
C MET D 298 -51.29 -7.21 -13.46
N GLU D 299 -50.51 -7.51 -12.43
CA GLU D 299 -50.80 -7.04 -11.09
C GLU D 299 -50.21 -5.65 -10.91
N VAL D 300 -50.96 -4.76 -10.28
CA VAL D 300 -50.51 -3.40 -10.04
C VAL D 300 -50.67 -3.10 -8.55
N THR D 301 -49.93 -2.12 -8.05
CA THR D 301 -50.05 -1.74 -6.65
C THR D 301 -49.96 -0.23 -6.45
N ASN D 302 -50.56 0.25 -5.36
CA ASN D 302 -50.56 1.68 -5.04
C ASN D 302 -49.14 2.21 -4.90
N LYS D 303 -48.96 3.48 -5.28
CA LYS D 303 -47.64 4.09 -5.28
C LYS D 303 -47.30 4.72 -3.93
N THR D 304 -46.25 4.22 -3.30
CA THR D 304 -45.60 4.96 -2.21
C THR D 304 -44.71 5.99 -2.87
N ARG D 305 -44.00 6.79 -2.10
CA ARG D 305 -43.11 7.78 -2.68
C ARG D 305 -41.90 7.10 -3.33
N ALA D 306 -41.58 5.90 -2.86
CA ALA D 306 -40.42 5.17 -3.35
C ALA D 306 -40.74 4.33 -4.59
N ASP D 307 -41.88 4.61 -5.21
CA ASP D 307 -42.33 3.86 -6.39
C ASP D 307 -42.61 4.77 -7.59
N VAL D 308 -42.18 6.02 -7.51
CA VAL D 308 -42.44 6.99 -8.57
C VAL D 308 -41.34 6.98 -9.63
N LYS D 309 -40.50 5.95 -9.60
CA LYS D 309 -39.37 5.84 -10.54
C LYS D 309 -39.59 4.75 -11.59
N GLY D 310 -40.83 4.27 -11.70
CA GLY D 310 -41.19 3.26 -12.66
C GLY D 310 -42.29 3.72 -13.60
N GLY D 311 -42.87 2.78 -14.34
CA GLY D 311 -43.94 3.08 -15.26
C GLY D 311 -45.31 2.84 -14.64
N THR D 312 -46.35 3.39 -15.26
CA THR D 312 -47.72 3.21 -14.78
C THR D 312 -48.67 2.83 -15.90
N LEU D 313 -49.85 2.38 -15.52
CA LEU D 313 -50.86 1.93 -16.47
C LEU D 313 -51.76 3.09 -16.86
N THR D 314 -51.91 3.30 -18.18
CA THR D 314 -52.79 4.35 -18.69
C THR D 314 -53.63 3.81 -19.84
N GLN D 315 -54.53 4.64 -20.36
CA GLN D 315 -55.30 4.30 -21.55
C GLN D 315 -54.84 5.17 -22.71
N TYR D 316 -54.50 4.54 -23.83
CA TYR D 316 -54.00 5.28 -24.97
C TYR D 316 -54.46 4.64 -26.27
N GLU D 317 -55.18 5.44 -27.07
CA GLU D 317 -55.70 4.98 -28.35
C GLU D 317 -56.67 3.81 -28.14
N GLY D 318 -57.45 3.88 -27.06
CA GLY D 318 -58.58 2.98 -26.87
C GLY D 318 -58.21 1.64 -26.26
N LYS D 319 -56.92 1.44 -26.01
CA LYS D 319 -56.45 0.26 -25.29
C LYS D 319 -55.50 0.72 -24.19
N LEU D 320 -55.50 -0.02 -23.08
CA LEU D 320 -54.65 0.33 -21.95
C LEU D 320 -53.22 -0.06 -22.24
N ARG D 321 -52.31 0.87 -21.96
CA ARG D 321 -50.90 0.68 -22.24
C ARG D 321 -50.08 1.03 -21.02
N LEU D 322 -48.91 0.39 -20.92
CA LEU D 322 -47.95 0.68 -19.87
C LEU D 322 -47.02 1.80 -20.33
N VAL D 323 -47.02 2.90 -19.58
CA VAL D 323 -46.20 4.06 -19.92
C VAL D 323 -45.08 4.25 -18.88
N GLU D 324 -43.85 4.34 -19.39
CA GLU D 324 -42.68 4.55 -18.54
C GLU D 324 -42.35 6.03 -18.46
N ILE D 325 -41.29 6.38 -17.75
CA ILE D 325 -40.87 7.77 -17.61
C ILE D 325 -40.21 8.27 -18.89
N ALA D 326 -39.46 7.39 -19.55
CA ALA D 326 -38.73 7.75 -20.77
C ALA D 326 -39.68 8.16 -21.89
N GLN D 327 -40.90 7.67 -21.84
CA GLN D 327 -41.90 7.95 -22.87
C GLN D 327 -42.48 9.36 -22.74
N VAL D 328 -42.47 9.89 -21.51
CA VAL D 328 -43.11 11.16 -21.21
C VAL D 328 -42.20 12.33 -21.58
N PRO D 329 -42.78 13.44 -22.09
CA PRO D 329 -41.97 14.64 -22.35
C PRO D 329 -41.32 15.18 -21.08
N LYS D 330 -40.28 15.99 -21.25
CA LYS D 330 -39.56 16.58 -20.12
C LYS D 330 -40.39 17.65 -19.43
N ALA D 331 -41.46 18.10 -20.09
CA ALA D 331 -42.32 19.15 -19.56
C ALA D 331 -43.40 18.60 -18.62
N HIS D 332 -43.81 17.35 -18.87
CA HIS D 332 -44.89 16.72 -18.10
C HIS D 332 -44.39 15.51 -17.29
N VAL D 333 -43.12 15.54 -16.92
CA VAL D 333 -42.54 14.45 -16.14
C VAL D 333 -42.97 14.55 -14.67
N ASP D 334 -42.95 15.75 -14.13
CA ASP D 334 -43.35 15.97 -12.74
C ASP D 334 -44.86 15.77 -12.57
N GLU D 335 -45.60 15.94 -13.65
CA GLU D 335 -47.04 15.68 -13.65
C GLU D 335 -47.28 14.17 -13.75
N PHE D 336 -46.39 13.49 -14.46
CA PHE D 336 -46.43 12.04 -14.54
C PHE D 336 -46.06 11.43 -13.20
N LYS D 337 -45.12 12.05 -12.51
CA LYS D 337 -44.73 11.65 -11.16
C LYS D 337 -45.90 11.73 -10.19
N SER D 338 -46.73 12.76 -10.35
CA SER D 338 -47.81 13.07 -9.40
C SER D 338 -48.70 11.86 -9.12
N VAL D 339 -48.81 11.52 -7.84
CA VAL D 339 -49.65 10.39 -7.42
C VAL D 339 -51.12 10.72 -7.63
N SER D 340 -51.44 12.01 -7.64
CA SER D 340 -52.81 12.46 -7.88
C SER D 340 -53.32 12.01 -9.24
N LYS D 341 -52.46 12.09 -10.25
CA LYS D 341 -52.84 11.73 -11.61
C LYS D 341 -52.88 10.22 -11.81
N PHE D 342 -51.82 9.53 -11.39
CA PHE D 342 -51.71 8.10 -11.56
C PHE D 342 -51.37 7.44 -10.22
N LYS D 343 -52.29 6.62 -9.72
CA LYS D 343 -52.22 6.14 -8.34
C LYS D 343 -51.64 4.74 -8.17
N ILE D 344 -51.14 4.15 -9.25
CA ILE D 344 -50.68 2.76 -9.21
C ILE D 344 -49.36 2.55 -9.97
N PHE D 345 -48.74 1.40 -9.71
CA PHE D 345 -47.44 1.06 -10.28
C PHE D 345 -47.37 -0.43 -10.58
N ASN D 346 -46.70 -0.75 -11.69
CA ASN D 346 -46.57 -2.13 -12.15
C ASN D 346 -45.65 -2.98 -11.25
N THR D 347 -46.19 -4.09 -10.75
CA THR D 347 -45.40 -5.02 -9.94
C THR D 347 -44.62 -6.00 -10.80
N ASN D 348 -44.94 -6.01 -12.10
CA ASN D 348 -44.31 -6.90 -13.06
C ASN D 348 -44.66 -8.38 -12.81
N ASN D 349 -45.66 -8.60 -11.95
CA ASN D 349 -46.23 -9.93 -11.76
C ASN D 349 -47.36 -10.16 -12.75
N LEU D 350 -47.05 -10.86 -13.84
CA LEU D 350 -47.98 -10.97 -14.97
C LEU D 350 -48.58 -12.36 -15.09
N TRP D 351 -49.77 -12.42 -15.66
CA TRP D 351 -50.41 -13.67 -16.05
C TRP D 351 -50.84 -13.54 -17.51
N ILE D 352 -50.43 -14.50 -18.33
CA ILE D 352 -50.68 -14.43 -19.77
C ILE D 352 -51.19 -15.77 -20.30
N SER D 353 -52.16 -15.70 -21.22
CA SER D 353 -52.65 -16.89 -21.90
C SER D 353 -51.86 -17.13 -23.18
N LEU D 354 -51.33 -18.33 -23.35
CA LEU D 354 -50.50 -18.64 -24.51
C LEU D 354 -51.33 -18.60 -25.81
N ALA D 355 -52.62 -18.87 -25.69
CA ALA D 355 -53.53 -18.88 -26.81
C ALA D 355 -53.47 -17.55 -27.58
N ALA D 356 -53.11 -16.50 -26.85
CA ALA D 356 -52.93 -15.17 -27.45
C ALA D 356 -51.48 -14.96 -27.89
N VAL D 357 -50.56 -15.47 -27.07
CA VAL D 357 -49.12 -15.31 -27.32
C VAL D 357 -48.73 -15.88 -28.68
N LYS D 358 -49.10 -17.15 -28.91
CA LYS D 358 -48.80 -17.83 -30.17
C LYS D 358 -49.34 -16.97 -31.31
N ARG D 359 -50.58 -16.51 -31.10
CA ARG D 359 -51.33 -15.73 -32.08
C ARG D 359 -50.57 -14.49 -32.46
N LEU D 360 -50.14 -13.75 -31.45
CA LEU D 360 -49.48 -12.48 -31.69
C LEU D 360 -48.10 -12.65 -32.29
N GLN D 361 -47.31 -13.59 -31.76
CA GLN D 361 -45.95 -13.76 -32.27
C GLN D 361 -45.99 -14.23 -33.73
N GLU D 362 -46.87 -15.16 -34.07
CA GLU D 362 -46.99 -15.63 -35.46
C GLU D 362 -47.26 -14.46 -36.40
N GLN D 363 -48.21 -13.62 -36.02
CA GLN D 363 -48.55 -12.42 -36.78
C GLN D 363 -47.45 -11.36 -36.71
N ASN D 364 -46.77 -11.34 -35.58
CA ASN D 364 -45.77 -10.31 -35.25
C ASN D 364 -46.49 -9.00 -34.92
N ALA D 365 -47.78 -9.10 -34.65
CA ALA D 365 -48.57 -7.94 -34.19
C ALA D 365 -48.14 -7.51 -32.79
N ILE D 366 -47.46 -8.41 -32.06
CA ILE D 366 -46.93 -8.11 -30.73
C ILE D 366 -46.02 -6.89 -30.80
N ASP D 367 -46.26 -5.94 -29.90
CA ASP D 367 -45.57 -4.66 -29.96
C ASP D 367 -45.13 -4.22 -28.56
N MET D 368 -43.85 -3.88 -28.46
CA MET D 368 -43.25 -3.37 -27.23
C MET D 368 -42.45 -2.10 -27.50
N GLU D 369 -42.51 -1.16 -26.56
CA GLU D 369 -41.74 0.08 -26.65
C GLU D 369 -40.25 -0.21 -26.62
N ILE D 370 -39.50 0.51 -27.44
CA ILE D 370 -38.05 0.35 -27.51
C ILE D 370 -37.36 1.21 -26.45
N ILE D 371 -36.68 0.55 -25.51
CA ILE D 371 -35.91 1.27 -24.50
C ILE D 371 -34.41 1.13 -24.80
N VAL D 372 -33.75 2.28 -24.88
CA VAL D 372 -32.33 2.34 -25.20
C VAL D 372 -31.54 2.76 -23.97
N ASN D 373 -30.58 1.91 -23.57
CA ASN D 373 -29.75 2.17 -22.40
C ASN D 373 -28.31 2.45 -22.81
N ALA D 374 -27.59 3.20 -21.99
CA ALA D 374 -26.23 3.64 -22.32
C ALA D 374 -25.24 3.36 -21.18
N LYS D 375 -24.35 2.39 -21.41
CA LYS D 375 -23.31 2.02 -20.46
C LYS D 375 -22.04 1.60 -21.20
N THR D 376 -20.89 1.73 -20.55
CA THR D 376 -19.63 1.24 -21.12
C THR D 376 -19.27 -0.12 -20.51
N ASN D 382 -17.88 4.60 -24.50
CA ASN D 382 -19.32 4.87 -24.50
C ASN D 382 -20.06 3.96 -25.48
N VAL D 383 -21.12 3.33 -24.99
CA VAL D 383 -21.87 2.33 -25.76
C VAL D 383 -23.36 2.38 -25.38
N ILE D 384 -24.22 2.07 -26.33
CA ILE D 384 -25.65 1.95 -26.07
C ILE D 384 -26.15 0.53 -26.33
N GLN D 385 -27.34 0.21 -25.84
CA GLN D 385 -27.95 -1.09 -26.06
C GLN D 385 -29.48 -0.99 -26.11
N LEU D 386 -30.08 -1.68 -27.07
CA LEU D 386 -31.52 -1.65 -27.29
C LEU D 386 -32.21 -2.83 -26.63
N GLU D 387 -33.31 -2.58 -25.93
CA GLU D 387 -34.08 -3.64 -25.30
C GLU D 387 -35.56 -3.27 -25.15
N THR D 388 -36.33 -4.17 -24.55
CA THR D 388 -37.76 -3.99 -24.38
C THR D 388 -38.25 -4.55 -23.05
N ALA D 389 -39.39 -4.05 -22.57
CA ALA D 389 -40.00 -4.52 -21.33
C ALA D 389 -41.19 -5.41 -21.62
N VAL D 390 -41.32 -6.49 -20.86
CA VAL D 390 -42.41 -7.44 -21.03
C VAL D 390 -43.77 -6.79 -20.75
N GLY D 391 -43.78 -5.80 -19.87
CA GLY D 391 -45.01 -5.13 -19.48
C GLY D 391 -45.56 -4.21 -20.56
N ALA D 392 -44.69 -3.79 -21.48
CA ALA D 392 -45.08 -2.86 -22.53
C ALA D 392 -45.91 -3.53 -23.61
N ALA D 393 -46.03 -4.86 -23.53
CA ALA D 393 -46.76 -5.63 -24.53
C ALA D 393 -48.26 -5.67 -24.26
N ILE D 394 -48.65 -5.25 -23.06
CA ILE D 394 -50.04 -5.35 -22.62
C ILE D 394 -51.02 -4.69 -23.60
N LYS D 395 -50.54 -3.73 -24.37
CA LYS D 395 -51.39 -3.01 -25.32
C LYS D 395 -51.77 -3.85 -26.54
N SER D 396 -50.98 -4.89 -26.82
CA SER D 396 -51.21 -5.74 -27.98
C SER D 396 -52.05 -6.98 -27.65
N PHE D 397 -52.70 -6.97 -26.49
CA PHE D 397 -53.54 -8.08 -26.06
C PHE D 397 -54.99 -7.63 -25.88
N GLU D 398 -55.91 -8.49 -26.27
CA GLU D 398 -57.33 -8.19 -26.15
C GLU D 398 -57.77 -8.38 -24.69
N ASN D 399 -58.79 -7.64 -24.26
CA ASN D 399 -59.36 -7.83 -22.94
C ASN D 399 -58.26 -7.80 -21.89
N SER D 400 -57.25 -6.97 -22.13
CA SER D 400 -56.19 -6.76 -21.17
C SER D 400 -56.84 -6.28 -19.88
N LEU D 401 -56.45 -6.88 -18.76
CA LEU D 401 -57.00 -6.48 -17.48
C LEU D 401 -55.86 -6.22 -16.50
N GLY D 402 -56.09 -5.33 -15.55
CA GLY D 402 -55.13 -5.09 -14.50
C GLY D 402 -55.87 -5.24 -13.19
N ILE D 403 -55.15 -5.49 -12.11
CA ILE D 403 -55.81 -5.65 -10.82
C ILE D 403 -54.89 -5.08 -9.73
N ASN D 404 -55.48 -4.32 -8.81
CA ASN D 404 -54.71 -3.68 -7.75
C ASN D 404 -54.55 -4.61 -6.56
N VAL D 405 -53.39 -5.24 -6.48
CA VAL D 405 -53.07 -6.16 -5.39
C VAL D 405 -52.39 -5.41 -4.24
N PRO D 406 -52.43 -5.99 -3.02
CA PRO D 406 -51.74 -5.39 -1.89
C PRO D 406 -50.23 -5.43 -2.07
N ARG D 407 -49.49 -4.66 -1.27
CA ARG D 407 -48.04 -4.68 -1.35
C ARG D 407 -47.50 -6.02 -0.86
N SER D 408 -48.36 -6.79 -0.21
CA SER D 408 -48.01 -8.14 0.22
C SER D 408 -47.46 -8.99 -0.93
N ARG D 409 -47.97 -8.75 -2.14
CA ARG D 409 -47.55 -9.49 -3.31
C ARG D 409 -46.39 -8.80 -4.03
N PHE D 410 -46.00 -7.64 -3.54
CA PHE D 410 -44.85 -6.91 -4.09
C PHE D 410 -43.80 -6.68 -3.02
N LEU D 411 -42.86 -7.61 -2.95
CA LEU D 411 -41.78 -7.57 -1.97
C LEU D 411 -40.45 -7.90 -2.62
N PRO D 412 -39.97 -7.01 -3.51
CA PRO D 412 -38.68 -7.22 -4.18
C PRO D 412 -37.51 -6.93 -3.26
N VAL D 413 -36.65 -7.92 -3.07
CA VAL D 413 -35.42 -7.72 -2.28
C VAL D 413 -34.25 -7.46 -3.23
N LYS D 414 -33.80 -6.21 -3.25
CA LYS D 414 -32.75 -5.78 -4.17
C LYS D 414 -31.44 -5.52 -3.43
N THR D 415 -31.55 -5.07 -2.19
CA THR D 415 -30.39 -4.76 -1.37
C THR D 415 -30.36 -5.57 -0.08
N THR D 416 -29.28 -5.42 0.66
CA THR D 416 -29.10 -6.11 1.93
C THR D 416 -30.18 -5.73 2.94
N SER D 417 -30.50 -4.44 2.95
CA SER D 417 -31.47 -3.92 3.88
C SER D 417 -32.79 -4.69 3.76
N ASP D 418 -33.06 -5.20 2.56
CA ASP D 418 -34.29 -5.98 2.33
C ASP D 418 -34.13 -7.38 2.93
N LEU D 419 -32.92 -7.92 2.79
CA LEU D 419 -32.60 -9.21 3.39
C LEU D 419 -32.77 -9.15 4.91
N LEU D 420 -32.25 -8.11 5.53
CA LEU D 420 -32.41 -7.98 6.99
C LEU D 420 -33.87 -8.03 7.38
N LEU D 421 -34.73 -7.38 6.61
CA LEU D 421 -36.17 -7.43 6.86
C LEU D 421 -36.68 -8.85 6.72
N VAL D 422 -36.48 -9.42 5.53
CA VAL D 422 -37.01 -10.75 5.24
C VAL D 422 -36.46 -11.82 6.20
N MET D 423 -35.26 -11.60 6.71
CA MET D 423 -34.60 -12.58 7.57
C MET D 423 -35.08 -12.52 9.02
N SER D 424 -35.62 -11.38 9.42
CA SER D 424 -36.00 -11.16 10.82
C SER D 424 -37.28 -11.86 11.20
N ASN D 425 -37.64 -11.76 12.47
CA ASN D 425 -38.90 -12.29 12.97
C ASN D 425 -40.09 -11.46 12.51
N LEU D 426 -39.79 -10.41 11.75
CA LEU D 426 -40.80 -9.57 11.14
C LEU D 426 -41.64 -10.34 10.13
N TYR D 427 -41.03 -11.35 9.53
CA TYR D 427 -41.71 -12.23 8.58
C TYR D 427 -41.62 -13.69 9.05
N SER D 428 -42.70 -14.42 8.85
CA SER D 428 -42.74 -15.85 9.14
C SER D 428 -42.70 -16.64 7.84
N LEU D 429 -41.93 -17.72 7.83
CA LEU D 429 -41.72 -18.51 6.63
C LEU D 429 -42.42 -19.86 6.73
N ASN D 430 -43.18 -20.22 5.71
CA ASN D 430 -43.86 -21.51 5.67
C ASN D 430 -43.99 -22.03 4.25
N ALA D 431 -43.41 -23.22 4.02
CA ALA D 431 -43.43 -23.85 2.71
C ALA D 431 -42.93 -22.89 1.65
N GLY D 432 -41.82 -22.22 1.96
CA GLY D 432 -41.19 -21.28 1.06
C GLY D 432 -41.82 -19.89 1.10
N SER D 433 -43.04 -19.83 1.60
CA SER D 433 -43.85 -18.61 1.51
C SER D 433 -43.64 -17.71 2.71
N LEU D 434 -43.30 -16.45 2.46
CA LEU D 434 -43.15 -15.46 3.51
C LEU D 434 -44.46 -14.72 3.77
N THR D 435 -44.81 -14.57 5.04
CA THR D 435 -45.94 -13.75 5.43
C THR D 435 -45.60 -12.94 6.68
N MET D 436 -45.85 -11.64 6.62
CA MET D 436 -45.57 -10.75 7.74
C MET D 436 -46.25 -11.25 9.00
N SER D 437 -45.47 -11.38 10.07
CA SER D 437 -45.97 -11.89 11.34
C SER D 437 -47.27 -11.21 11.78
N GLU D 438 -48.27 -12.00 12.16
CA GLU D 438 -49.53 -11.46 12.67
C GLU D 438 -49.29 -10.66 13.95
N LYS D 439 -48.23 -11.03 14.66
CA LYS D 439 -47.84 -10.38 15.91
C LYS D 439 -47.44 -8.95 15.70
N ARG D 440 -47.13 -8.62 14.44
CA ARG D 440 -46.79 -7.26 14.07
C ARG D 440 -47.99 -6.37 14.39
N GLU D 441 -47.75 -5.32 15.16
CA GLU D 441 -48.85 -4.48 15.66
C GLU D 441 -49.58 -3.76 14.52
N PHE D 442 -48.83 -3.18 13.58
CA PHE D 442 -49.37 -2.48 12.40
C PHE D 442 -48.90 -2.98 11.06
N PRO D 443 -49.83 -3.15 10.10
CA PRO D 443 -49.46 -3.81 8.84
C PRO D 443 -48.33 -3.12 8.06
N THR D 444 -47.89 -1.93 8.48
CA THR D 444 -46.85 -1.20 7.76
C THR D 444 -45.47 -1.88 7.86
N VAL D 445 -44.74 -1.88 6.75
CA VAL D 445 -43.39 -2.43 6.71
C VAL D 445 -42.39 -1.36 7.13
N PRO D 446 -41.45 -1.69 8.01
CA PRO D 446 -40.52 -0.67 8.51
C PRO D 446 -39.46 -0.27 7.51
N LEU D 447 -38.78 0.83 7.77
CA LEU D 447 -37.77 1.36 6.88
C LEU D 447 -36.40 1.03 7.43
N VAL D 448 -35.55 0.43 6.61
CA VAL D 448 -34.21 0.07 7.06
C VAL D 448 -33.17 0.43 6.01
N LYS D 449 -32.16 1.18 6.44
CA LYS D 449 -31.05 1.56 5.57
C LYS D 449 -29.70 1.21 6.20
N LEU D 450 -29.06 0.20 5.63
CA LEU D 450 -27.75 -0.25 6.08
C LEU D 450 -26.69 0.41 5.22
N GLY D 451 -25.64 0.90 5.85
CA GLY D 451 -24.61 1.65 5.15
C GLY D 451 -23.81 0.84 4.16
N SER D 452 -22.74 1.44 3.67
CA SER D 452 -21.92 0.82 2.63
C SER D 452 -21.24 -0.42 3.15
N SER D 453 -20.94 -0.43 4.44
CA SER D 453 -20.21 -1.52 5.04
C SER D 453 -21.06 -2.78 5.12
N PHE D 454 -22.35 -2.65 4.78
CA PHE D 454 -23.30 -3.76 4.81
C PHE D 454 -23.78 -4.16 3.42
N THR D 455 -23.20 -3.57 2.39
CA THR D 455 -23.71 -3.78 1.02
C THR D 455 -23.46 -5.17 0.50
N LYS D 456 -22.24 -5.66 0.69
CA LYS D 456 -21.89 -7.02 0.28
C LYS D 456 -22.49 -8.03 1.26
N VAL D 457 -23.06 -9.12 0.73
CA VAL D 457 -23.77 -10.08 1.59
C VAL D 457 -22.83 -10.70 2.63
N GLN D 458 -21.56 -10.82 2.29
CA GLN D 458 -20.59 -11.41 3.19
C GLN D 458 -20.43 -10.55 4.43
N ASP D 459 -20.13 -9.28 4.21
CA ASP D 459 -20.00 -8.32 5.29
C ASP D 459 -21.28 -8.30 6.14
N TYR D 460 -22.41 -8.06 5.48
CA TYR D 460 -23.71 -8.07 6.13
C TYR D 460 -23.88 -9.25 7.07
N LEU D 461 -23.75 -10.45 6.51
CA LEU D 461 -23.83 -11.65 7.30
C LEU D 461 -22.85 -11.62 8.46
N ARG D 462 -21.60 -11.25 8.20
CA ARG D 462 -20.57 -11.27 9.25
C ARG D 462 -20.85 -10.23 10.33
N ARG D 463 -21.53 -9.16 9.95
CA ARG D 463 -21.73 -8.02 10.85
C ARG D 463 -22.94 -8.16 11.79
N PHE D 464 -23.80 -9.15 11.52
CA PHE D 464 -24.93 -9.43 12.38
C PHE D 464 -24.78 -10.82 12.97
N GLU D 465 -24.21 -10.93 14.17
CA GLU D 465 -23.96 -12.24 14.77
C GLU D 465 -25.23 -13.08 14.79
N SER D 466 -26.36 -12.39 14.81
CA SER D 466 -27.66 -13.02 14.58
C SER D 466 -28.62 -11.94 14.08
N ILE D 467 -29.76 -12.35 13.54
CA ILE D 467 -30.72 -11.36 13.06
C ILE D 467 -31.51 -10.84 14.27
N PRO D 468 -31.44 -9.51 14.52
CA PRO D 468 -32.04 -8.93 15.72
C PRO D 468 -33.57 -8.94 15.73
N ASP D 469 -34.16 -8.52 16.85
CA ASP D 469 -35.61 -8.48 17.00
C ASP D 469 -36.13 -7.17 16.45
N MET D 470 -36.81 -7.24 15.31
CA MET D 470 -37.28 -6.06 14.62
C MET D 470 -38.80 -6.03 14.56
N LEU D 471 -39.44 -6.76 15.47
CA LEU D 471 -40.88 -6.93 15.43
C LEU D 471 -41.58 -5.63 15.83
N GLU D 472 -40.90 -4.80 16.61
CA GLU D 472 -41.43 -3.51 17.02
C GLU D 472 -40.61 -2.37 16.40
N LEU D 473 -40.08 -2.61 15.20
CA LEU D 473 -39.24 -1.63 14.53
C LEU D 473 -40.04 -0.75 13.57
N ASP D 474 -39.64 0.52 13.46
CA ASP D 474 -40.20 1.45 12.49
C ASP D 474 -39.11 2.00 11.57
N HIS D 475 -38.12 2.64 12.16
CA HIS D 475 -37.02 3.24 11.45
C HIS D 475 -35.71 2.61 11.92
N LEU D 476 -34.92 2.05 10.99
CA LEU D 476 -33.54 1.62 11.26
C LEU D 476 -32.56 2.25 10.25
N THR D 477 -31.60 3.01 10.76
CA THR D 477 -30.59 3.62 9.93
C THR D 477 -29.26 3.32 10.58
N VAL D 478 -28.37 2.63 9.87
CA VAL D 478 -27.08 2.29 10.44
C VAL D 478 -26.02 2.66 9.42
N SER D 479 -25.09 3.51 9.85
CA SER D 479 -24.09 4.06 8.96
C SER D 479 -22.71 3.86 9.58
N GLY D 480 -21.75 3.47 8.74
CA GLY D 480 -20.36 3.33 9.16
C GLY D 480 -19.96 1.92 9.54
N ASP D 481 -18.88 1.84 10.30
CA ASP D 481 -18.36 0.56 10.76
C ASP D 481 -19.16 0.13 11.98
N VAL D 482 -20.15 -0.74 11.77
CA VAL D 482 -21.03 -1.17 12.85
C VAL D 482 -21.13 -2.70 12.98
N THR D 483 -21.15 -3.18 14.22
CA THR D 483 -21.21 -4.61 14.51
C THR D 483 -22.33 -4.95 15.46
N PHE D 484 -23.06 -6.01 15.16
CA PHE D 484 -24.14 -6.45 16.05
C PHE D 484 -23.81 -7.80 16.71
N GLY D 485 -24.03 -7.85 18.02
CA GLY D 485 -23.88 -9.07 18.76
C GLY D 485 -25.15 -9.87 18.63
N LYS D 486 -25.19 -10.99 19.33
CA LYS D 486 -26.37 -11.84 19.35
C LYS D 486 -27.54 -11.24 20.13
N ASN D 487 -28.75 -11.51 19.66
CA ASN D 487 -29.99 -11.22 20.39
C ASN D 487 -30.39 -9.74 20.51
N VAL D 488 -29.72 -8.87 19.77
CA VAL D 488 -30.05 -7.44 19.78
C VAL D 488 -31.53 -7.23 19.44
N SER D 489 -32.17 -6.27 20.11
CA SER D 489 -33.58 -5.99 19.87
C SER D 489 -33.74 -4.54 19.45
N LEU D 490 -34.30 -4.33 18.26
CA LEU D 490 -34.47 -2.99 17.70
C LEU D 490 -35.95 -2.59 17.72
N LYS D 491 -36.25 -1.46 18.35
CA LYS D 491 -37.63 -1.01 18.50
C LYS D 491 -37.84 0.44 18.12
N GLY D 492 -38.86 0.67 17.31
CA GLY D 492 -39.25 2.02 16.94
C GLY D 492 -38.25 2.64 15.99
N THR D 493 -37.68 3.76 16.40
CA THR D 493 -36.71 4.48 15.58
C THR D 493 -35.31 4.33 16.14
N VAL D 494 -34.42 3.70 15.38
CA VAL D 494 -33.04 3.55 15.80
C VAL D 494 -32.12 4.14 14.73
N ILE D 495 -31.20 5.00 15.16
CA ILE D 495 -30.18 5.50 14.25
C ILE D 495 -28.81 5.24 14.87
N ILE D 496 -27.96 4.50 14.15
CA ILE D 496 -26.61 4.19 14.61
C ILE D 496 -25.58 4.76 13.65
N ILE D 497 -24.85 5.78 14.09
CA ILE D 497 -23.91 6.50 13.21
C ILE D 497 -22.47 6.41 13.72
N ALA D 498 -21.66 5.59 13.06
CA ALA D 498 -20.24 5.50 13.36
C ALA D 498 -19.43 6.31 12.35
N ASN D 499 -18.76 7.35 12.81
CA ASN D 499 -18.08 8.26 11.89
C ASN D 499 -16.89 7.62 11.19
N HIS D 500 -16.26 8.37 10.30
CA HIS D 500 -15.11 7.88 9.54
C HIS D 500 -14.04 7.48 10.55
N GLY D 501 -13.48 6.29 10.37
CA GLY D 501 -12.38 5.83 11.20
C GLY D 501 -12.87 5.17 12.46
N ASP D 502 -14.02 5.59 12.94
CA ASP D 502 -14.61 5.04 14.16
C ASP D 502 -15.34 3.75 13.86
N ARG D 503 -15.44 2.89 14.87
CA ARG D 503 -16.29 1.71 14.81
C ARG D 503 -17.28 1.73 15.97
N ILE D 504 -18.36 0.96 15.81
CA ILE D 504 -19.32 0.79 16.88
C ILE D 504 -19.72 -0.68 16.97
N ASP D 505 -19.41 -1.30 18.10
CA ASP D 505 -19.82 -2.68 18.39
C ASP D 505 -20.99 -2.67 19.36
N ILE D 506 -22.18 -2.96 18.86
CA ILE D 506 -23.34 -3.09 19.71
C ILE D 506 -23.23 -4.40 20.48
N PRO D 507 -23.13 -4.34 21.81
CA PRO D 507 -23.05 -5.60 22.55
C PRO D 507 -24.29 -6.46 22.40
N PRO D 508 -24.17 -7.76 22.65
CA PRO D 508 -25.27 -8.72 22.45
C PRO D 508 -26.36 -8.59 23.47
N GLY D 509 -27.61 -8.80 23.05
CA GLY D 509 -28.75 -8.64 23.92
C GLY D 509 -29.18 -7.20 24.11
N ALA D 510 -28.42 -6.28 23.54
CA ALA D 510 -28.71 -4.86 23.63
C ALA D 510 -30.04 -4.56 22.99
N VAL D 511 -30.92 -3.93 23.75
CA VAL D 511 -32.21 -3.52 23.21
C VAL D 511 -32.18 -2.02 23.06
N LEU D 512 -32.40 -1.59 21.81
CA LEU D 512 -32.43 -0.19 21.46
C LEU D 512 -33.85 0.20 21.05
N GLU D 513 -34.45 1.12 21.81
CA GLU D 513 -35.81 1.59 21.54
C GLU D 513 -35.87 3.11 21.47
N ASN D 514 -36.15 3.63 20.28
CA ASN D 514 -36.19 5.07 20.05
C ASN D 514 -34.92 5.74 20.57
N LYS D 515 -33.81 5.47 19.90
CA LYS D 515 -32.51 6.00 20.31
C LYS D 515 -31.66 6.38 19.11
N ILE D 516 -30.85 7.43 19.25
CA ILE D 516 -29.79 7.64 18.28
C ILE D 516 -28.48 7.37 19.03
N VAL D 517 -27.71 6.42 18.50
CA VAL D 517 -26.47 6.01 19.12
C VAL D 517 -25.30 6.31 18.17
N SER D 518 -24.28 6.97 18.70
CA SER D 518 -23.16 7.42 17.90
C SER D 518 -21.89 7.38 18.70
N GLY D 519 -20.74 7.41 18.02
CA GLY D 519 -19.46 7.41 18.69
C GLY D 519 -18.59 6.25 18.29
N ASN D 520 -17.62 5.94 19.14
CA ASN D 520 -16.56 5.00 18.82
C ASN D 520 -16.37 4.01 19.96
N LEU D 521 -16.98 2.84 19.83
CA LEU D 521 -16.93 1.82 20.87
C LEU D 521 -16.49 0.46 20.32
N ARG D 522 -15.40 -0.07 20.86
CA ARG D 522 -14.89 -1.38 20.46
C ARG D 522 -15.04 -2.39 21.59
N ILE D 523 -15.65 -3.52 21.27
CA ILE D 523 -15.85 -4.63 22.20
C ILE D 523 -14.96 -5.82 21.81
N LEU D 524 -13.93 -6.06 22.60
CA LEU D 524 -12.94 -7.09 22.32
C LEU D 524 -13.10 -8.32 23.21
N ASP D 525 -12.70 -9.48 22.72
CA ASP D 525 -12.80 -10.71 23.51
C ASP D 525 -11.73 -10.68 24.61
N HIS D 526 -11.88 -11.55 25.60
CA HIS D 526 -10.93 -11.67 26.70
C HIS D 526 -10.64 -13.15 27.03
N1 UPG E . -3.14 -32.34 16.87
C2 UPG E . -3.21 -33.71 16.44
N3 UPG E . -4.23 -34.06 15.55
C4 UPG E . -5.18 -33.13 15.06
C5 UPG E . -5.06 -31.77 15.53
C6 UPG E . -4.08 -31.40 16.39
O2 UPG E . -2.44 -34.58 16.81
O4 UPG E . -6.03 -33.56 14.27
C1C UPG E . -2.02 -31.97 17.86
C2C UPG E . -1.34 -30.62 17.43
O2C UPG E . 0.07 -30.84 17.44
C3C UPG E . -1.89 -29.58 18.50
C4C UPG E . -2.83 -30.40 19.42
O4C UPG E . -2.59 -31.79 19.16
O3C UPG E . -0.91 -29.06 19.36
C5C UPG E . -4.34 -30.08 19.15
O5C UPG E . -4.90 -29.86 20.35
PA UPG E . -5.13 -28.27 20.97
O1A UPG E . -5.12 -27.39 19.75
O2A UPG E . -4.09 -28.14 22.02
O3A UPG E . -6.60 -28.47 21.53
PB UPG E . -7.66 -29.67 21.35
O1B UPG E . -7.58 -30.26 19.97
O2B UPG E . -8.97 -29.41 21.99
O3B UPG E . -6.97 -31.11 22.24
C1' UPG E . -6.36 -31.08 23.48
C2' UPG E . -7.31 -31.66 24.54
C3' UPG E . -8.36 -30.70 25.02
C4' UPG E . -7.64 -29.51 25.64
C5' UPG E . -6.80 -28.87 24.48
C6' UPG E . -6.04 -27.65 25.06
O2' UPG E . -7.99 -32.76 24.02
O3' UPG E . -9.08 -31.32 26.06
O4' UPG E . -8.58 -28.56 26.06
O5' UPG E . -5.87 -29.80 23.95
O6' UPG E . -7.02 -26.80 25.56
S SO4 F . -31.23 -40.63 -7.33
O1 SO4 F . -30.64 -39.56 -6.54
O2 SO4 F . -32.30 -41.27 -6.56
O3 SO4 F . -30.18 -41.63 -7.62
O4 SO4 F . -31.82 -40.07 -8.55
S SO4 G . -6.79 -0.52 12.16
O1 SO4 G . -6.62 -1.35 13.36
O2 SO4 G . -6.00 0.71 12.26
O3 SO4 G . -8.20 -0.16 11.99
O4 SO4 G . -6.36 -1.29 10.99
S SO4 H . 15.84 -35.52 38.50
O1 SO4 H . 14.89 -36.16 37.56
O2 SO4 H . 15.16 -34.48 39.27
O3 SO4 H . 16.99 -34.87 37.85
O4 SO4 H . 16.37 -36.52 39.43
S SO4 I . 26.52 -38.14 15.42
O1 SO4 I . 26.00 -39.03 14.38
O2 SO4 I . 26.04 -38.63 16.71
O3 SO4 I . 26.07 -36.77 15.18
O4 SO4 I . 27.98 -38.19 15.42
S SO4 J . -35.00 -34.77 28.35
O1 SO4 J . -35.89 -35.82 27.84
O2 SO4 J . -33.99 -34.46 27.34
O3 SO4 J . -34.37 -35.19 29.61
O4 SO4 J . -35.78 -33.55 28.59
S SO4 K . 2.23 -56.43 34.42
O1 SO4 K . 2.71 -55.10 34.07
O2 SO4 K . 3.33 -57.39 34.34
O3 SO4 K . 1.67 -56.42 35.77
O4 SO4 K . 1.19 -56.84 33.47
S SO4 L . 3.37 -6.70 12.85
O1 SO4 L . 3.23 -5.59 11.90
O2 SO4 L . 4.40 -7.63 12.37
O3 SO4 L . 3.74 -6.17 14.16
O4 SO4 L . 2.09 -7.41 12.96
C ACT M . -6.99 -6.40 20.29
O ACT M . -7.14 -7.37 21.06
OXT ACT M . -6.14 -5.54 20.65
CH3 ACT M . -7.78 -6.27 19.01
C1 EDO N . 6.06 -4.45 46.87
O1 EDO N . 6.77 -4.97 48.00
C2 EDO N . 5.20 -3.23 47.23
O2 EDO N . 5.27 -2.93 48.63
C1 EDO O . 6.51 -26.19 5.43
O1 EDO O . 6.80 -26.09 6.84
C2 EDO O . 5.06 -26.64 5.21
O2 EDO O . 4.61 -27.45 6.27
C1 EDO P . -7.39 -48.04 44.14
O1 EDO P . -6.41 -47.20 43.54
C2 EDO P . -8.29 -48.72 43.11
O2 EDO P . -8.11 -48.17 41.79
C1 EDO Q . -39.29 -45.40 4.55
O1 EDO Q . -37.90 -44.87 4.58
C2 EDO Q . -39.81 -45.45 3.06
O2 EDO Q . -41.14 -46.10 3.02
ZN ZN R . 6.57 -40.54 0.81
ZN ZN S . 8.34 -17.68 14.04
S SO4 T . -17.39 38.44 -35.05
O1 SO4 T . -18.52 38.25 -34.13
O2 SO4 T . -16.27 39.18 -34.42
O3 SO4 T . -17.90 39.14 -36.23
O4 SO4 T . -16.93 37.11 -35.48
S SO4 U . 33.63 27.97 -28.42
O1 SO4 U . 33.10 28.67 -29.59
O2 SO4 U . 32.54 27.25 -27.77
O3 SO4 U . 34.24 28.93 -27.50
O4 SO4 U . 34.63 27.00 -28.85
C1 EDO V . -27.58 38.71 -4.27
O1 EDO V . -28.63 39.17 -5.12
C2 EDO V . -26.81 39.86 -3.62
O2 EDO V . -26.96 39.83 -2.19
C1 EDO W . -7.98 13.58 -20.15
O1 EDO W . -7.30 14.70 -19.55
C2 EDO W . -9.46 13.90 -20.26
O2 EDO W . -10.21 12.73 -20.60
C1 EDO X . -12.51 53.28 -48.39
O1 EDO X . -12.25 53.12 -46.99
C2 EDO X . -13.71 52.48 -48.83
O2 EDO X . -14.91 53.04 -48.33
C1 EDO Y . -24.50 11.88 -4.82
O1 EDO Y . -23.24 12.48 -4.50
C2 EDO Y . -25.55 12.97 -5.02
O2 EDO Y . -26.25 12.87 -6.26
C1 EDO Z . -15.30 13.98 -4.58
O1 EDO Z . -15.73 12.88 -5.40
C2 EDO Z . -14.00 13.65 -3.82
O2 EDO Z . -13.19 12.71 -4.54
ZN ZN AA . 2.07 12.28 -25.85
ZN ZN BA . -13.01 16.43 -44.49
ZN ZN CA . -8.86 39.10 -0.68
S SO4 DA . 45.84 31.21 4.54
O1 SO4 DA . 45.91 29.94 3.80
O2 SO4 DA . 46.20 32.32 3.64
O3 SO4 DA . 46.75 31.20 5.70
O4 SO4 DA . 44.47 31.46 4.99
S SO4 EA . 42.28 19.69 -18.28
O1 SO4 EA . 43.62 20.29 -18.14
O2 SO4 EA . 41.66 20.14 -19.53
O3 SO4 EA . 41.43 20.11 -17.17
O4 SO4 EA . 42.35 18.22 -18.29
S SO4 FA . 7.53 28.09 -0.50
O1 SO4 FA . 8.83 28.71 -0.22
O2 SO4 FA . 7.73 26.79 -1.15
O3 SO4 FA . 6.79 27.88 0.75
O4 SO4 FA . 6.75 28.95 -1.39
C ACT GA . 0.40 5.83 11.68
O ACT GA . -0.27 6.41 12.55
OXT ACT GA . 1.65 5.81 11.85
CH3 ACT GA . -0.24 5.19 10.49
C1 EDO HA . 3.07 32.10 -2.95
O1 EDO HA . 3.81 33.25 -3.35
C2 EDO HA . 2.49 31.42 -4.18
O2 EDO HA . 1.04 31.55 -4.25
ZN ZN IA . 37.53 3.42 8.87
ZN ZN JA . 42.03 23.84 -6.10
ZN ZN KA . 13.49 11.20 3.31
ZN ZN LA . 56.60 18.93 23.10
S SO4 MA . -49.88 -25.76 3.00
O1 SO4 MA . -49.15 -25.57 1.74
O2 SO4 MA . -48.96 -25.56 4.12
O3 SO4 MA . -50.42 -27.13 3.06
O4 SO4 MA . -50.97 -24.79 3.08
S SO4 NA . -13.69 9.73 19.03
O1 SO4 NA . -13.32 10.76 18.05
O2 SO4 NA . -13.20 8.43 18.55
O3 SO4 NA . -13.06 10.03 20.32
O4 SO4 NA . -15.15 9.68 19.17
S SO4 OA . -21.90 -14.53 11.54
O1 SO4 OA . -21.54 -15.06 10.23
O2 SO4 OA . -21.74 -15.58 12.56
O3 SO4 OA . -21.01 -13.41 11.86
O4 SO4 OA . -23.28 -14.06 11.53
C ACT PA . -8.51 9.45 7.31
O ACT PA . -9.00 10.59 7.47
OXT ACT PA . -9.15 8.66 6.57
CH3 ACT PA . -7.22 9.06 7.96
C ACT QA . -42.17 -2.35 25.77
O ACT QA . -42.08 -2.65 26.98
OXT ACT QA . -41.62 -1.28 25.43
CH3 ACT QA . -42.88 -3.23 24.77
C1 EDO RA . -13.57 -6.16 4.00
O1 EDO RA . -12.16 -6.20 3.69
C2 EDO RA . -14.37 -6.27 2.72
O2 EDO RA . -15.56 -5.47 2.84
ZN ZN SA . -17.78 -13.78 19.27
ZN ZN TA . -37.20 -30.19 -1.47
#